data_5YG2
#
_entry.id   5YG2
#
_cell.length_a   101.644
_cell.length_b   58.682
_cell.length_c   234.758
_cell.angle_alpha   90.000
_cell.angle_beta   90.010
_cell.angle_gamma   90.000
#
_symmetry.space_group_name_H-M   'C 1 2 1'
#
loop_
_entity.id
_entity.type
_entity.pdbx_description
1 polymer 'Serine hydroxymethyltransferase'
2 non-polymer N-GLYCINE-[3-HYDROXY-2-METHYL-5-PHOSPHONOOXYMETHYL-PYRIDIN-4-YL-METHANE]
3 non-polymer '3-[1-[3-[(4~{S})-6-azanyl-5-cyano-3-methyl-4-propan-2-yl-2~{H}-pyrano[2,3-c]pyrazol-4-yl]-5-fluoranyl-phenyl]piperidin-4-yl]propanoic acid'
4 non-polymer 'CHLORIDE ION'
5 water water
#
_entity_poly.entity_id   1
_entity_poly.type   'polypeptide(L)'
_entity_poly.pdbx_seq_one_letter_code
;MFNNEPLEQIDKELHDILADEEKRQRETINLIASENLTNGAVRECLGNRVSNKYSEGYPKKRYYGGNDFIDKIEELCQKR
ALEAFNVSDEEWGVNVQPLSGSAANVQALYALVGVKGKIMGMHLCSGGHLTHGFFDEKKKVSITSDMFESKLYKCNSQGY
VDLDAVREMALSFKPKVIICGYTSYPRDIDYQQFRQICDEVNAYLFADISHISSFVACNILNNPFLHADVVTTTTHKILR
GPRSALIFFNKKRNPGIEQKINSAVFPSFQGGPHNNKIAAVACQLKEVHSPAFKEYTQQVLLNSKALAKALISKQIDLVT
NGTDNHLIVVDLRKFSITGSKLQETCNAINVSLNKNTIPSDVDCVSPSGVRIGTPAMTTRGAKEKDMEFIADVLARAIKI
TVDLQEQYGKKLVDFKKGLPGNAQLQQLKQEVVTWAGALPFP
;
_entity_poly.pdbx_strand_id   A,B,C
#
# COMPACT_ATOMS: atom_id res chain seq x y z
N MET A 1 8.06 -19.16 16.47
CA MET A 1 7.88 -19.63 15.05
C MET A 1 9.03 -19.23 14.11
N PHE A 2 10.22 -19.75 14.40
CA PHE A 2 11.43 -19.42 13.61
C PHE A 2 12.42 -20.57 13.66
N ASN A 3 13.31 -20.62 12.67
CA ASN A 3 14.41 -21.60 12.65
C ASN A 3 15.72 -21.04 13.21
N ASN A 4 16.17 -21.57 14.35
CA ASN A 4 17.39 -21.09 15.00
C ASN A 4 18.62 -22.01 14.82
N GLU A 5 18.55 -22.97 13.89
CA GLU A 5 19.72 -23.73 13.45
C GLU A 5 20.88 -22.79 13.01
N PRO A 6 22.15 -23.09 13.43
CA PRO A 6 23.31 -22.30 12.97
C PRO A 6 23.47 -22.23 11.46
N LEU A 7 24.24 -21.23 11.01
CA LEU A 7 24.43 -20.90 9.58
C LEU A 7 24.82 -22.14 8.75
N GLU A 8 25.78 -22.90 9.29
CA GLU A 8 26.26 -24.12 8.65
C GLU A 8 25.14 -25.10 8.32
N GLN A 9 24.25 -25.32 9.29
CA GLN A 9 23.10 -26.21 9.10
C GLN A 9 22.00 -25.59 8.26
N ILE A 10 21.48 -24.42 8.68
CA ILE A 10 20.41 -23.70 7.94
C ILE A 10 20.72 -23.52 6.46
N ASP A 11 21.96 -23.14 6.15
CA ASP A 11 22.35 -22.88 4.77
C ASP A 11 23.80 -23.26 4.56
N LYS A 12 24.01 -24.53 4.22
CA LYS A 12 25.33 -25.06 3.90
C LYS A 12 25.89 -24.45 2.61
N GLU A 13 25.05 -24.24 1.60
CA GLU A 13 25.50 -23.61 0.33
C GLU A 13 26.21 -22.25 0.52
N LEU A 14 25.51 -21.31 1.17
CA LEU A 14 26.08 -19.97 1.48
C LEU A 14 27.31 -20.06 2.37
N HIS A 15 27.29 -20.98 3.33
CA HIS A 15 28.32 -21.05 4.36
C HIS A 15 29.65 -21.47 3.80
N ASP A 16 29.62 -22.27 2.73
CA ASP A 16 30.84 -22.73 2.07
C ASP A 16 31.51 -21.60 1.33
N ILE A 17 30.70 -20.81 0.61
CA ILE A 17 31.18 -19.66 -0.14
C ILE A 17 31.85 -18.70 0.84
N LEU A 18 31.23 -18.48 2.00
CA LEU A 18 31.78 -17.59 3.03
C LEU A 18 33.06 -18.13 3.67
N ALA A 19 33.15 -19.43 3.87
CA ALA A 19 34.41 -20.03 4.35
C ALA A 19 35.48 -19.93 3.27
N ASP A 20 35.07 -20.04 2.01
CA ASP A 20 36.00 -19.86 0.88
C ASP A 20 36.52 -18.42 0.83
N GLU A 21 35.59 -17.46 0.87
CA GLU A 21 35.91 -16.00 0.94
C GLU A 21 36.94 -15.71 2.03
N GLU A 22 36.73 -16.26 3.22
CA GLU A 22 37.61 -16.09 4.38
C GLU A 22 39.03 -16.61 4.12
N LYS A 23 39.11 -17.79 3.49
CA LYS A 23 40.38 -18.39 3.09
C LYS A 23 41.07 -17.51 2.00
N ARG A 24 40.34 -17.02 1.01
CA ARG A 24 40.93 -16.11 0.01
C ARG A 24 41.45 -14.78 0.65
N GLN A 25 40.76 -14.23 1.63
CA GLN A 25 41.24 -13.02 2.34
C GLN A 25 42.51 -13.31 3.15
N ARG A 26 42.54 -14.49 3.73
CA ARG A 26 43.64 -14.95 4.55
C ARG A 26 44.92 -15.18 3.73
N GLU A 27 44.77 -15.48 2.45
CA GLU A 27 45.87 -15.92 1.59
C GLU A 27 46.15 -14.92 0.48
N THR A 28 45.85 -13.65 0.74
CA THR A 28 45.92 -12.59 -0.26
C THR A 28 46.84 -11.49 0.28
N ILE A 29 47.70 -10.95 -0.57
CA ILE A 29 48.37 -9.68 -0.29
C ILE A 29 47.37 -8.61 -0.73
N ASN A 30 46.62 -8.07 0.22
CA ASN A 30 45.57 -7.09 -0.08
C ASN A 30 46.19 -5.69 -0.13
N LEU A 31 46.30 -5.11 -1.32
CA LEU A 31 46.84 -3.75 -1.46
C LEU A 31 45.75 -2.77 -1.89
N ILE A 32 44.47 -3.10 -1.69
CA ILE A 32 43.40 -2.14 -2.05
C ILE A 32 43.48 -0.98 -1.05
N ALA A 33 43.66 0.22 -1.55
CA ALA A 33 43.99 1.33 -0.67
C ALA A 33 42.82 1.62 0.27
N SER A 34 41.61 1.37 -0.21
CA SER A 34 40.38 1.55 0.55
C SER A 34 39.91 0.38 1.41
N GLU A 35 40.68 -0.70 1.56
CA GLU A 35 40.21 -1.84 2.35
C GLU A 35 41.00 -2.02 3.62
N ASN A 36 40.39 -2.71 4.56
CA ASN A 36 41.03 -3.05 5.85
C ASN A 36 40.42 -4.34 6.39
N LEU A 37 40.75 -4.70 7.62
CA LEU A 37 40.19 -5.88 8.26
C LEU A 37 39.68 -5.51 9.63
N THR A 38 38.37 -5.70 9.82
CA THR A 38 37.69 -5.44 11.08
C THR A 38 38.04 -6.49 12.12
N ASN A 39 38.24 -6.07 13.36
CA ASN A 39 38.44 -7.03 14.48
C ASN A 39 37.14 -7.76 14.86
N GLY A 40 37.24 -8.68 15.81
CA GLY A 40 36.09 -9.42 16.30
C GLY A 40 35.02 -8.55 17.00
N ALA A 41 35.45 -7.53 17.73
CA ALA A 41 34.52 -6.67 18.46
C ALA A 41 33.59 -5.89 17.56
N VAL A 42 34.14 -5.33 16.49
CA VAL A 42 33.37 -4.62 15.49
C VAL A 42 32.38 -5.56 14.81
N ARG A 43 32.84 -6.74 14.42
CA ARG A 43 31.96 -7.75 13.83
C ARG A 43 30.90 -8.36 14.80
N GLU A 44 31.18 -8.41 16.10
CA GLU A 44 30.14 -8.71 17.12
C GLU A 44 29.01 -7.67 17.18
N CYS A 45 29.37 -6.39 17.04
CA CYS A 45 28.39 -5.30 16.98
C CYS A 45 27.50 -5.39 15.77
N LEU A 46 28.09 -5.70 14.62
CA LEU A 46 27.34 -5.78 13.37
C LEU A 46 26.31 -6.89 13.37
N GLY A 47 26.56 -7.98 14.11
CA GLY A 47 25.59 -9.07 14.27
C GLY A 47 24.73 -9.01 15.52
N ASN A 48 24.64 -7.84 16.15
CA ASN A 48 23.90 -7.68 17.39
C ASN A 48 22.46 -7.35 17.08
N ARG A 49 21.54 -7.82 17.93
CA ARG A 49 20.08 -7.60 17.77
C ARG A 49 19.64 -6.13 17.82
N VAL A 50 20.53 -5.24 18.19
CA VAL A 50 20.25 -3.80 18.07
C VAL A 50 19.71 -3.37 16.66
N SER A 51 20.04 -4.13 15.60
CA SER A 51 19.49 -3.90 14.24
C SER A 51 18.01 -4.29 14.05
N ASN A 52 17.41 -4.92 15.07
CA ASN A 52 15.95 -5.11 15.12
C ASN A 52 15.14 -3.83 15.36
N LYS A 53 15.76 -2.77 15.85
CA LYS A 53 15.04 -1.59 16.27
C LYS A 53 14.93 -0.49 15.23
N TYR A 54 13.69 -0.09 14.94
CA TYR A 54 13.37 1.09 14.14
C TYR A 54 13.50 2.32 15.06
N SER A 55 14.32 3.27 14.69
CA SER A 55 14.55 4.46 15.52
C SER A 55 14.73 5.73 14.70
N GLU A 56 13.78 5.97 13.80
CA GLU A 56 13.77 7.19 12.98
C GLU A 56 13.81 8.49 13.75
N GLY A 57 14.58 9.44 13.26
CA GLY A 57 14.80 10.71 13.94
C GLY A 57 16.15 10.75 14.62
N TYR A 58 16.22 11.46 15.75
CA TYR A 58 17.49 11.69 16.48
C TYR A 58 17.30 11.41 17.97
N PRO A 59 18.41 11.24 18.73
CA PRO A 59 18.25 10.85 20.14
C PRO A 59 17.32 11.80 20.92
N LYS A 60 16.42 11.19 21.69
CA LYS A 60 15.34 11.86 22.43
C LYS A 60 14.17 12.20 21.52
N LYS A 61 14.43 12.94 20.45
CA LYS A 61 13.41 13.36 19.48
C LYS A 61 13.13 12.25 18.44
N ARG A 62 12.89 11.04 18.94
CA ARG A 62 12.62 9.91 18.09
C ARG A 62 11.17 10.01 17.77
N TYR A 63 10.72 9.19 16.82
CA TYR A 63 9.31 9.10 16.53
C TYR A 63 8.72 8.10 17.48
N TYR A 64 9.47 7.04 17.78
CA TYR A 64 9.01 6.04 18.76
C TYR A 64 9.79 6.14 20.05
N GLY A 65 9.19 5.61 21.12
CA GLY A 65 9.91 5.33 22.36
C GLY A 65 10.53 3.94 22.26
N GLY A 66 10.96 3.41 23.40
CA GLY A 66 11.60 2.11 23.46
C GLY A 66 13.02 2.21 22.92
N ASN A 67 13.52 3.45 22.85
CA ASN A 67 14.73 3.81 22.16
C ASN A 67 15.72 4.42 23.16
N ASP A 68 15.58 4.06 24.44
CA ASP A 68 16.44 4.62 25.48
C ASP A 68 17.87 4.09 25.33
N PHE A 69 17.99 2.78 25.15
CA PHE A 69 19.29 2.17 24.94
C PHE A 69 19.91 2.53 23.58
N ILE A 70 19.07 2.66 22.54
CA ILE A 70 19.50 3.17 21.21
C ILE A 70 19.96 4.63 21.28
N ASP A 71 19.32 5.44 22.13
CA ASP A 71 19.78 6.84 22.31
C ASP A 71 21.14 6.95 22.97
N LYS A 72 21.44 6.08 23.92
CA LYS A 72 22.78 6.09 24.56
C LYS A 72 23.87 5.68 23.56
N ILE A 73 23.62 4.58 22.84
CA ILE A 73 24.53 4.13 21.78
C ILE A 73 24.80 5.25 20.80
N GLU A 74 23.75 5.84 20.23
CA GLU A 74 23.94 6.91 19.23
C GLU A 74 24.62 8.14 19.82
N GLU A 75 24.36 8.47 21.10
CA GLU A 75 25.07 9.62 21.76
C GLU A 75 26.52 9.29 22.12
N LEU A 76 26.76 8.07 22.56
CA LEU A 76 28.13 7.55 22.76
C LEU A 76 28.98 7.52 21.48
N CYS A 77 28.34 7.34 20.30
CA CYS A 77 29.05 7.31 19.00
C CYS A 77 29.44 8.71 18.59
N GLN A 78 28.50 9.64 18.71
CA GLN A 78 28.71 11.07 18.40
C GLN A 78 29.86 11.68 19.22
N LYS A 79 29.83 11.41 20.53
CA LYS A 79 30.85 11.88 21.50
C LYS A 79 32.23 11.32 21.12
N ARG A 80 32.33 9.99 21.06
CA ARG A 80 33.58 9.32 20.68
C ARG A 80 34.12 9.76 19.31
N ALA A 81 33.24 10.23 18.43
CA ALA A 81 33.63 10.72 17.09
C ALA A 81 34.28 12.10 17.11
N LEU A 82 33.69 12.98 17.90
CA LEU A 82 34.21 14.32 18.12
C LEU A 82 35.53 14.28 18.90
N GLU A 83 35.63 13.39 19.88
CA GLU A 83 36.86 13.19 20.63
C GLU A 83 37.97 12.69 19.69
N ALA A 84 37.64 11.74 18.81
CA ALA A 84 38.64 11.09 17.98
C ALA A 84 39.30 12.09 17.04
N PHE A 85 38.51 12.99 16.46
CA PHE A 85 39.04 13.99 15.53
C PHE A 85 39.39 15.35 16.18
N ASN A 86 39.54 15.36 17.50
CA ASN A 86 40.06 16.50 18.24
C ASN A 86 39.27 17.77 17.95
N VAL A 87 37.97 17.68 18.19
CA VAL A 87 37.06 18.81 18.01
C VAL A 87 36.19 18.94 19.25
N SER A 88 35.79 20.18 19.54
CA SER A 88 34.96 20.49 20.70
C SER A 88 33.50 20.32 20.32
N ASP A 89 32.73 19.59 21.14
CA ASP A 89 31.28 19.46 20.92
C ASP A 89 30.47 20.77 21.01
N GLU A 90 31.11 21.83 21.49
CA GLU A 90 30.52 23.16 21.52
C GLU A 90 30.67 23.78 20.14
N GLU A 91 31.80 23.52 19.47
CA GLU A 91 32.15 24.09 18.13
C GLU A 91 31.79 23.19 16.90
N TRP A 92 31.81 21.88 17.08
CA TRP A 92 31.58 20.94 15.96
C TRP A 92 30.44 20.01 16.28
N GLY A 93 29.67 19.69 15.26
CA GLY A 93 28.68 18.61 15.35
C GLY A 93 28.94 17.47 14.38
N VAL A 94 28.42 16.29 14.75
CA VAL A 94 28.53 15.09 13.94
C VAL A 94 27.21 14.33 13.82
N ASN A 95 26.87 13.96 12.59
CA ASN A 95 25.76 13.03 12.31
C ASN A 95 26.32 11.60 11.99
N VAL A 96 25.87 10.60 12.73
CA VAL A 96 26.41 9.24 12.66
C VAL A 96 25.48 8.24 11.94
N GLN A 97 24.44 8.75 11.27
CA GLN A 97 23.44 7.89 10.63
C GLN A 97 23.67 7.54 9.15
N PRO A 98 24.47 8.33 8.37
CA PRO A 98 24.67 7.94 6.97
C PRO A 98 25.15 6.50 6.73
N LEU A 99 24.45 5.77 5.87
CA LEU A 99 24.73 4.35 5.68
C LEU A 99 26.08 4.05 5.02
N SER A 100 26.62 4.99 4.28
CA SER A 100 27.91 4.82 3.60
C SER A 100 28.44 6.15 3.05
N GLY A 101 29.69 6.12 2.58
CA GLY A 101 30.37 7.29 2.11
C GLY A 101 29.67 8.12 1.05
N SER A 102 29.12 7.43 0.07
CA SER A 102 28.46 8.11 -1.04
C SER A 102 27.16 8.80 -0.56
N ALA A 103 26.39 8.13 0.28
CA ALA A 103 25.18 8.70 0.86
C ALA A 103 25.51 9.96 1.69
N ALA A 104 26.46 9.82 2.60
CA ALA A 104 26.98 10.89 3.44
C ALA A 104 27.31 12.13 2.64
N ASN A 105 28.00 11.96 1.51
CA ASN A 105 28.37 13.09 0.66
C ASN A 105 27.19 13.72 -0.07
N VAL A 106 26.27 12.90 -0.60
CA VAL A 106 25.11 13.45 -1.33
C VAL A 106 24.18 14.25 -0.40
N GLN A 107 24.02 13.75 0.82
CA GLN A 107 23.21 14.36 1.84
C GLN A 107 23.82 15.70 2.24
N ALA A 108 25.09 15.66 2.63
CA ALA A 108 25.81 16.88 3.03
C ALA A 108 25.82 17.96 1.96
N LEU A 109 26.00 17.56 0.69
CA LEU A 109 26.03 18.51 -0.39
C LEU A 109 24.65 19.13 -0.55
N TYR A 110 23.63 18.30 -0.48
CA TYR A 110 22.26 18.78 -0.61
C TYR A 110 21.92 19.80 0.50
N ALA A 111 22.26 19.49 1.75
CA ALA A 111 22.11 20.43 2.87
C ALA A 111 22.65 21.83 2.54
N LEU A 112 23.84 21.87 1.93
CA LEU A 112 24.59 23.10 1.68
C LEU A 112 24.07 23.90 0.50
N VAL A 113 23.76 23.23 -0.60
CA VAL A 113 23.38 23.92 -1.84
C VAL A 113 21.99 23.62 -2.40
N GLY A 114 21.36 22.51 -1.98
CA GLY A 114 20.05 22.15 -2.50
C GLY A 114 20.07 21.73 -3.95
N VAL A 115 18.90 21.37 -4.48
CA VAL A 115 18.79 20.98 -5.88
C VAL A 115 19.13 22.19 -6.74
N LYS A 116 19.71 21.91 -7.93
CA LYS A 116 20.29 22.91 -8.84
C LYS A 116 21.54 23.61 -8.30
N GLY A 117 21.91 23.43 -7.03
CA GLY A 117 23.08 24.08 -6.47
C GLY A 117 24.37 23.79 -7.21
N LYS A 118 25.33 24.70 -7.07
CA LYS A 118 26.61 24.62 -7.78
C LYS A 118 27.69 24.06 -6.86
N ILE A 119 28.46 23.09 -7.38
CA ILE A 119 29.57 22.48 -6.63
C ILE A 119 30.82 22.30 -7.49
N MET A 120 31.97 22.28 -6.84
CA MET A 120 33.23 22.04 -7.52
C MET A 120 33.94 20.91 -6.82
N GLY A 121 34.49 19.96 -7.59
CA GLY A 121 35.27 18.83 -7.05
C GLY A 121 36.36 18.36 -8.01
N MET A 122 37.23 17.48 -7.55
CA MET A 122 38.30 16.96 -8.41
C MET A 122 37.73 15.97 -9.39
N HIS A 123 38.25 15.97 -10.60
CA HIS A 123 37.82 15.05 -11.64
C HIS A 123 38.14 13.61 -11.19
N LEU A 124 37.32 12.66 -11.62
CA LEU A 124 37.51 11.25 -11.26
C LEU A 124 38.86 10.73 -11.73
N CYS A 125 39.13 10.86 -13.03
CA CYS A 125 40.46 10.62 -13.68
C CYS A 125 41.70 11.24 -13.00
N SER A 126 41.52 12.35 -12.28
CA SER A 126 42.61 13.00 -11.54
C SER A 126 42.66 12.61 -10.07
N GLY A 127 41.73 11.76 -9.63
CA GLY A 127 41.74 11.22 -8.28
C GLY A 127 40.58 11.61 -7.37
N GLY A 128 39.62 12.37 -7.90
CA GLY A 128 38.40 12.68 -7.18
C GLY A 128 37.45 11.49 -7.14
N HIS A 129 36.43 11.59 -6.29
CA HIS A 129 35.42 10.55 -6.18
C HIS A 129 34.26 10.84 -7.10
N LEU A 130 33.52 9.79 -7.42
CA LEU A 130 32.25 9.90 -8.14
C LEU A 130 31.30 10.93 -7.52
N THR A 131 31.14 10.88 -6.19
CA THR A 131 30.25 11.78 -5.47
C THR A 131 30.75 13.22 -5.31
N HIS A 132 31.83 13.58 -6.04
CA HIS A 132 32.36 14.93 -6.08
C HIS A 132 31.96 15.64 -7.36
N GLY A 133 30.88 15.20 -7.99
CA GLY A 133 30.38 15.83 -9.18
C GLY A 133 30.67 15.10 -10.48
N PHE A 134 31.13 13.86 -10.43
CA PHE A 134 31.59 13.23 -11.64
C PHE A 134 30.54 13.12 -12.74
N PHE A 135 30.88 13.67 -13.92
CA PHE A 135 30.16 13.38 -15.16
C PHE A 135 31.16 13.19 -16.29
N ASP A 136 30.63 12.94 -17.49
CA ASP A 136 31.44 12.87 -18.72
C ASP A 136 30.54 13.27 -19.91
N GLU A 137 31.14 13.80 -20.97
CA GLU A 137 30.41 14.28 -22.17
C GLU A 137 29.08 13.53 -22.46
N LYS A 138 29.18 12.20 -22.44
CA LYS A 138 28.04 11.29 -22.70
C LYS A 138 26.94 11.22 -21.62
N LYS A 139 27.31 11.39 -20.34
CA LYS A 139 26.32 11.29 -19.25
C LYS A 139 26.70 11.96 -17.94
N LYS A 140 25.68 12.41 -17.22
CA LYS A 140 25.78 12.77 -15.82
C LYS A 140 25.83 11.47 -15.02
N VAL A 141 27.05 10.95 -14.86
CA VAL A 141 27.31 9.63 -14.27
C VAL A 141 26.94 9.59 -12.78
N SER A 142 27.34 10.59 -12.02
CA SER A 142 26.96 10.65 -10.61
C SER A 142 25.72 11.51 -10.46
N ILE A 143 24.90 11.17 -9.47
CA ILE A 143 23.76 12.02 -9.09
C ILE A 143 24.24 13.42 -8.71
N THR A 144 25.47 13.52 -8.21
CA THR A 144 26.06 14.78 -7.83
C THR A 144 26.32 15.70 -9.02
N SER A 145 26.37 15.15 -10.23
CA SER A 145 26.45 15.99 -11.43
C SER A 145 25.08 16.31 -12.04
N ASP A 146 24.02 15.70 -11.52
CA ASP A 146 22.69 15.83 -12.11
C ASP A 146 21.73 16.63 -11.24
N MET A 147 21.67 16.26 -9.97
CA MET A 147 20.83 16.98 -9.02
C MET A 147 21.51 18.29 -8.61
N PHE A 148 22.81 18.39 -8.88
CA PHE A 148 23.59 19.61 -8.71
C PHE A 148 24.16 20.02 -10.08
N GLU A 149 24.62 21.27 -10.18
CA GLU A 149 25.42 21.72 -11.33
C GLU A 149 26.88 21.63 -10.91
N SER A 150 27.61 20.66 -11.42
CA SER A 150 29.01 20.45 -10.98
C SER A 150 29.99 20.91 -12.05
N LYS A 151 31.13 21.41 -11.59
CA LYS A 151 32.27 21.70 -12.45
C LYS A 151 33.47 21.01 -11.82
N LEU A 152 34.43 20.60 -12.64
CA LEU A 152 35.46 19.67 -12.20
C LEU A 152 36.84 20.23 -12.46
N TYR A 153 37.71 20.19 -11.45
CA TYR A 153 39.10 20.66 -11.62
C TYR A 153 40.08 19.49 -11.74
N LYS A 154 41.14 19.72 -12.51
CA LYS A 154 42.16 18.70 -12.78
C LYS A 154 43.44 18.97 -12.01
N CYS A 155 44.22 17.91 -11.84
CA CYS A 155 45.57 17.99 -11.31
C CYS A 155 46.44 18.35 -12.49
N ASN A 156 47.65 18.83 -12.22
CA ASN A 156 48.63 19.11 -13.30
C ASN A 156 49.28 17.84 -13.83
N SER A 157 50.10 17.97 -14.88
CA SER A 157 50.74 16.80 -15.50
C SER A 157 51.69 15.99 -14.55
N GLN A 158 52.01 16.53 -13.37
CA GLN A 158 52.79 15.81 -12.34
C GLN A 158 51.97 15.15 -11.24
N GLY A 159 50.64 15.21 -11.34
CA GLY A 159 49.74 14.59 -10.32
C GLY A 159 49.29 15.46 -9.15
N TYR A 160 49.78 16.69 -9.07
CA TYR A 160 49.44 17.61 -7.98
C TYR A 160 48.19 18.43 -8.30
N VAL A 161 47.37 18.69 -7.27
CA VAL A 161 46.25 19.65 -7.34
C VAL A 161 46.79 21.01 -7.82
N ASP A 162 46.16 21.57 -8.85
CA ASP A 162 46.59 22.87 -9.40
C ASP A 162 45.68 24.00 -8.89
N LEU A 163 46.12 24.65 -7.80
CA LEU A 163 45.33 25.70 -7.14
C LEU A 163 45.07 26.95 -7.96
N ASP A 164 45.99 27.27 -8.87
CA ASP A 164 45.78 28.38 -9.81
C ASP A 164 44.56 28.12 -10.72
N ALA A 165 44.36 26.86 -11.10
CA ALA A 165 43.18 26.44 -11.87
C ALA A 165 41.91 26.43 -11.04
N VAL A 166 42.02 26.01 -9.77
CA VAL A 166 40.86 26.00 -8.85
C VAL A 166 40.26 27.40 -8.70
N ARG A 167 41.14 28.39 -8.49
CA ARG A 167 40.78 29.82 -8.39
C ARG A 167 40.18 30.33 -9.71
N GLU A 168 40.87 30.08 -10.82
CA GLU A 168 40.39 30.43 -12.17
C GLU A 168 38.96 29.92 -12.39
N MET A 169 38.71 28.70 -11.92
CA MET A 169 37.41 28.06 -12.05
C MET A 169 36.44 28.65 -11.02
N ALA A 170 36.82 28.66 -9.75
CA ALA A 170 35.94 29.18 -8.69
C ALA A 170 35.46 30.63 -8.95
N LEU A 171 36.37 31.49 -9.41
CA LEU A 171 36.04 32.89 -9.72
C LEU A 171 35.00 33.04 -10.82
N SER A 172 35.16 32.28 -11.91
CA SER A 172 34.20 32.35 -13.02
C SER A 172 32.93 31.52 -12.78
N PHE A 173 33.07 30.36 -12.15
CA PHE A 173 31.95 29.41 -11.95
C PHE A 173 31.04 29.76 -10.75
N LYS A 174 31.62 30.33 -9.70
CA LYS A 174 30.87 30.84 -8.53
C LYS A 174 30.09 29.72 -7.80
N PRO A 175 30.78 28.64 -7.40
CA PRO A 175 30.08 27.55 -6.72
C PRO A 175 29.73 27.91 -5.30
N LYS A 176 28.68 27.31 -4.76
CA LYS A 176 28.43 27.40 -3.33
C LYS A 176 29.29 26.42 -2.52
N VAL A 177 29.82 25.34 -3.12
CA VAL A 177 30.71 24.39 -2.37
C VAL A 177 31.92 23.97 -3.21
N ILE A 178 33.08 23.83 -2.56
CA ILE A 178 34.27 23.29 -3.23
C ILE A 178 34.73 22.10 -2.43
N ILE A 179 34.89 20.98 -3.12
CA ILE A 179 35.20 19.72 -2.47
C ILE A 179 36.70 19.44 -2.59
N CYS A 180 37.32 19.10 -1.46
CA CYS A 180 38.68 18.56 -1.49
C CYS A 180 38.74 17.35 -0.58
N GLY A 181 39.87 16.65 -0.65
CA GLY A 181 40.02 15.28 -0.05
C GLY A 181 39.51 14.25 -1.06
N TYR A 182 40.32 13.21 -1.36
CA TYR A 182 40.18 12.49 -2.63
C TYR A 182 40.24 10.97 -2.55
N THR A 183 40.07 10.28 -3.66
CA THR A 183 40.06 8.80 -3.63
C THR A 183 41.41 8.19 -3.99
N SER A 184 42.13 8.76 -4.93
CA SER A 184 43.49 8.28 -5.23
C SER A 184 44.40 9.47 -5.42
N TYR A 185 44.70 10.11 -4.29
CA TYR A 185 45.61 11.24 -4.25
C TYR A 185 46.72 10.90 -3.26
N PRO A 186 47.96 10.76 -3.77
CA PRO A 186 49.05 10.28 -2.95
C PRO A 186 49.71 11.34 -2.07
N ARG A 187 49.30 12.61 -2.18
CA ARG A 187 49.87 13.69 -1.35
C ARG A 187 48.87 14.35 -0.38
N ASP A 188 49.41 15.15 0.54
CA ASP A 188 48.61 15.90 1.50
C ASP A 188 47.93 17.09 0.80
N ILE A 189 46.93 17.64 1.48
CA ILE A 189 46.12 18.71 0.92
C ILE A 189 46.39 20.01 1.68
N ASP A 190 46.50 21.10 0.92
CA ASP A 190 46.64 22.43 1.53
C ASP A 190 45.24 23.03 1.70
N TYR A 191 44.64 22.71 2.84
CA TYR A 191 43.27 23.13 3.16
C TYR A 191 43.20 24.61 3.37
N GLN A 192 44.24 25.17 3.99
CA GLN A 192 44.32 26.62 4.22
C GLN A 192 44.15 27.36 2.90
N GLN A 193 44.89 26.96 1.86
CA GLN A 193 44.71 27.60 0.55
C GLN A 193 43.34 27.33 -0.03
N PHE A 194 42.71 26.21 0.31
CA PHE A 194 41.31 25.99 -0.09
C PHE A 194 40.37 26.97 0.61
N ARG A 195 40.53 27.08 1.92
CA ARG A 195 39.76 28.00 2.78
C ARG A 195 39.85 29.46 2.31
N GLN A 196 41.07 29.87 1.95
CA GLN A 196 41.36 31.17 1.32
C GLN A 196 40.56 31.37 0.02
N ILE A 197 40.45 30.32 -0.80
CA ILE A 197 39.72 30.40 -2.10
C ILE A 197 38.20 30.45 -1.92
N CYS A 198 37.71 29.69 -0.96
CA CYS A 198 36.27 29.63 -0.68
C CYS A 198 35.75 30.99 -0.14
N ASP A 199 36.46 31.54 0.84
CA ASP A 199 36.22 32.91 1.37
C ASP A 199 36.10 33.98 0.28
N GLU A 200 36.99 33.90 -0.70
CA GLU A 200 37.07 34.87 -1.78
C GLU A 200 35.82 34.92 -2.62
N VAL A 201 35.21 33.75 -2.83
CA VAL A 201 34.03 33.64 -3.71
C VAL A 201 32.74 33.41 -2.93
N ASN A 202 32.87 33.09 -1.63
CA ASN A 202 31.78 32.89 -0.64
C ASN A 202 31.22 31.45 -0.56
N ALA A 203 32.00 30.51 -1.11
CA ALA A 203 31.60 29.09 -1.13
C ALA A 203 31.96 28.40 0.18
N TYR A 204 31.28 27.28 0.47
CA TYR A 204 31.64 26.44 1.62
C TYR A 204 32.88 25.58 1.31
N LEU A 205 33.65 25.24 2.35
CA LEU A 205 34.77 24.27 2.23
C LEU A 205 34.34 22.90 2.74
N PHE A 206 34.31 21.95 1.81
CA PHE A 206 33.90 20.56 2.05
C PHE A 206 35.15 19.68 1.96
N ALA A 207 35.52 19.06 3.08
CA ALA A 207 36.65 18.13 3.10
C ALA A 207 36.20 16.66 3.22
N ASP A 208 36.40 15.86 2.17
CA ASP A 208 36.08 14.40 2.23
C ASP A 208 37.36 13.69 2.54
N ILE A 209 37.53 13.25 3.79
CA ILE A 209 38.79 12.70 4.27
C ILE A 209 38.76 11.17 4.50
N SER A 210 37.85 10.48 3.80
CA SER A 210 37.65 9.04 3.89
C SER A 210 38.92 8.21 3.77
N HIS A 211 39.77 8.52 2.81
CA HIS A 211 41.05 7.82 2.64
C HIS A 211 42.14 8.17 3.61
N ILE A 212 42.06 9.34 4.25
CA ILE A 212 43.13 9.81 5.13
C ILE A 212 42.65 10.08 6.57
N SER A 213 41.54 9.45 6.96
CA SER A 213 40.87 9.74 8.24
C SER A 213 41.76 9.53 9.47
N SER A 214 42.43 8.39 9.56
CA SER A 214 43.32 8.07 10.68
C SER A 214 44.49 9.03 10.81
N PHE A 215 44.99 9.51 9.68
CA PHE A 215 46.09 10.46 9.66
C PHE A 215 45.67 11.82 10.23
N VAL A 216 44.44 12.24 9.90
CA VAL A 216 43.90 13.52 10.38
C VAL A 216 43.63 13.38 11.87
N ALA A 217 42.94 12.30 12.23
CA ALA A 217 42.65 11.98 13.61
C ALA A 217 43.89 11.99 14.50
N CYS A 218 44.95 11.31 14.07
CA CYS A 218 46.18 11.19 14.84
C CYS A 218 47.19 12.35 14.65
N ASN A 219 46.82 13.38 13.90
CA ASN A 219 47.66 14.59 13.68
C ASN A 219 49.01 14.32 12.97
N ILE A 220 49.01 13.29 12.12
CA ILE A 220 50.16 12.94 11.30
C ILE A 220 50.13 13.72 9.99
N LEU A 221 48.94 14.10 9.55
CA LEU A 221 48.79 14.96 8.36
C LEU A 221 48.04 16.23 8.72
N ASN A 222 47.91 17.13 7.75
CA ASN A 222 47.18 18.37 7.94
C ASN A 222 45.76 18.16 8.44
N ASN A 223 45.26 19.18 9.15
CA ASN A 223 43.97 19.11 9.80
C ASN A 223 42.95 19.92 9.03
N PRO A 224 42.00 19.25 8.34
CA PRO A 224 41.01 20.03 7.64
C PRO A 224 40.05 20.77 8.59
N PHE A 225 39.92 20.27 9.82
CA PHE A 225 39.02 20.84 10.81
C PHE A 225 39.33 22.30 11.16
N LEU A 226 40.57 22.74 10.93
CA LEU A 226 40.95 24.12 11.15
C LEU A 226 40.35 25.08 10.12
N HIS A 227 40.06 24.58 8.92
CA HIS A 227 39.60 25.40 7.81
C HIS A 227 38.24 25.07 7.20
N ALA A 228 37.68 23.89 7.49
CA ALA A 228 36.52 23.42 6.74
C ALA A 228 35.19 23.69 7.44
N ASP A 229 34.19 24.00 6.65
CA ASP A 229 32.81 24.03 7.12
C ASP A 229 32.20 22.64 7.31
N VAL A 230 32.49 21.71 6.39
CA VAL A 230 32.00 20.33 6.50
C VAL A 230 33.13 19.32 6.26
N VAL A 231 33.20 18.29 7.11
CA VAL A 231 34.10 17.17 6.88
C VAL A 231 33.28 15.89 6.83
N THR A 232 33.44 15.08 5.78
CA THR A 232 32.84 13.74 5.71
C THR A 232 33.90 12.66 5.71
N THR A 233 33.55 11.52 6.25
CA THR A 233 34.44 10.42 6.19
C THR A 233 33.71 9.11 6.34
N THR A 234 34.16 8.14 5.54
CA THR A 234 33.79 6.78 5.75
C THR A 234 34.51 6.28 6.98
N THR A 235 33.96 5.23 7.59
CA THR A 235 34.51 4.58 8.77
C THR A 235 35.21 3.22 8.51
N HIS A 236 35.23 2.75 7.24
CA HIS A 236 35.67 1.36 6.91
C HIS A 236 37.05 1.22 6.28
N LYS A 237 37.66 2.32 5.87
CA LYS A 237 38.97 2.25 5.25
C LYS A 237 40.09 2.27 6.31
N ILE A 238 41.02 3.21 6.22
CA ILE A 238 42.17 3.29 7.15
C ILE A 238 41.74 3.39 8.62
N LEU A 239 40.57 4.02 8.87
CA LEU A 239 39.98 4.08 10.22
C LEU A 239 39.63 2.72 10.82
N ARG A 240 39.37 1.75 9.95
CA ARG A 240 39.22 0.36 10.32
C ARG A 240 37.90 0.09 11.05
N GLY A 241 36.86 0.87 10.74
CA GLY A 241 35.54 0.62 11.32
C GLY A 241 34.66 -0.24 10.44
N PRO A 242 33.35 -0.18 10.69
CA PRO A 242 32.42 -0.87 9.80
C PRO A 242 32.17 -0.06 8.55
N ARG A 243 31.39 -0.62 7.64
CA ARG A 243 30.95 0.16 6.49
C ARG A 243 29.88 1.16 6.95
N SER A 244 30.30 2.41 7.11
CA SER A 244 29.40 3.49 7.47
C SER A 244 30.04 4.84 7.17
N ALA A 245 29.37 5.91 7.55
CA ALA A 245 29.92 7.23 7.35
C ALA A 245 29.52 8.26 8.43
N LEU A 246 30.31 9.32 8.49
CA LEU A 246 30.16 10.41 9.45
C LEU A 246 30.17 11.71 8.70
N ILE A 247 29.27 12.61 9.05
CA ILE A 247 29.29 13.99 8.54
C ILE A 247 29.57 14.93 9.71
N PHE A 248 30.66 15.68 9.61
CA PHE A 248 31.02 16.74 10.57
C PHE A 248 30.67 18.13 10.02
N PHE A 249 30.16 19.00 10.90
CA PHE A 249 29.78 20.36 10.50
C PHE A 249 30.25 21.43 11.54
N ASN A 250 30.70 22.56 11.03
CA ASN A 250 31.31 23.59 11.86
C ASN A 250 30.20 24.55 12.25
N LYS A 251 29.66 24.39 13.45
CA LYS A 251 28.63 25.28 13.96
C LYS A 251 29.05 26.76 14.09
N LYS A 252 30.28 27.01 14.53
CA LYS A 252 30.72 28.40 14.76
C LYS A 252 30.85 29.26 13.52
N ARG A 253 31.34 28.67 12.46
CA ARG A 253 31.44 29.34 11.16
C ARG A 253 30.03 29.45 10.55
N ASN A 254 29.13 28.51 10.89
CA ASN A 254 27.78 28.44 10.28
C ASN A 254 26.68 27.99 11.26
N PRO A 255 26.19 28.91 12.12
CA PRO A 255 25.07 28.50 12.99
C PRO A 255 23.83 28.14 12.18
N GLY A 256 23.09 27.12 12.64
CA GLY A 256 21.98 26.56 11.87
C GLY A 256 22.37 25.52 10.79
N ILE A 257 23.66 25.23 10.63
CA ILE A 257 24.10 24.12 9.79
C ILE A 257 23.69 22.80 10.43
N GLU A 258 23.69 22.73 11.76
CA GLU A 258 23.29 21.51 12.47
C GLU A 258 21.95 20.97 12.02
N GLN A 259 20.97 21.86 11.88
CA GLN A 259 19.64 21.43 11.48
C GLN A 259 19.60 21.06 9.98
N LYS A 260 20.25 21.83 9.12
CA LYS A 260 20.32 21.52 7.69
C LYS A 260 20.90 20.11 7.38
N ILE A 261 21.98 19.75 8.06
CA ILE A 261 22.61 18.46 7.88
C ILE A 261 21.80 17.32 8.45
N ASN A 262 21.27 17.49 9.65
CA ASN A 262 20.47 16.45 10.24
C ASN A 262 19.18 16.18 9.46
N SER A 263 18.61 17.22 8.85
CA SER A 263 17.33 17.10 8.18
C SER A 263 17.56 16.52 6.80
N ALA A 264 18.69 16.87 6.18
CA ALA A 264 19.18 16.26 4.95
C ALA A 264 19.37 14.76 5.08
N VAL A 265 19.95 14.31 6.18
CA VAL A 265 20.13 12.87 6.40
C VAL A 265 18.78 12.21 6.67
N PHE A 266 18.02 12.75 7.62
CA PHE A 266 16.64 12.34 7.84
C PHE A 266 15.79 13.56 8.13
N PRO A 267 14.61 13.71 7.56
CA PRO A 267 13.94 12.76 6.67
C PRO A 267 14.13 12.99 5.16
N SER A 268 15.03 13.87 4.74
CA SER A 268 15.20 14.13 3.32
C SER A 268 15.59 12.85 2.53
N PHE A 269 16.59 12.11 3.00
CA PHE A 269 17.21 10.99 2.24
C PHE A 269 17.00 9.61 2.85
N GLN A 270 17.24 9.46 4.15
CA GLN A 270 17.15 8.16 4.82
C GLN A 270 15.86 8.00 5.64
N GLY A 271 15.63 6.75 6.05
CA GLY A 271 14.58 6.35 6.95
C GLY A 271 15.22 5.94 8.27
N GLY A 272 14.93 4.71 8.69
CA GLY A 272 15.53 4.16 9.91
C GLY A 272 17.04 3.98 9.86
N PRO A 273 17.77 4.47 10.89
CA PRO A 273 19.22 4.22 10.90
C PRO A 273 19.52 2.76 11.14
N HIS A 274 20.77 2.39 10.90
CA HIS A 274 21.20 1.05 11.13
C HIS A 274 22.02 1.02 12.40
N ASN A 275 21.37 0.63 13.49
CA ASN A 275 21.96 0.72 14.82
C ASN A 275 23.07 -0.26 15.05
N ASN A 276 23.08 -1.39 14.35
CA ASN A 276 24.25 -2.27 14.39
C ASN A 276 25.51 -1.58 13.88
N LYS A 277 25.38 -0.81 12.79
CA LYS A 277 26.44 0.04 12.30
C LYS A 277 26.90 1.05 13.32
N ILE A 278 25.95 1.70 13.98
CA ILE A 278 26.25 2.78 14.93
C ILE A 278 26.99 2.21 16.14
N ALA A 279 26.47 1.13 16.70
CA ALA A 279 27.21 0.36 17.69
C ALA A 279 28.62 0.00 17.22
N ALA A 280 28.74 -0.59 16.02
CA ALA A 280 30.06 -0.93 15.50
C ALA A 280 30.93 0.31 15.36
N VAL A 281 30.38 1.42 14.89
CA VAL A 281 31.20 2.62 14.74
C VAL A 281 31.68 3.09 16.12
N ALA A 282 30.82 2.99 17.13
CA ALA A 282 31.17 3.34 18.51
C ALA A 282 32.38 2.55 18.98
N CYS A 283 32.29 1.23 18.88
CA CYS A 283 33.37 0.32 19.25
C CYS A 283 34.73 0.63 18.63
N GLN A 284 34.73 1.07 17.37
CA GLN A 284 36.00 1.36 16.71
C GLN A 284 36.52 2.73 17.09
N LEU A 285 35.64 3.71 17.20
CA LEU A 285 36.06 5.05 17.60
C LEU A 285 36.78 5.09 18.96
N LYS A 286 36.53 4.12 19.84
CA LYS A 286 37.24 4.01 21.11
C LYS A 286 38.67 3.54 20.88
N GLU A 287 38.82 2.54 20.02
CA GLU A 287 40.14 2.11 19.57
C GLU A 287 40.87 3.24 18.86
N VAL A 288 40.19 4.00 18.02
CA VAL A 288 40.85 5.08 17.30
C VAL A 288 41.56 6.01 18.27
N HIS A 289 40.91 6.33 19.39
CA HIS A 289 41.47 7.32 20.35
C HIS A 289 42.52 6.79 21.37
N SER A 290 42.94 5.53 21.24
CA SER A 290 44.03 4.97 22.04
C SER A 290 45.40 5.40 21.48
N PRO A 291 46.47 5.23 22.29
CA PRO A 291 47.82 5.39 21.73
C PRO A 291 48.24 4.22 20.82
N ALA A 292 47.69 3.02 21.07
CA ALA A 292 47.89 1.85 20.20
C ALA A 292 47.57 2.10 18.71
N PHE A 293 46.43 2.77 18.44
CA PHE A 293 45.99 3.02 17.07
C PHE A 293 46.84 4.07 16.37
N LYS A 294 47.34 5.06 17.14
CA LYS A 294 48.31 6.01 16.58
C LYS A 294 49.57 5.25 16.14
N GLU A 295 50.03 4.28 16.94
CA GLU A 295 51.17 3.44 16.56
C GLU A 295 50.87 2.78 15.18
N TYR A 296 49.70 2.13 15.07
CA TYR A 296 49.23 1.50 13.82
C TYR A 296 49.25 2.46 12.61
N THR A 297 48.65 3.64 12.78
CA THR A 297 48.56 4.63 11.71
C THR A 297 49.94 5.08 11.25
N GLN A 298 50.86 5.24 12.21
CA GLN A 298 52.24 5.61 11.91
C GLN A 298 52.91 4.51 11.13
N GLN A 299 52.65 3.26 11.50
CA GLN A 299 53.17 2.13 10.72
C GLN A 299 52.66 2.13 9.27
N VAL A 300 51.42 2.60 9.05
CA VAL A 300 50.82 2.66 7.71
C VAL A 300 51.66 3.57 6.83
N LEU A 301 52.03 4.72 7.39
CA LEU A 301 52.82 5.67 6.65
C LEU A 301 54.25 5.14 6.49
N LEU A 302 54.83 4.55 7.53
CA LEU A 302 56.18 4.01 7.44
C LEU A 302 56.22 2.97 6.31
N ASN A 303 55.27 2.03 6.31
CA ASN A 303 55.14 0.99 5.27
C ASN A 303 54.96 1.56 3.89
N SER A 304 54.15 2.60 3.76
CA SER A 304 53.91 3.21 2.45
C SER A 304 55.12 3.95 1.86
N LYS A 305 55.90 4.57 2.72
CA LYS A 305 57.13 5.26 2.33
C LYS A 305 58.13 4.23 1.86
N ALA A 306 58.27 3.17 2.66
CA ALA A 306 59.17 2.07 2.36
C ALA A 306 58.78 1.36 1.06
N LEU A 307 57.47 1.15 0.87
CA LEU A 307 56.99 0.56 -0.37
C LEU A 307 57.27 1.45 -1.57
N ALA A 308 57.09 2.75 -1.39
CA ALA A 308 57.39 3.74 -2.42
C ALA A 308 58.86 3.69 -2.82
N LYS A 309 59.72 3.72 -1.80
CA LYS A 309 61.17 3.67 -1.97
C LYS A 309 61.64 2.40 -2.69
N ALA A 310 61.08 1.24 -2.31
CA ALA A 310 61.52 -0.04 -2.89
C ALA A 310 61.07 -0.15 -4.36
N LEU A 311 59.88 0.33 -4.68
CA LEU A 311 59.45 0.34 -6.09
C LEU A 311 60.29 1.27 -6.95
N ILE A 312 60.69 2.41 -6.39
CA ILE A 312 61.58 3.33 -7.10
C ILE A 312 62.95 2.69 -7.30
N SER A 313 63.49 2.08 -6.25
CA SER A 313 64.73 1.28 -6.33
C SER A 313 64.73 0.25 -7.47
N LYS A 314 63.56 -0.36 -7.74
CA LYS A 314 63.36 -1.26 -8.90
C LYS A 314 62.89 -0.54 -10.16
N GLN A 315 63.14 0.77 -10.23
CA GLN A 315 62.85 1.60 -11.40
C GLN A 315 61.37 1.65 -11.82
N ILE A 316 60.45 1.46 -10.88
CA ILE A 316 59.02 1.67 -11.15
C ILE A 316 58.70 3.14 -10.84
N ASP A 317 58.04 3.82 -11.78
CA ASP A 317 57.55 5.20 -11.64
C ASP A 317 56.21 5.33 -10.91
N LEU A 318 56.19 6.31 -9.99
CA LEU A 318 55.07 6.59 -9.13
C LEU A 318 54.56 8.00 -9.41
N VAL A 319 53.23 8.17 -9.39
CA VAL A 319 52.64 9.48 -9.62
C VAL A 319 53.05 10.38 -8.44
N THR A 320 53.49 11.58 -8.79
CA THR A 320 54.17 12.52 -7.88
C THR A 320 55.51 12.01 -7.32
N ASN A 321 56.06 10.94 -7.90
CA ASN A 321 57.29 10.27 -7.45
C ASN A 321 57.36 9.89 -6.00
N GLY A 322 56.21 9.72 -5.36
CA GLY A 322 56.20 9.39 -3.94
C GLY A 322 54.83 9.48 -3.36
N THR A 323 54.80 9.47 -2.03
CA THR A 323 53.57 9.50 -1.27
C THR A 323 53.78 10.23 0.08
N ASP A 324 52.76 10.97 0.52
CA ASP A 324 52.73 11.53 1.88
C ASP A 324 51.75 10.80 2.75
N ASN A 325 51.12 9.76 2.21
CA ASN A 325 50.10 9.04 2.92
C ASN A 325 50.23 7.52 2.68
N HIS A 326 49.12 6.82 2.88
CA HIS A 326 48.95 5.36 2.79
C HIS A 326 48.95 4.76 1.38
N LEU A 327 48.88 5.58 0.35
CA LEU A 327 48.65 5.10 -0.98
C LEU A 327 49.67 5.58 -2.00
N ILE A 328 49.89 4.71 -2.97
CA ILE A 328 50.78 4.99 -4.08
C ILE A 328 49.98 4.77 -5.33
N VAL A 329 50.29 5.53 -6.38
CA VAL A 329 49.75 5.27 -7.71
C VAL A 329 50.94 4.94 -8.61
N VAL A 330 50.98 3.74 -9.19
CA VAL A 330 52.09 3.32 -10.07
C VAL A 330 51.75 3.67 -11.51
N ASP A 331 52.64 4.43 -12.15
CA ASP A 331 52.51 4.81 -13.56
C ASP A 331 53.15 3.70 -14.39
N LEU A 332 52.33 2.98 -15.17
CA LEU A 332 52.82 1.81 -15.94
C LEU A 332 53.15 2.09 -17.41
N ARG A 333 53.26 3.35 -17.82
CA ARG A 333 53.47 3.67 -19.25
C ARG A 333 54.77 3.13 -19.84
N LYS A 334 55.84 3.05 -19.05
CA LYS A 334 57.16 2.63 -19.57
C LYS A 334 57.26 1.14 -19.88
N PHE A 335 56.27 0.36 -19.42
CA PHE A 335 56.19 -1.06 -19.70
C PHE A 335 55.17 -1.37 -20.79
N SER A 336 54.45 -0.36 -21.27
CA SER A 336 53.42 -0.52 -22.31
C SER A 336 52.33 -1.55 -21.97
N ILE A 337 52.02 -1.67 -20.67
CA ILE A 337 50.89 -2.46 -20.20
C ILE A 337 49.86 -1.54 -19.53
N THR A 338 48.59 -1.92 -19.59
CA THR A 338 47.52 -1.15 -18.94
C THR A 338 47.36 -1.66 -17.50
N GLY A 339 46.68 -0.86 -16.68
CA GLY A 339 46.41 -1.24 -15.29
C GLY A 339 45.46 -2.42 -15.19
N SER A 340 44.52 -2.51 -16.13
CA SER A 340 43.60 -3.66 -16.18
C SER A 340 44.33 -5.00 -16.30
N LYS A 341 45.35 -5.04 -17.14
CA LYS A 341 46.11 -6.27 -17.37
C LYS A 341 46.87 -6.70 -16.11
N LEU A 342 47.54 -5.76 -15.45
CA LEU A 342 48.24 -6.00 -14.19
C LEU A 342 47.28 -6.35 -13.06
N GLN A 343 46.09 -5.75 -13.06
CA GLN A 343 45.07 -6.14 -12.07
C GLN A 343 44.71 -7.66 -12.21
N GLU A 344 44.60 -8.14 -13.44
CA GLU A 344 44.26 -9.56 -13.69
C GLU A 344 45.41 -10.46 -13.28
N THR A 345 46.61 -10.09 -13.72
CA THR A 345 47.83 -10.79 -13.34
C THR A 345 47.96 -10.87 -11.83
N CYS A 346 47.72 -9.75 -11.15
CA CYS A 346 47.82 -9.72 -9.69
C CYS A 346 46.71 -10.55 -9.05
N ASN A 347 45.49 -10.51 -9.63
CA ASN A 347 44.40 -11.38 -9.14
C ASN A 347 44.83 -12.87 -9.21
N ALA A 348 45.50 -13.29 -10.28
CA ALA A 348 45.97 -14.68 -10.45
C ALA A 348 47.04 -15.11 -9.42
N ILE A 349 47.73 -14.15 -8.81
CA ILE A 349 48.71 -14.47 -7.76
C ILE A 349 48.27 -14.11 -6.35
N ASN A 350 46.96 -13.95 -6.17
CA ASN A 350 46.38 -13.50 -4.91
C ASN A 350 46.91 -12.15 -4.37
N VAL A 351 47.12 -11.23 -5.31
CA VAL A 351 47.50 -9.85 -4.99
C VAL A 351 46.31 -8.97 -5.39
N SER A 352 45.73 -8.31 -4.41
CA SER A 352 44.57 -7.43 -4.65
C SER A 352 44.96 -5.97 -4.79
N LEU A 353 44.71 -5.40 -5.96
CA LEU A 353 44.94 -3.99 -6.20
C LEU A 353 43.91 -3.53 -7.23
N ASN A 354 43.87 -2.25 -7.57
CA ASN A 354 42.95 -1.79 -8.59
C ASN A 354 43.63 -0.96 -9.64
N LYS A 355 43.05 -0.99 -10.82
CA LYS A 355 43.44 -0.15 -11.91
C LYS A 355 43.06 1.30 -11.58
N ASN A 356 43.83 2.24 -12.08
CA ASN A 356 43.68 3.64 -11.66
C ASN A 356 44.26 4.54 -12.71
N THR A 357 43.55 5.61 -13.02
CA THR A 357 44.03 6.62 -13.96
C THR A 357 45.30 7.34 -13.49
N ILE A 358 45.99 7.96 -14.44
CA ILE A 358 47.13 8.82 -14.17
C ILE A 358 46.90 10.11 -14.96
N PRO A 359 47.61 11.22 -14.61
CA PRO A 359 47.40 12.53 -15.27
C PRO A 359 47.33 12.48 -16.79
N SER A 360 48.21 11.70 -17.40
CA SER A 360 48.27 11.58 -18.87
C SER A 360 47.01 10.98 -19.52
N ASP A 361 46.22 10.20 -18.78
CA ASP A 361 45.01 9.57 -19.34
C ASP A 361 43.94 10.62 -19.58
N VAL A 362 43.69 10.90 -20.85
CA VAL A 362 42.63 11.81 -21.32
C VAL A 362 41.28 11.30 -20.81
N ASP A 363 41.01 10.03 -21.11
CA ASP A 363 39.77 9.34 -20.73
C ASP A 363 39.97 8.50 -19.46
N CYS A 364 38.87 8.05 -18.88
CA CYS A 364 38.88 7.00 -17.83
C CYS A 364 38.81 5.57 -18.44
N VAL A 365 38.87 5.48 -19.77
CA VAL A 365 38.86 4.25 -20.54
C VAL A 365 40.32 3.84 -20.69
N SER A 366 40.66 2.62 -20.30
CA SER A 366 42.04 2.15 -20.41
C SER A 366 43.01 2.97 -19.49
N PRO A 367 42.84 2.89 -18.15
CA PRO A 367 43.75 3.64 -17.26
C PRO A 367 45.16 3.04 -17.20
N SER A 368 46.16 3.91 -17.06
CA SER A 368 47.54 3.52 -17.23
C SER A 368 48.28 3.26 -15.92
N GLY A 369 47.54 3.06 -14.82
CA GLY A 369 48.20 2.78 -13.57
C GLY A 369 47.45 1.83 -12.71
N VAL A 370 48.05 1.55 -11.57
CA VAL A 370 47.38 0.86 -10.52
C VAL A 370 47.57 1.65 -9.24
N ARG A 371 46.65 1.46 -8.31
CA ARG A 371 46.74 2.04 -7.02
C ARG A 371 46.91 0.93 -6.03
N ILE A 372 47.84 1.16 -5.10
CA ILE A 372 48.11 0.28 -4.00
C ILE A 372 48.08 1.08 -2.70
N GLY A 373 47.87 0.38 -1.60
CA GLY A 373 47.93 1.01 -0.30
C GLY A 373 48.26 0.01 0.75
N THR A 374 48.69 0.50 1.90
CA THR A 374 49.16 -0.31 3.02
C THR A 374 48.29 -0.55 4.25
N PRO A 375 47.11 0.09 4.38
CA PRO A 375 46.38 -0.13 5.66
C PRO A 375 46.05 -1.59 5.98
N ALA A 376 45.55 -2.31 5.00
CA ALA A 376 45.21 -3.73 5.15
C ALA A 376 46.42 -4.58 5.59
N MET A 377 47.53 -4.50 4.87
CA MET A 377 48.72 -5.31 5.21
C MET A 377 49.38 -4.87 6.50
N THR A 378 49.27 -3.58 6.80
CA THR A 378 49.74 -3.08 8.08
C THR A 378 48.91 -3.62 9.21
N THR A 379 47.59 -3.76 9.00
CA THR A 379 46.74 -4.44 9.98
C THR A 379 47.18 -5.91 10.16
N ARG A 380 47.53 -6.57 9.06
CA ARG A 380 47.98 -7.96 9.13
C ARG A 380 49.41 -8.18 9.66
N GLY A 381 50.13 -7.09 9.93
CA GLY A 381 51.34 -7.12 10.75
C GLY A 381 52.64 -6.87 10.02
N ALA A 382 52.57 -6.67 8.70
CA ALA A 382 53.76 -6.38 7.90
C ALA A 382 54.45 -5.10 8.38
N LYS A 383 55.78 -5.12 8.38
CA LYS A 383 56.61 -3.99 8.79
C LYS A 383 57.42 -3.47 7.59
N GLU A 384 58.29 -2.50 7.82
CA GLU A 384 59.04 -1.86 6.72
C GLU A 384 59.81 -2.83 5.81
N LYS A 385 60.53 -3.75 6.44
CA LYS A 385 61.28 -4.80 5.73
C LYS A 385 60.42 -5.74 4.90
N ASP A 386 59.14 -5.89 5.27
CA ASP A 386 58.20 -6.69 4.48
C ASP A 386 57.83 -6.06 3.14
N MET A 387 58.03 -4.75 3.01
CA MET A 387 57.65 -4.02 1.81
C MET A 387 58.54 -4.37 0.61
N GLU A 388 59.80 -4.74 0.84
CA GLU A 388 60.68 -5.16 -0.27
C GLU A 388 60.12 -6.41 -0.98
N PHE A 389 59.56 -7.33 -0.21
CA PHE A 389 58.91 -8.51 -0.77
C PHE A 389 57.67 -8.15 -1.60
N ILE A 390 56.86 -7.19 -1.13
CA ILE A 390 55.68 -6.77 -1.91
C ILE A 390 56.14 -6.07 -3.17
N ALA A 391 57.14 -5.21 -3.03
CA ALA A 391 57.73 -4.56 -4.18
C ALA A 391 58.29 -5.59 -5.18
N ASP A 392 58.97 -6.62 -4.67
CA ASP A 392 59.47 -7.76 -5.49
C ASP A 392 58.34 -8.49 -6.22
N VAL A 393 57.28 -8.85 -5.50
CA VAL A 393 56.13 -9.54 -6.13
C VAL A 393 55.50 -8.66 -7.20
N LEU A 394 55.35 -7.36 -6.92
CA LEU A 394 54.77 -6.45 -7.92
C LEU A 394 55.63 -6.27 -9.15
N ALA A 395 56.93 -6.14 -8.95
CA ALA A 395 57.91 -6.13 -10.06
C ALA A 395 57.81 -7.41 -10.94
N ARG A 396 57.74 -8.54 -10.27
CA ARG A 396 57.62 -9.85 -10.97
C ARG A 396 56.28 -9.95 -11.73
N ALA A 397 55.19 -9.41 -11.20
CA ALA A 397 53.91 -9.39 -11.95
C ALA A 397 53.95 -8.48 -13.14
N ILE A 398 54.66 -7.37 -13.01
CA ILE A 398 54.75 -6.45 -14.12
C ILE A 398 55.54 -7.11 -15.25
N LYS A 399 56.66 -7.72 -14.91
CA LYS A 399 57.45 -8.49 -15.90
C LYS A 399 56.62 -9.61 -16.62
N ILE A 400 55.94 -10.43 -15.81
CA ILE A 400 55.07 -11.50 -16.37
C ILE A 400 53.97 -10.95 -17.26
N THR A 401 53.36 -9.85 -16.83
CA THR A 401 52.35 -9.17 -17.63
C THR A 401 52.91 -8.75 -18.97
N VAL A 402 54.15 -8.28 -18.97
CA VAL A 402 54.81 -7.84 -20.21
C VAL A 402 55.10 -9.04 -21.15
N ASP A 403 55.59 -10.14 -20.57
CA ASP A 403 55.82 -11.41 -21.28
C ASP A 403 54.52 -11.92 -21.94
N LEU A 404 53.45 -12.05 -21.14
CA LEU A 404 52.15 -12.52 -21.63
C LEU A 404 51.55 -11.64 -22.74
N GLN A 405 51.74 -10.34 -22.63
CA GLN A 405 51.28 -9.40 -23.66
C GLN A 405 52.00 -9.61 -24.99
N GLU A 406 53.32 -9.84 -24.93
CA GLU A 406 54.10 -10.13 -26.12
C GLU A 406 53.61 -11.43 -26.78
N GLN A 407 53.40 -12.47 -25.98
CA GLN A 407 52.99 -13.80 -26.48
C GLN A 407 51.54 -13.85 -26.99
N TYR A 408 50.60 -13.33 -26.21
CA TYR A 408 49.17 -13.43 -26.54
C TYR A 408 48.54 -12.21 -27.18
N GLY A 409 49.21 -11.05 -27.14
CA GLY A 409 48.70 -9.81 -27.74
C GLY A 409 48.10 -8.84 -26.72
N LYS A 410 47.79 -7.64 -27.21
CA LYS A 410 47.37 -6.51 -26.36
C LYS A 410 45.85 -6.43 -26.08
N LYS A 411 45.05 -7.25 -26.76
CA LYS A 411 43.61 -7.33 -26.46
C LYS A 411 43.41 -8.00 -25.10
N LEU A 412 42.52 -7.43 -24.27
CA LEU A 412 42.31 -7.92 -22.90
C LEU A 412 41.79 -9.36 -22.86
N VAL A 413 40.92 -9.71 -23.81
CA VAL A 413 40.31 -11.05 -23.85
C VAL A 413 41.36 -12.08 -24.31
N ASP A 414 42.24 -11.67 -25.23
CA ASP A 414 43.39 -12.48 -25.67
C ASP A 414 44.42 -12.62 -24.54
N PHE A 415 44.71 -11.51 -23.84
CA PHE A 415 45.67 -11.49 -22.73
C PHE A 415 45.31 -12.54 -21.67
N LYS A 416 44.05 -12.50 -21.24
CA LYS A 416 43.51 -13.41 -20.22
C LYS A 416 43.68 -14.91 -20.50
N LYS A 417 43.74 -15.30 -21.78
CA LYS A 417 43.93 -16.70 -22.16
C LYS A 417 45.30 -17.22 -21.75
N GLY A 418 46.29 -16.33 -21.69
CA GLY A 418 47.63 -16.68 -21.19
C GLY A 418 47.72 -16.97 -19.70
N LEU A 419 46.80 -16.37 -18.93
CA LEU A 419 46.88 -16.39 -17.45
C LEU A 419 46.73 -17.77 -16.81
N PRO A 420 45.69 -18.53 -17.19
CA PRO A 420 45.49 -19.80 -16.49
C PRO A 420 46.59 -20.81 -16.85
N GLY A 421 47.07 -21.52 -15.84
CA GLY A 421 48.13 -22.50 -15.99
C GLY A 421 49.57 -22.01 -16.08
N ASN A 422 49.79 -20.69 -16.21
CA ASN A 422 51.15 -20.14 -16.38
C ASN A 422 52.01 -20.54 -15.20
N ALA A 423 53.14 -21.16 -15.50
CA ALA A 423 54.02 -21.77 -14.49
C ALA A 423 54.59 -20.76 -13.49
N GLN A 424 54.95 -19.57 -13.98
CA GLN A 424 55.55 -18.54 -13.12
C GLN A 424 54.51 -17.94 -12.18
N LEU A 425 53.29 -17.73 -12.70
CA LEU A 425 52.17 -17.28 -11.87
C LEU A 425 51.82 -18.28 -10.78
N GLN A 426 51.82 -19.56 -11.12
CA GLN A 426 51.55 -20.63 -10.15
C GLN A 426 52.63 -20.63 -9.08
N GLN A 427 53.87 -20.48 -9.52
CA GLN A 427 54.99 -20.34 -8.60
C GLN A 427 54.83 -19.08 -7.72
N LEU A 428 54.48 -17.97 -8.35
CA LEU A 428 54.35 -16.70 -7.63
C LEU A 428 53.13 -16.72 -6.70
N LYS A 429 51.96 -17.14 -7.20
CA LYS A 429 50.77 -17.39 -6.36
C LYS A 429 51.12 -18.18 -5.10
N GLN A 430 51.84 -19.27 -5.30
CA GLN A 430 52.27 -20.15 -4.22
C GLN A 430 53.12 -19.39 -3.20
N GLU A 431 54.07 -18.61 -3.68
CA GLU A 431 54.88 -17.74 -2.82
C GLU A 431 54.03 -16.71 -2.06
N VAL A 432 53.06 -16.11 -2.73
CA VAL A 432 52.14 -15.15 -2.09
C VAL A 432 51.33 -15.81 -0.97
N VAL A 433 50.70 -16.94 -1.30
CA VAL A 433 49.89 -17.71 -0.35
C VAL A 433 50.68 -18.11 0.90
N THR A 434 51.94 -18.47 0.74
CA THR A 434 52.74 -18.97 1.87
C THR A 434 53.07 -17.83 2.81
N TRP A 435 53.42 -16.67 2.26
CA TRP A 435 53.70 -15.50 3.09
C TRP A 435 52.40 -14.95 3.73
N ALA A 436 51.36 -14.80 2.90
CA ALA A 436 50.04 -14.22 3.33
C ALA A 436 49.30 -15.05 4.37
N GLY A 437 49.13 -16.35 4.07
CA GLY A 437 48.47 -17.29 4.96
C GLY A 437 49.08 -17.37 6.36
N ALA A 438 50.33 -16.97 6.49
CA ALA A 438 51.06 -16.98 7.76
C ALA A 438 50.79 -15.76 8.62
N LEU A 439 50.53 -14.61 8.00
CA LEU A 439 50.33 -13.36 8.75
C LEU A 439 49.13 -13.40 9.70
N PRO A 440 49.21 -12.69 10.85
CA PRO A 440 48.07 -12.53 11.76
C PRO A 440 46.79 -12.10 11.03
N PHE A 441 45.67 -12.65 11.47
CA PHE A 441 44.38 -12.42 10.86
C PHE A 441 43.35 -12.13 11.96
N PRO A 442 42.72 -10.94 11.95
CA PRO A 442 41.65 -10.70 12.93
C PRO A 442 40.43 -11.58 12.68
N MET B 1 48.84 -6.34 13.78
CA MET B 1 48.84 -5.09 14.62
C MET B 1 47.42 -4.61 14.96
N PHE B 2 46.68 -5.45 15.70
CA PHE B 2 45.27 -5.17 16.05
C PHE B 2 44.87 -5.76 17.41
N ASN B 3 43.77 -5.25 17.97
CA ASN B 3 43.20 -5.77 19.23
C ASN B 3 42.02 -6.73 19.01
N ASN B 4 42.23 -8.02 19.32
CA ASN B 4 41.21 -9.07 19.12
C ASN B 4 40.52 -9.54 20.42
N GLU B 5 40.76 -8.84 21.54
CA GLU B 5 39.96 -9.04 22.76
C GLU B 5 38.45 -8.95 22.44
N PRO B 6 37.63 -9.88 22.97
CA PRO B 6 36.15 -9.82 22.75
C PRO B 6 35.48 -8.53 23.22
N LEU B 7 34.25 -8.32 22.73
CA LEU B 7 33.51 -7.06 22.91
C LEU B 7 33.40 -6.63 24.38
N GLU B 8 33.06 -7.60 25.24
CA GLU B 8 32.98 -7.37 26.70
C GLU B 8 34.27 -6.75 27.26
N GLN B 9 35.41 -7.30 26.86
CA GLN B 9 36.71 -6.82 27.31
C GLN B 9 37.09 -5.49 26.65
N ILE B 10 37.21 -5.49 25.32
CA ILE B 10 37.53 -4.25 24.54
C ILE B 10 36.69 -3.05 24.96
N ASP B 11 35.38 -3.25 25.13
CA ASP B 11 34.48 -2.15 25.39
C ASP B 11 33.35 -2.58 26.29
N LYS B 12 33.62 -2.54 27.60
CA LYS B 12 32.63 -2.89 28.62
C LYS B 12 31.44 -1.93 28.63
N GLU B 13 31.70 -0.63 28.48
CA GLU B 13 30.62 0.40 28.47
C GLU B 13 29.54 0.07 27.42
N LEU B 14 29.98 -0.11 26.17
CA LEU B 14 29.08 -0.43 25.06
C LEU B 14 28.38 -1.77 25.28
N HIS B 15 29.12 -2.75 25.80
CA HIS B 15 28.60 -4.10 25.92
C HIS B 15 27.43 -4.21 26.90
N ASP B 16 27.41 -3.31 27.87
CA ASP B 16 26.33 -3.27 28.87
C ASP B 16 25.06 -2.67 28.31
N ILE B 17 25.21 -1.62 27.50
CA ILE B 17 24.07 -0.97 26.84
C ILE B 17 23.41 -1.99 25.90
N LEU B 18 24.24 -2.72 25.16
CA LEU B 18 23.76 -3.77 24.24
C LEU B 18 23.09 -4.92 24.97
N ALA B 19 23.62 -5.32 26.11
CA ALA B 19 22.97 -6.40 26.90
C ALA B 19 21.68 -5.88 27.53
N ASP B 20 21.63 -4.57 27.81
CA ASP B 20 20.40 -3.92 28.30
C ASP B 20 19.35 -3.87 27.20
N GLU B 21 19.76 -3.44 26.00
CA GLU B 21 18.88 -3.45 24.80
C GLU B 21 18.25 -4.83 24.59
N GLU B 22 19.05 -5.88 24.68
CA GLU B 22 18.58 -7.27 24.53
C GLU B 22 17.55 -7.69 25.58
N LYS B 23 17.78 -7.27 26.82
CA LYS B 23 16.84 -7.47 27.91
C LYS B 23 15.51 -6.72 27.62
N ARG B 24 15.59 -5.46 27.20
CA ARG B 24 14.38 -4.70 26.83
C ARG B 24 13.62 -5.33 25.62
N GLN B 25 14.33 -5.86 24.62
CA GLN B 25 13.66 -6.56 23.49
C GLN B 25 12.91 -7.81 23.94
N ARG B 26 13.54 -8.53 24.88
CA ARG B 26 13.01 -9.79 25.37
C ARG B 26 11.81 -9.61 26.31
N GLU B 27 11.66 -8.41 26.89
CA GLU B 27 10.63 -8.14 27.88
C GLU B 27 9.68 -7.07 27.40
N THR B 28 9.48 -7.01 26.08
CA THR B 28 8.62 -6.01 25.45
C THR B 28 7.57 -6.76 24.63
N ILE B 29 6.35 -6.24 24.66
CA ILE B 29 5.34 -6.63 23.66
C ILE B 29 5.54 -5.65 22.51
N ASN B 30 6.25 -6.13 21.48
CA ASN B 30 6.60 -5.31 20.33
C ASN B 30 5.49 -5.37 19.27
N LEU B 31 4.74 -4.29 19.17
CA LEU B 31 3.66 -4.20 18.20
C LEU B 31 4.01 -3.23 17.08
N ILE B 32 5.29 -2.88 16.88
CA ILE B 32 5.70 -2.00 15.78
C ILE B 32 5.53 -2.74 14.46
N ALA B 33 4.66 -2.24 13.60
CA ALA B 33 4.25 -2.98 12.41
C ALA B 33 5.45 -3.32 11.51
N SER B 34 6.41 -2.41 11.47
CA SER B 34 7.64 -2.53 10.67
C SER B 34 8.80 -3.30 11.30
N GLU B 35 8.63 -3.86 12.50
CA GLU B 35 9.76 -4.54 13.15
C GLU B 35 9.58 -6.02 13.16
N ASN B 36 10.69 -6.72 13.37
CA ASN B 36 10.72 -8.19 13.49
C ASN B 36 11.97 -8.60 14.26
N LEU B 37 12.25 -9.90 14.33
CA LEU B 37 13.42 -10.39 15.01
C LEU B 37 14.14 -11.35 14.10
N THR B 38 15.41 -11.03 13.80
CA THR B 38 16.26 -11.83 12.92
C THR B 38 16.76 -13.04 13.67
N ASN B 39 16.82 -14.19 12.99
CA ASN B 39 17.41 -15.40 13.61
C ASN B 39 18.94 -15.30 13.72
N GLY B 40 19.55 -16.28 14.35
CA GLY B 40 21.00 -16.33 14.54
C GLY B 40 21.78 -16.42 13.24
N ALA B 41 21.21 -17.07 12.22
CA ALA B 41 21.90 -17.24 10.93
C ALA B 41 22.09 -15.92 10.19
N VAL B 42 21.01 -15.15 10.10
CA VAL B 42 21.05 -13.81 9.51
C VAL B 42 22.07 -12.93 10.22
N ARG B 43 22.07 -12.97 11.55
CA ARG B 43 23.05 -12.21 12.34
C ARG B 43 24.51 -12.69 12.25
N GLU B 44 24.74 -13.98 11.98
CA GLU B 44 26.08 -14.50 11.62
C GLU B 44 26.60 -13.93 10.29
N CYS B 45 25.72 -13.83 9.29
CA CYS B 45 26.07 -13.21 8.00
C CYS B 45 26.45 -11.76 8.15
N LEU B 46 25.68 -11.04 8.98
CA LEU B 46 25.91 -9.63 9.21
C LEU B 46 27.24 -9.35 9.87
N GLY B 47 27.70 -10.26 10.73
CA GLY B 47 29.02 -10.15 11.35
C GLY B 47 30.16 -10.84 10.60
N ASN B 48 29.92 -11.21 9.35
CA ASN B 48 30.89 -11.98 8.57
C ASN B 48 31.96 -11.07 8.00
N ARG B 49 33.16 -11.59 7.81
CA ARG B 49 34.28 -10.83 7.19
C ARG B 49 34.07 -10.44 5.72
N VAL B 50 32.99 -10.92 5.11
CA VAL B 50 32.66 -10.52 3.76
C VAL B 50 32.48 -8.99 3.59
N SER B 51 32.15 -8.29 4.68
CA SER B 51 32.05 -6.82 4.66
C SER B 51 33.40 -6.08 4.54
N ASN B 52 34.51 -6.83 4.61
CA ASN B 52 35.84 -6.28 4.29
C ASN B 52 36.07 -6.00 2.79
N LYS B 53 35.23 -6.49 1.90
CA LYS B 53 35.51 -6.43 0.50
C LYS B 53 34.78 -5.32 -0.22
N TYR B 54 35.55 -4.49 -0.95
CA TYR B 54 35.04 -3.47 -1.88
C TYR B 54 34.77 -4.16 -3.21
N SER B 55 33.55 -4.04 -3.70
CA SER B 55 33.16 -4.73 -4.90
C SER B 55 32.18 -3.90 -5.71
N GLU B 56 32.58 -2.66 -5.99
CA GLU B 56 31.81 -1.75 -6.84
C GLU B 56 31.48 -2.30 -8.21
N GLY B 57 30.29 -2.01 -8.68
CA GLY B 57 29.80 -2.58 -9.94
C GLY B 57 28.82 -3.71 -9.71
N TYR B 58 28.79 -4.67 -10.63
CA TYR B 58 27.88 -5.82 -10.60
C TYR B 58 28.66 -7.12 -10.85
N PRO B 59 28.06 -8.30 -10.56
CA PRO B 59 28.83 -9.55 -10.72
C PRO B 59 29.46 -9.70 -12.10
N LYS B 60 30.74 -10.09 -12.11
CA LYS B 60 31.59 -10.21 -13.31
C LYS B 60 32.14 -8.84 -13.80
N LYS B 61 31.23 -7.90 -14.05
CA LYS B 61 31.60 -6.54 -14.50
C LYS B 61 32.02 -5.69 -13.29
N ARG B 62 33.00 -6.19 -12.55
CA ARG B 62 33.38 -5.61 -11.28
C ARG B 62 34.46 -4.65 -11.65
N TYR B 63 34.72 -3.68 -10.78
CA TYR B 63 35.78 -2.71 -11.03
C TYR B 63 37.07 -3.33 -10.59
N TYR B 64 37.05 -4.01 -9.46
CA TYR B 64 38.23 -4.80 -9.03
C TYR B 64 38.00 -6.28 -9.22
N GLY B 65 39.09 -7.05 -9.16
CA GLY B 65 39.01 -8.52 -9.09
C GLY B 65 39.07 -8.93 -7.62
N GLY B 66 39.26 -10.22 -7.41
CA GLY B 66 39.24 -10.79 -6.06
C GLY B 66 37.81 -10.94 -5.58
N ASN B 67 36.87 -10.88 -6.51
CA ASN B 67 35.47 -10.77 -6.22
C ASN B 67 34.74 -12.03 -6.70
N ASP B 68 35.45 -13.16 -6.72
CA ASP B 68 34.90 -14.43 -7.19
C ASP B 68 33.83 -14.93 -6.24
N PHE B 69 34.15 -14.99 -4.96
CA PHE B 69 33.20 -15.49 -3.97
C PHE B 69 32.06 -14.49 -3.69
N ILE B 70 32.38 -13.18 -3.74
CA ILE B 70 31.36 -12.10 -3.68
C ILE B 70 30.39 -12.17 -4.86
N ASP B 71 30.90 -12.50 -6.04
CA ASP B 71 30.01 -12.66 -7.21
C ASP B 71 29.04 -13.83 -7.06
N LYS B 72 29.50 -14.92 -6.45
CA LYS B 72 28.60 -16.07 -6.21
C LYS B 72 27.47 -15.66 -5.27
N ILE B 73 27.85 -15.04 -4.15
CA ILE B 73 26.89 -14.55 -3.14
C ILE B 73 25.85 -13.62 -3.74
N GLU B 74 26.31 -12.59 -4.46
CA GLU B 74 25.37 -11.63 -5.07
C GLU B 74 24.47 -12.27 -6.13
N GLU B 75 24.97 -13.30 -6.82
CA GLU B 75 24.14 -14.03 -7.84
C GLU B 75 23.17 -15.01 -7.18
N LEU B 76 23.65 -15.71 -6.16
CA LEU B 76 22.79 -16.49 -5.28
C LEU B 76 21.64 -15.69 -4.64
N CYS B 77 21.88 -14.41 -4.30
CA CYS B 77 20.87 -13.56 -3.64
C CYS B 77 19.80 -13.17 -4.63
N GLN B 78 20.25 -12.74 -5.82
CA GLN B 78 19.38 -12.37 -6.94
C GLN B 78 18.45 -13.51 -7.35
N LYS B 79 19.05 -14.68 -7.54
CA LYS B 79 18.34 -15.91 -7.88
C LYS B 79 17.28 -16.22 -6.81
N ARG B 80 17.74 -16.37 -5.56
CA ARG B 80 16.85 -16.68 -4.43
C ARG B 80 15.73 -15.67 -4.23
N ALA B 81 15.93 -14.42 -4.67
CA ALA B 81 14.91 -13.34 -4.56
C ALA B 81 13.83 -13.43 -5.62
N LEU B 82 14.28 -13.77 -6.82
CA LEU B 82 13.38 -14.02 -7.95
C LEU B 82 12.53 -15.26 -7.69
N GLU B 83 13.15 -16.31 -7.15
CA GLU B 83 12.41 -17.51 -6.75
C GLU B 83 11.34 -17.15 -5.71
N ALA B 84 11.74 -16.44 -4.65
CA ALA B 84 10.86 -16.19 -3.51
C ALA B 84 9.59 -15.46 -3.92
N PHE B 85 9.70 -14.51 -4.84
CA PHE B 85 8.55 -13.75 -5.33
C PHE B 85 7.92 -14.29 -6.62
N ASN B 86 8.23 -15.54 -6.98
CA ASN B 86 7.50 -16.26 -8.04
C ASN B 86 7.51 -15.46 -9.33
N VAL B 87 8.71 -15.13 -9.77
CA VAL B 87 8.92 -14.39 -11.01
C VAL B 87 9.98 -15.15 -11.79
N SER B 88 9.86 -15.11 -13.11
CA SER B 88 10.83 -15.75 -13.99
C SER B 88 11.98 -14.78 -14.21
N ASP B 89 13.21 -15.27 -14.05
CA ASP B 89 14.42 -14.47 -14.32
C ASP B 89 14.59 -14.05 -15.78
N GLU B 90 13.75 -14.57 -16.67
CA GLU B 90 13.72 -14.15 -18.08
C GLU B 90 12.84 -12.90 -18.19
N GLU B 91 11.76 -12.84 -17.41
CA GLU B 91 10.80 -11.71 -17.42
C GLU B 91 11.09 -10.59 -16.39
N TRP B 92 11.73 -10.93 -15.28
CA TRP B 92 11.96 -9.97 -14.17
C TRP B 92 13.42 -9.91 -13.82
N GLY B 93 13.88 -8.72 -13.47
CA GLY B 93 15.21 -8.59 -12.83
C GLY B 93 15.15 -7.97 -11.43
N VAL B 94 16.23 -8.18 -10.68
CA VAL B 94 16.37 -7.66 -9.33
C VAL B 94 17.76 -7.08 -9.07
N ASN B 95 17.79 -5.91 -8.42
CA ASN B 95 19.03 -5.33 -7.87
C ASN B 95 19.05 -5.49 -6.33
N VAL B 96 20.11 -6.09 -5.81
CA VAL B 96 20.20 -6.46 -4.39
C VAL B 96 21.19 -5.57 -3.59
N GLN B 97 21.61 -4.45 -4.19
CA GLN B 97 22.59 -3.58 -3.56
C GLN B 97 22.04 -2.42 -2.71
N PRO B 98 20.78 -1.94 -2.96
CA PRO B 98 20.32 -0.78 -2.15
C PRO B 98 20.44 -0.97 -0.63
N LEU B 99 20.99 0.03 0.06
CA LEU B 99 21.31 -0.15 1.49
C LEU B 99 20.08 -0.17 2.39
N SER B 100 18.99 0.42 1.97
CA SER B 100 17.73 0.41 2.74
C SER B 100 16.57 0.89 1.88
N GLY B 101 15.36 0.74 2.42
CA GLY B 101 14.15 1.02 1.70
C GLY B 101 14.06 2.36 1.03
N SER B 102 14.49 3.39 1.74
CA SER B 102 14.36 4.75 1.24
C SER B 102 15.34 4.97 0.08
N ALA B 103 16.57 4.47 0.22
CA ALA B 103 17.56 4.54 -0.85
C ALA B 103 17.05 3.84 -2.13
N ALA B 104 16.54 2.62 -1.96
CA ALA B 104 15.91 1.82 -3.00
C ALA B 104 14.85 2.59 -3.76
N ASN B 105 13.99 3.30 -3.04
CA ASN B 105 12.90 4.05 -3.68
C ASN B 105 13.41 5.31 -4.43
N VAL B 106 14.37 6.04 -3.85
CA VAL B 106 14.91 7.23 -4.52
C VAL B 106 15.67 6.88 -5.81
N GLN B 107 16.36 5.75 -5.79
CA GLN B 107 17.12 5.26 -6.91
C GLN B 107 16.18 4.78 -8.01
N ALA B 108 15.25 3.88 -7.65
CA ALA B 108 14.23 3.43 -8.61
C ALA B 108 13.49 4.60 -9.25
N LEU B 109 13.04 5.59 -8.47
CA LEU B 109 12.28 6.71 -9.03
C LEU B 109 13.16 7.49 -9.99
N TYR B 110 14.40 7.74 -9.56
CA TYR B 110 15.33 8.47 -10.38
C TYR B 110 15.54 7.76 -11.73
N ALA B 111 15.82 6.44 -11.70
CA ALA B 111 15.91 5.64 -12.93
C ALA B 111 14.77 5.95 -13.92
N LEU B 112 13.54 5.98 -13.40
CA LEU B 112 12.33 6.06 -14.21
C LEU B 112 12.06 7.45 -14.74
N VAL B 113 12.27 8.48 -13.91
CA VAL B 113 11.86 9.85 -14.24
C VAL B 113 12.95 10.91 -14.29
N GLY B 114 14.07 10.68 -13.59
CA GLY B 114 15.14 11.66 -13.53
C GLY B 114 14.78 12.91 -12.74
N VAL B 115 15.71 13.84 -12.69
CA VAL B 115 15.53 15.08 -11.94
C VAL B 115 14.43 15.88 -12.61
N LYS B 116 13.66 16.62 -11.79
CA LYS B 116 12.45 17.32 -12.23
C LYS B 116 11.28 16.40 -12.63
N GLY B 117 11.49 15.08 -12.73
CA GLY B 117 10.43 14.16 -13.13
C GLY B 117 9.20 14.24 -12.23
N LYS B 118 8.06 13.85 -12.79
CA LYS B 118 6.77 13.99 -12.11
C LYS B 118 6.37 12.64 -11.53
N ILE B 119 5.98 12.64 -10.24
CA ILE B 119 5.58 11.40 -9.55
C ILE B 119 4.31 11.59 -8.71
N MET B 120 3.60 10.51 -8.48
CA MET B 120 2.41 10.53 -7.67
C MET B 120 2.52 9.43 -6.63
N GLY B 121 2.21 9.75 -5.37
CA GLY B 121 2.13 8.76 -4.29
C GLY B 121 1.09 9.12 -3.22
N MET B 122 0.87 8.20 -2.27
CA MET B 122 -0.06 8.46 -1.18
C MET B 122 0.56 9.45 -0.22
N HIS B 123 -0.27 10.37 0.25
CA HIS B 123 0.14 11.35 1.24
C HIS B 123 0.59 10.62 2.52
N LEU B 124 1.52 11.21 3.27
CA LEU B 124 2.05 10.60 4.51
C LEU B 124 0.97 10.38 5.56
N CYS B 125 0.21 11.45 5.86
CA CYS B 125 -1.02 11.43 6.70
C CYS B 125 -2.08 10.38 6.36
N SER B 126 -2.14 9.96 5.09
CA SER B 126 -3.09 8.93 4.65
C SER B 126 -2.48 7.54 4.60
N GLY B 127 -1.23 7.40 5.04
CA GLY B 127 -0.55 6.11 5.11
C GLY B 127 0.56 5.84 4.10
N GLY B 128 0.93 6.86 3.32
CA GLY B 128 2.06 6.74 2.39
C GLY B 128 3.38 6.89 3.12
N HIS B 129 4.48 6.55 2.44
CA HIS B 129 5.82 6.78 2.97
C HIS B 129 6.35 8.14 2.60
N LEU B 130 7.32 8.58 3.40
CA LEU B 130 8.08 9.79 3.10
C LEU B 130 8.64 9.82 1.69
N THR B 131 9.25 8.70 1.26
CA THR B 131 9.84 8.57 -0.09
C THR B 131 8.84 8.44 -1.24
N HIS B 132 7.54 8.63 -0.96
CA HIS B 132 6.52 8.63 -1.99
C HIS B 132 6.16 10.04 -2.42
N GLY B 133 7.11 10.95 -2.25
CA GLY B 133 6.92 12.33 -2.64
C GLY B 133 6.48 13.25 -1.54
N PHE B 134 6.66 12.88 -0.27
CA PHE B 134 6.12 13.70 0.79
C PHE B 134 6.70 15.10 0.90
N PHE B 135 5.82 16.09 0.78
CA PHE B 135 6.09 17.48 1.18
C PHE B 135 4.92 17.99 2.02
N ASP B 136 5.09 19.21 2.51
CA ASP B 136 4.03 19.94 3.21
C ASP B 136 4.16 21.43 2.86
N GLU B 137 3.15 22.22 3.21
CA GLU B 137 3.05 23.64 2.81
C GLU B 137 4.34 24.45 3.06
N LYS B 138 5.00 24.17 4.20
CA LYS B 138 6.24 24.83 4.62
C LYS B 138 7.53 24.35 3.93
N LYS B 139 7.60 23.06 3.58
CA LYS B 139 8.85 22.51 3.01
C LYS B 139 8.68 21.23 2.18
N LYS B 140 9.66 21.02 1.31
CA LYS B 140 9.84 19.75 0.62
C LYS B 140 10.63 18.84 1.54
N VAL B 141 9.90 18.05 2.32
CA VAL B 141 10.41 17.30 3.46
C VAL B 141 11.24 16.09 3.01
N SER B 142 10.78 15.40 1.99
CA SER B 142 11.53 14.33 1.38
C SER B 142 12.19 14.87 0.13
N ILE B 143 13.40 14.39 -0.14
CA ILE B 143 14.07 14.62 -1.43
C ILE B 143 13.18 14.21 -2.60
N THR B 144 12.28 13.26 -2.39
CA THR B 144 11.36 12.84 -3.42
C THR B 144 10.36 13.93 -3.81
N SER B 145 10.17 14.92 -2.95
CA SER B 145 9.35 16.07 -3.31
C SER B 145 10.15 17.25 -3.90
N ASP B 146 11.48 17.17 -3.85
CA ASP B 146 12.35 18.27 -4.25
C ASP B 146 13.13 17.98 -5.52
N MET B 147 13.75 16.81 -5.59
CA MET B 147 14.47 16.41 -6.76
C MET B 147 13.51 15.97 -7.84
N PHE B 148 12.26 15.65 -7.45
CA PHE B 148 11.16 15.37 -8.35
C PHE B 148 10.07 16.42 -8.10
N GLU B 149 9.10 16.49 -9.02
CA GLU B 149 7.85 17.25 -8.80
C GLU B 149 6.81 16.20 -8.41
N SER B 150 6.35 16.21 -7.16
CA SER B 150 5.38 15.21 -6.69
C SER B 150 4.00 15.81 -6.51
N LYS B 151 2.99 14.96 -6.61
CA LYS B 151 1.63 15.30 -6.21
C LYS B 151 1.12 14.15 -5.36
N LEU B 152 0.25 14.46 -4.40
CA LEU B 152 -0.14 13.50 -3.36
C LEU B 152 -1.62 13.29 -3.36
N TYR B 153 -2.04 12.02 -3.35
CA TYR B 153 -3.45 11.66 -3.32
C TYR B 153 -3.81 11.10 -1.95
N LYS B 154 -4.98 11.50 -1.46
CA LYS B 154 -5.46 11.11 -0.13
C LYS B 154 -6.42 9.95 -0.21
N CYS B 155 -6.56 9.24 0.92
CA CYS B 155 -7.55 8.21 1.10
C CYS B 155 -8.82 8.96 1.47
N ASN B 156 -9.96 8.29 1.36
CA ASN B 156 -11.27 8.90 1.72
C ASN B 156 -11.49 8.97 3.24
N SER B 157 -12.64 9.50 3.65
CA SER B 157 -12.98 9.61 5.08
C SER B 157 -13.01 8.28 5.84
N GLN B 158 -13.19 7.15 5.15
CA GLN B 158 -13.17 5.82 5.78
C GLN B 158 -11.80 5.14 5.76
N GLY B 159 -10.79 5.83 5.21
CA GLY B 159 -9.41 5.31 5.16
C GLY B 159 -9.07 4.42 3.97
N TYR B 160 -9.92 4.43 2.95
CA TYR B 160 -9.70 3.62 1.76
C TYR B 160 -9.05 4.48 0.68
N VAL B 161 -8.17 3.88 -0.11
CA VAL B 161 -7.63 4.50 -1.33
C VAL B 161 -8.80 4.92 -2.23
N ASP B 162 -8.84 6.18 -2.60
CA ASP B 162 -9.91 6.71 -3.45
C ASP B 162 -9.45 6.74 -4.91
N LEU B 163 -9.69 5.65 -5.62
CA LEU B 163 -9.24 5.50 -7.03
C LEU B 163 -9.79 6.54 -7.99
N ASP B 164 -11.01 7.02 -7.74
CA ASP B 164 -11.60 8.12 -8.51
C ASP B 164 -10.79 9.42 -8.38
N ALA B 165 -10.15 9.62 -7.24
CA ALA B 165 -9.27 10.78 -6.99
C ALA B 165 -7.90 10.60 -7.65
N VAL B 166 -7.40 9.38 -7.68
CA VAL B 166 -6.13 9.06 -8.35
C VAL B 166 -6.22 9.41 -9.84
N ARG B 167 -7.30 8.97 -10.49
CA ARG B 167 -7.58 9.30 -11.90
C ARG B 167 -7.81 10.82 -12.10
N GLU B 168 -8.63 11.45 -11.25
CA GLU B 168 -8.80 12.92 -11.27
C GLU B 168 -7.45 13.63 -11.32
N MET B 169 -6.52 13.13 -10.50
CA MET B 169 -5.21 13.74 -10.36
C MET B 169 -4.30 13.29 -11.51
N ALA B 170 -4.23 11.99 -11.76
CA ALA B 170 -3.35 11.46 -12.81
C ALA B 170 -3.59 12.08 -14.21
N LEU B 171 -4.86 12.34 -14.56
CA LEU B 171 -5.23 12.93 -15.85
C LEU B 171 -4.82 14.40 -16.01
N SER B 172 -4.94 15.19 -14.95
CA SER B 172 -4.55 16.60 -15.00
C SER B 172 -3.05 16.80 -14.71
N PHE B 173 -2.50 16.00 -13.79
CA PHE B 173 -1.10 16.12 -13.39
C PHE B 173 -0.11 15.44 -14.33
N LYS B 174 -0.52 14.35 -14.98
CA LYS B 174 0.28 13.67 -16.01
C LYS B 174 1.63 13.20 -15.47
N PRO B 175 1.63 12.40 -14.39
CA PRO B 175 2.90 11.95 -13.84
C PRO B 175 3.55 10.87 -14.67
N LYS B 176 4.87 10.76 -14.59
CA LYS B 176 5.58 9.65 -15.20
C LYS B 176 5.57 8.39 -14.33
N VAL B 177 5.35 8.51 -13.01
CA VAL B 177 5.22 7.32 -12.13
C VAL B 177 4.09 7.50 -11.09
N ILE B 178 3.39 6.41 -10.79
CA ILE B 178 2.39 6.42 -9.74
C ILE B 178 2.77 5.34 -8.75
N ILE B 179 2.90 5.73 -7.49
CA ILE B 179 3.37 4.84 -6.44
C ILE B 179 2.19 4.28 -5.67
N CYS B 180 2.15 2.96 -5.50
CA CYS B 180 1.20 2.33 -4.60
C CYS B 180 1.94 1.34 -3.76
N GLY B 181 1.30 0.86 -2.69
CA GLY B 181 1.97 0.06 -1.62
C GLY B 181 2.44 1.06 -0.55
N TYR B 182 2.14 0.81 0.73
CA TYR B 182 2.09 1.90 1.72
C TYR B 182 2.72 1.57 3.08
N THR B 183 2.81 2.54 3.97
CA THR B 183 3.44 2.29 5.28
C THR B 183 2.45 1.96 6.39
N SER B 184 1.29 2.61 6.42
CA SER B 184 0.27 2.27 7.41
C SER B 184 -1.10 2.19 6.75
N TYR B 185 -1.20 1.24 5.81
CA TYR B 185 -2.43 0.95 5.13
C TYR B 185 -2.88 -0.44 5.54
N PRO B 186 -4.04 -0.53 6.21
CA PRO B 186 -4.53 -1.80 6.74
C PRO B 186 -5.24 -2.70 5.72
N ARG B 187 -5.46 -2.24 4.49
CA ARG B 187 -6.13 -3.08 3.48
C ARG B 187 -5.26 -3.44 2.26
N ASP B 188 -5.71 -4.44 1.51
CA ASP B 188 -5.06 -4.86 0.27
C ASP B 188 -5.24 -3.80 -0.84
N ILE B 189 -4.46 -3.93 -1.90
CA ILE B 189 -4.38 -2.93 -2.95
C ILE B 189 -4.96 -3.46 -4.26
N ASP B 190 -5.74 -2.63 -4.96
CA ASP B 190 -6.23 -3.01 -6.29
C ASP B 190 -5.19 -2.55 -7.32
N TYR B 191 -4.17 -3.38 -7.51
CA TYR B 191 -3.06 -3.08 -8.44
C TYR B 191 -3.58 -3.02 -9.86
N GLN B 192 -4.51 -3.93 -10.20
CA GLN B 192 -5.11 -3.93 -11.53
C GLN B 192 -5.70 -2.56 -11.86
N GLN B 193 -6.51 -1.98 -10.97
CA GLN B 193 -7.04 -0.62 -11.22
C GLN B 193 -5.95 0.43 -11.26
N PHE B 194 -4.83 0.21 -10.58
CA PHE B 194 -3.68 1.12 -10.73
C PHE B 194 -3.04 0.95 -12.12
N ARG B 195 -2.80 -0.29 -12.52
CA ARG B 195 -2.28 -0.62 -13.87
C ARG B 195 -3.17 -0.07 -15.00
N GLN B 196 -4.48 -0.06 -14.78
CA GLN B 196 -5.48 0.56 -15.66
C GLN B 196 -5.33 2.09 -15.75
N ILE B 197 -5.02 2.76 -14.64
CA ILE B 197 -4.84 4.24 -14.61
C ILE B 197 -3.49 4.70 -15.19
N CYS B 198 -2.46 3.87 -14.99
CA CYS B 198 -1.11 4.19 -15.48
C CYS B 198 -1.01 4.07 -17.02
N ASP B 199 -1.61 3.01 -17.58
CA ASP B 199 -1.81 2.83 -19.03
C ASP B 199 -2.56 4.02 -19.67
N GLU B 200 -3.56 4.52 -18.97
CA GLU B 200 -4.42 5.59 -19.48
C GLU B 200 -3.69 6.90 -19.67
N VAL B 201 -2.68 7.14 -18.84
CA VAL B 201 -1.89 8.40 -18.88
C VAL B 201 -0.44 8.19 -19.33
N ASN B 202 -0.01 6.92 -19.44
CA ASN B 202 1.32 6.48 -19.90
C ASN B 202 2.41 6.50 -18.80
N ALA B 203 1.98 6.44 -17.54
CA ALA B 203 2.91 6.46 -16.40
C ALA B 203 3.36 5.04 -16.05
N TYR B 204 4.52 4.92 -15.40
CA TYR B 204 4.95 3.62 -14.86
C TYR B 204 4.14 3.24 -13.59
N LEU B 205 4.04 1.94 -13.30
CA LEU B 205 3.46 1.43 -12.04
C LEU B 205 4.53 0.95 -11.07
N PHE B 206 4.66 1.68 -9.97
CA PHE B 206 5.64 1.45 -8.92
C PHE B 206 4.88 0.90 -7.72
N ALA B 207 5.21 -0.32 -7.30
CA ALA B 207 4.64 -0.93 -6.11
C ALA B 207 5.68 -1.08 -4.98
N ASP B 208 5.51 -0.34 -3.89
CA ASP B 208 6.40 -0.48 -2.71
C ASP B 208 5.68 -1.38 -1.76
N ILE B 209 6.12 -2.64 -1.67
CA ILE B 209 5.44 -3.67 -0.89
C ILE B 209 6.22 -4.07 0.41
N SER B 210 7.00 -3.13 0.93
CA SER B 210 7.87 -3.36 2.10
C SER B 210 7.15 -3.94 3.31
N HIS B 211 5.97 -3.41 3.59
CA HIS B 211 5.13 -3.87 4.68
C HIS B 211 4.37 -5.17 4.46
N ILE B 212 4.10 -5.50 3.19
CA ILE B 212 3.31 -6.68 2.86
C ILE B 212 4.06 -7.70 2.02
N SER B 213 5.39 -7.67 2.09
CA SER B 213 6.22 -8.49 1.20
C SER B 213 5.99 -10.00 1.35
N SER B 214 5.97 -10.49 2.58
CA SER B 214 5.74 -11.91 2.85
C SER B 214 4.41 -12.39 2.34
N PHE B 215 3.39 -11.54 2.42
CA PHE B 215 2.06 -11.87 1.92
C PHE B 215 2.06 -12.02 0.40
N VAL B 216 2.78 -11.12 -0.28
CA VAL B 216 2.89 -11.13 -1.72
C VAL B 216 3.66 -12.36 -2.16
N ALA B 217 4.77 -12.65 -1.48
CA ALA B 217 5.58 -13.81 -1.79
C ALA B 217 4.83 -15.13 -1.65
N CYS B 218 4.06 -15.26 -0.57
CA CYS B 218 3.34 -16.50 -0.27
C CYS B 218 1.92 -16.59 -0.88
N ASN B 219 1.55 -15.63 -1.74
CA ASN B 219 0.23 -15.59 -2.41
C ASN B 219 -0.97 -15.60 -1.45
N ILE B 220 -0.82 -14.89 -0.33
CA ILE B 220 -1.90 -14.66 0.62
C ILE B 220 -2.63 -13.36 0.31
N LEU B 221 -1.95 -12.42 -0.35
CA LEU B 221 -2.58 -11.19 -0.81
C LEU B 221 -2.36 -11.03 -2.32
N ASN B 222 -2.98 -10.01 -2.88
CA ASN B 222 -2.80 -9.67 -4.29
C ASN B 222 -1.32 -9.58 -4.67
N ASN B 223 -1.05 -9.83 -5.95
CA ASN B 223 0.30 -9.90 -6.47
C ASN B 223 0.54 -8.72 -7.36
N PRO B 224 1.38 -7.75 -6.92
CA PRO B 224 1.63 -6.62 -7.78
C PRO B 224 2.49 -6.98 -9.02
N PHE B 225 3.23 -8.09 -8.96
CA PHE B 225 4.10 -8.53 -10.05
C PHE B 225 3.35 -8.83 -11.37
N LEU B 226 2.05 -9.07 -11.29
CA LEU B 226 1.20 -9.22 -12.45
C LEU B 226 0.94 -7.90 -13.19
N HIS B 227 1.08 -6.78 -12.48
CA HIS B 227 0.72 -5.48 -13.03
C HIS B 227 1.83 -4.41 -13.02
N ALA B 228 2.81 -4.51 -12.12
CA ALA B 228 3.75 -3.39 -11.93
C ALA B 228 4.96 -3.44 -12.86
N ASP B 229 5.42 -2.25 -13.25
CA ASP B 229 6.73 -2.09 -13.89
C ASP B 229 7.90 -2.22 -12.92
N VAL B 230 7.76 -1.65 -11.71
CA VAL B 230 8.79 -1.76 -10.66
C VAL B 230 8.15 -2.14 -9.33
N VAL B 231 8.80 -3.06 -8.61
CA VAL B 231 8.43 -3.41 -7.26
C VAL B 231 9.64 -3.22 -6.34
N THR B 232 9.51 -2.40 -5.30
CA THR B 232 10.56 -2.31 -4.25
C THR B 232 10.12 -2.93 -2.95
N THR B 233 11.09 -3.43 -2.22
CA THR B 233 10.81 -3.87 -0.90
C THR B 233 12.04 -3.88 -0.02
N THR B 234 11.80 -3.50 1.23
CA THR B 234 12.75 -3.72 2.28
C THR B 234 12.75 -5.20 2.60
N THR B 235 13.86 -5.67 3.17
CA THR B 235 14.03 -7.08 3.58
C THR B 235 13.89 -7.34 5.09
N HIS B 236 13.65 -6.29 5.89
CA HIS B 236 13.71 -6.36 7.38
C HIS B 236 12.37 -6.31 8.15
N LYS B 237 11.27 -6.03 7.48
CA LYS B 237 9.99 -6.00 8.18
C LYS B 237 9.38 -7.43 8.20
N ILE B 238 8.19 -7.62 7.66
CA ILE B 238 7.51 -8.91 7.69
C ILE B 238 8.33 -10.04 7.07
N LEU B 239 9.18 -9.71 6.08
CA LEU B 239 10.10 -10.67 5.46
C LEU B 239 11.13 -11.26 6.39
N ARG B 240 11.46 -10.52 7.43
CA ARG B 240 12.30 -11.00 8.53
C ARG B 240 13.77 -11.13 8.11
N GLY B 241 14.20 -10.29 7.17
CA GLY B 241 15.59 -10.28 6.76
C GLY B 241 16.42 -9.27 7.50
N PRO B 242 17.61 -8.95 6.98
CA PRO B 242 18.39 -7.86 7.55
C PRO B 242 17.89 -6.54 7.07
N ARG B 243 18.48 -5.46 7.59
CA ARG B 243 18.15 -4.15 7.07
C ARG B 243 18.79 -3.98 5.68
N SER B 244 17.97 -4.11 4.65
CA SER B 244 18.37 -3.88 3.30
C SER B 244 17.14 -3.74 2.40
N ALA B 245 17.37 -3.56 1.10
CA ALA B 245 16.26 -3.45 0.16
C ALA B 245 16.51 -4.10 -1.20
N LEU B 246 15.41 -4.37 -1.89
CA LEU B 246 15.40 -5.02 -3.19
C LEU B 246 14.63 -4.17 -4.17
N ILE B 247 15.20 -3.93 -5.35
CA ILE B 247 14.45 -3.33 -6.46
C ILE B 247 14.22 -4.39 -7.55
N PHE B 248 12.94 -4.64 -7.84
CA PHE B 248 12.47 -5.52 -8.95
C PHE B 248 11.97 -4.71 -10.14
N PHE B 249 12.34 -5.13 -11.37
CA PHE B 249 11.97 -4.39 -12.58
C PHE B 249 11.48 -5.33 -13.70
N ASN B 250 10.48 -4.90 -14.44
CA ASN B 250 9.81 -5.78 -15.42
C ASN B 250 10.51 -5.61 -16.79
N LYS B 251 11.40 -6.53 -17.14
CA LYS B 251 12.03 -6.52 -18.47
C LYS B 251 11.01 -6.56 -19.61
N LYS B 252 10.09 -7.51 -19.56
CA LYS B 252 9.08 -7.70 -20.64
C LYS B 252 8.28 -6.44 -21.03
N ARG B 253 7.76 -5.73 -20.04
CA ARG B 253 6.96 -4.53 -20.27
C ARG B 253 7.85 -3.36 -20.70
N ASN B 254 9.12 -3.36 -20.25
CA ASN B 254 10.05 -2.24 -20.48
C ASN B 254 11.51 -2.70 -20.74
N PRO B 255 11.80 -3.17 -21.99
CA PRO B 255 13.20 -3.51 -22.26
C PRO B 255 14.07 -2.24 -22.15
N GLY B 256 15.28 -2.40 -21.63
CA GLY B 256 16.12 -1.25 -21.31
C GLY B 256 15.93 -0.63 -19.91
N ILE B 257 14.98 -1.16 -19.13
CA ILE B 257 14.85 -0.78 -17.71
C ILE B 257 15.99 -1.32 -16.85
N GLU B 258 16.46 -2.53 -17.17
CA GLU B 258 17.53 -3.18 -16.40
C GLU B 258 18.75 -2.30 -16.21
N GLN B 259 19.22 -1.69 -17.31
CA GLN B 259 20.42 -0.85 -17.24
C GLN B 259 20.15 0.41 -16.44
N LYS B 260 19.01 1.05 -16.68
CA LYS B 260 18.58 2.24 -15.95
C LYS B 260 18.58 2.09 -14.41
N ILE B 261 18.04 0.97 -13.94
CA ILE B 261 17.97 0.72 -12.52
C ILE B 261 19.33 0.38 -11.94
N ASN B 262 20.08 -0.48 -12.61
CA ASN B 262 21.39 -0.84 -12.11
C ASN B 262 22.33 0.37 -12.08
N SER B 263 22.20 1.27 -13.07
CA SER B 263 23.08 2.43 -13.17
C SER B 263 22.66 3.46 -12.15
N ALA B 264 21.37 3.54 -11.89
CA ALA B 264 20.81 4.37 -10.81
C ALA B 264 21.30 3.97 -9.43
N VAL B 265 21.35 2.67 -9.16
CA VAL B 265 21.87 2.21 -7.88
C VAL B 265 23.36 2.47 -7.81
N PHE B 266 24.10 2.01 -8.84
CA PHE B 266 25.51 2.36 -8.99
C PHE B 266 25.83 2.63 -10.46
N PRO B 267 26.55 3.68 -10.81
CA PRO B 267 27.23 4.58 -9.89
C PRO B 267 26.51 5.94 -9.64
N SER B 268 25.23 6.04 -10.00
CA SER B 268 24.52 7.29 -9.75
C SER B 268 24.49 7.64 -8.23
N PHE B 269 24.06 6.69 -7.39
CA PHE B 269 23.76 6.92 -5.97
C PHE B 269 24.71 6.25 -4.96
N GLN B 270 24.97 4.97 -5.09
CA GLN B 270 25.82 4.27 -4.14
C GLN B 270 27.26 4.06 -4.64
N GLY B 271 28.11 3.66 -3.71
CA GLY B 271 29.47 3.23 -3.96
C GLY B 271 29.53 1.73 -3.78
N GLY B 272 30.44 1.26 -2.92
CA GLY B 272 30.59 -0.15 -2.67
C GLY B 272 29.36 -0.78 -2.02
N PRO B 273 28.94 -1.98 -2.49
CA PRO B 273 27.83 -2.65 -1.81
C PRO B 273 28.27 -3.14 -0.45
N HIS B 274 27.31 -3.44 0.41
CA HIS B 274 27.63 -4.04 1.70
C HIS B 274 27.35 -5.51 1.59
N ASN B 275 28.41 -6.29 1.44
CA ASN B 275 28.27 -7.73 1.16
C ASN B 275 27.80 -8.53 2.32
N ASN B 276 28.00 -8.05 3.54
CA ASN B 276 27.44 -8.72 4.71
C ASN B 276 25.90 -8.67 4.66
N LYS B 277 25.34 -7.55 4.22
CA LYS B 277 23.90 -7.44 3.93
C LYS B 277 23.43 -8.42 2.88
N ILE B 278 24.19 -8.52 1.79
CA ILE B 278 23.78 -9.32 0.65
C ILE B 278 23.75 -10.80 1.05
N ALA B 279 24.82 -11.27 1.67
CA ALA B 279 24.84 -12.58 2.28
C ALA B 279 23.64 -12.82 3.20
N ALA B 280 23.41 -11.91 4.16
CA ALA B 280 22.28 -12.03 5.07
C ALA B 280 20.94 -12.06 4.35
N VAL B 281 20.79 -11.28 3.29
CA VAL B 281 19.54 -11.30 2.54
C VAL B 281 19.37 -12.62 1.84
N ALA B 282 20.48 -13.21 1.37
CA ALA B 282 20.49 -14.52 0.72
C ALA B 282 20.02 -15.57 1.70
N CYS B 283 20.65 -15.61 2.85
CA CYS B 283 20.29 -16.50 3.94
C CYS B 283 18.81 -16.49 4.31
N GLN B 284 18.19 -15.30 4.29
CA GLN B 284 16.78 -15.22 4.65
C GLN B 284 15.88 -15.56 3.47
N LEU B 285 16.26 -15.17 2.26
CA LEU B 285 15.43 -15.47 1.09
C LEU B 285 15.27 -16.97 0.84
N LYS B 286 16.16 -17.79 1.43
CA LYS B 286 16.00 -19.23 1.40
C LYS B 286 14.89 -19.66 2.34
N GLU B 287 14.96 -19.21 3.59
CA GLU B 287 13.87 -19.42 4.56
C GLU B 287 12.52 -18.97 3.98
N VAL B 288 12.49 -17.83 3.29
CA VAL B 288 11.24 -17.29 2.76
C VAL B 288 10.51 -18.28 1.86
N HIS B 289 11.25 -19.01 1.04
CA HIS B 289 10.65 -19.93 0.06
C HIS B 289 10.13 -21.27 0.62
N SER B 290 10.58 -21.65 1.81
CA SER B 290 10.12 -22.86 2.49
C SER B 290 8.62 -22.82 2.80
N PRO B 291 7.98 -24.01 2.94
CA PRO B 291 6.57 -23.99 3.30
C PRO B 291 6.36 -23.56 4.77
N ALA B 292 7.36 -23.82 5.63
CA ALA B 292 7.40 -23.32 7.00
C ALA B 292 7.17 -21.79 7.12
N PHE B 293 7.85 -20.99 6.30
CA PHE B 293 7.71 -19.53 6.36
C PHE B 293 6.32 -19.08 5.92
N LYS B 294 5.73 -19.80 4.95
CA LYS B 294 4.34 -19.54 4.55
C LYS B 294 3.42 -19.79 5.74
N GLU B 295 3.71 -20.82 6.55
CA GLU B 295 2.96 -21.07 7.79
C GLU B 295 3.07 -19.82 8.71
N TYR B 296 4.31 -19.36 8.96
CA TYR B 296 4.57 -18.14 9.76
C TYR B 296 3.74 -16.94 9.29
N THR B 297 3.80 -16.66 7.99
CA THR B 297 3.09 -15.54 7.38
C THR B 297 1.58 -15.63 7.55
N GLN B 298 1.03 -16.84 7.36
CA GLN B 298 -0.41 -17.11 7.53
C GLN B 298 -0.81 -16.79 8.96
N GLN B 299 0.01 -17.25 9.90
CA GLN B 299 -0.15 -16.93 11.32
C GLN B 299 -0.17 -15.40 11.61
N VAL B 300 0.60 -14.62 10.84
CA VAL B 300 0.64 -13.16 11.01
C VAL B 300 -0.76 -12.60 10.73
N LEU B 301 -1.37 -13.09 9.65
CA LEU B 301 -2.71 -12.68 9.29
C LEU B 301 -3.73 -13.19 10.31
N LEU B 302 -3.58 -14.43 10.77
CA LEU B 302 -4.53 -15.00 11.75
C LEU B 302 -4.49 -14.11 12.99
N ASN B 303 -3.30 -13.84 13.51
CA ASN B 303 -3.11 -13.00 14.70
C ASN B 303 -3.64 -11.60 14.54
N SER B 304 -3.46 -11.02 13.37
CA SER B 304 -3.93 -9.67 13.12
C SER B 304 -5.45 -9.57 13.04
N LYS B 305 -6.07 -10.58 12.43
CA LYS B 305 -7.53 -10.66 12.33
C LYS B 305 -8.12 -10.80 13.73
N ALA B 306 -7.58 -11.77 14.49
CA ALA B 306 -7.96 -11.97 15.88
C ALA B 306 -7.74 -10.74 16.75
N LEU B 307 -6.63 -10.02 16.50
CA LEU B 307 -6.34 -8.83 17.27
C LEU B 307 -7.33 -7.73 16.98
N ALA B 308 -7.64 -7.59 15.70
CA ALA B 308 -8.66 -6.63 15.24
C ALA B 308 -9.99 -6.92 15.91
N LYS B 309 -10.40 -8.19 15.81
CA LYS B 309 -11.66 -8.70 16.39
C LYS B 309 -11.76 -8.41 17.90
N ALA B 310 -10.69 -8.69 18.63
CA ALA B 310 -10.71 -8.56 20.10
C ALA B 310 -10.76 -7.10 20.52
N LEU B 311 -10.09 -6.20 19.79
CA LEU B 311 -10.21 -4.77 20.05
C LEU B 311 -11.62 -4.20 19.74
N ILE B 312 -12.26 -4.74 18.70
CA ILE B 312 -13.63 -4.37 18.37
C ILE B 312 -14.60 -4.91 19.43
N SER B 313 -14.34 -6.11 19.94
CA SER B 313 -15.09 -6.67 21.07
C SER B 313 -15.05 -5.81 22.33
N LYS B 314 -13.91 -5.12 22.54
CA LYS B 314 -13.74 -4.13 23.61
C LYS B 314 -14.07 -2.70 23.18
N GLN B 315 -14.84 -2.55 22.10
CA GLN B 315 -15.34 -1.25 21.64
C GLN B 315 -14.27 -0.24 21.19
N ILE B 316 -13.08 -0.71 20.81
CA ILE B 316 -12.06 0.15 20.21
C ILE B 316 -12.29 0.16 18.67
N ASP B 317 -12.32 1.39 18.10
CA ASP B 317 -12.48 1.62 16.66
C ASP B 317 -11.17 1.53 15.87
N LEU B 318 -11.24 0.82 14.73
CA LEU B 318 -10.12 0.62 13.84
C LEU B 318 -10.37 1.34 12.52
N VAL B 319 -9.32 1.92 11.95
CA VAL B 319 -9.44 2.58 10.64
C VAL B 319 -9.78 1.48 9.63
N THR B 320 -10.76 1.78 8.78
CA THR B 320 -11.42 0.82 7.88
C THR B 320 -12.19 -0.31 8.58
N ASN B 321 -12.37 -0.20 9.91
CA ASN B 321 -13.01 -1.22 10.76
C ASN B 321 -12.44 -2.62 10.68
N GLY B 322 -11.18 -2.75 10.32
CA GLY B 322 -10.56 -4.07 10.23
C GLY B 322 -9.27 -4.02 9.45
N THR B 323 -8.81 -5.20 9.09
CA THR B 323 -7.54 -5.35 8.41
C THR B 323 -7.52 -6.57 7.46
N ASP B 324 -6.84 -6.43 6.33
CA ASP B 324 -6.56 -7.58 5.44
C ASP B 324 -5.15 -8.07 5.55
N ASN B 325 -4.35 -7.38 6.37
CA ASN B 325 -2.94 -7.69 6.46
C ASN B 325 -2.48 -7.75 7.94
N HIS B 326 -1.18 -7.57 8.12
CA HIS B 326 -0.45 -7.60 9.39
C HIS B 326 -0.69 -6.43 10.35
N LEU B 327 -1.36 -5.38 9.91
CA LEU B 327 -1.43 -4.19 10.72
C LEU B 327 -2.82 -3.62 10.91
N ILE B 328 -2.97 -2.96 12.05
CA ILE B 328 -4.21 -2.31 12.45
C ILE B 328 -3.84 -0.89 12.75
N VAL B 329 -4.71 0.05 12.40
CA VAL B 329 -4.57 1.43 12.88
C VAL B 329 -5.76 1.65 13.82
N VAL B 330 -5.50 2.07 15.07
CA VAL B 330 -6.55 2.29 16.07
C VAL B 330 -6.88 3.76 16.08
N ASP B 331 -8.18 4.07 15.93
CA ASP B 331 -8.72 5.44 15.98
C ASP B 331 -9.06 5.79 17.43
N LEU B 332 -8.34 6.74 18.02
CA LEU B 332 -8.48 7.09 19.45
C LEU B 332 -9.37 8.31 19.73
N ARG B 333 -10.15 8.79 18.75
CA ARG B 333 -10.95 10.00 18.94
C ARG B 333 -12.03 9.88 20.02
N LYS B 334 -12.66 8.72 20.18
CA LYS B 334 -13.73 8.56 21.18
C LYS B 334 -13.25 8.59 22.63
N PHE B 335 -11.94 8.48 22.86
CA PHE B 335 -11.37 8.57 24.17
C PHE B 335 -10.76 9.96 24.46
N SER B 336 -10.67 10.81 23.43
CA SER B 336 -10.13 12.17 23.53
C SER B 336 -8.65 12.22 23.96
N ILE B 337 -7.90 11.19 23.55
CA ILE B 337 -6.46 11.14 23.75
C ILE B 337 -5.73 11.02 22.41
N THR B 338 -4.56 11.64 22.33
CA THR B 338 -3.72 11.60 21.13
C THR B 338 -2.97 10.27 21.10
N GLY B 339 -2.42 9.92 19.94
CA GLY B 339 -1.58 8.73 19.81
C GLY B 339 -0.26 8.88 20.54
N SER B 340 0.25 10.10 20.58
CA SER B 340 1.49 10.40 21.32
C SER B 340 1.42 10.02 22.80
N LYS B 341 0.32 10.36 23.45
CA LYS B 341 0.11 10.01 24.88
C LYS B 341 0.06 8.52 25.12
N LEU B 342 -0.65 7.78 24.26
CA LEU B 342 -0.74 6.32 24.37
C LEU B 342 0.59 5.65 24.06
N GLN B 343 1.35 6.22 23.13
CA GLN B 343 2.71 5.71 22.85
C GLN B 343 3.61 5.82 24.10
N GLU B 344 3.50 6.92 24.84
CA GLU B 344 4.28 7.11 26.09
C GLU B 344 3.81 6.12 27.15
N THR B 345 2.50 6.05 27.33
CA THR B 345 1.92 5.10 28.28
C THR B 345 2.33 3.67 27.97
N CYS B 346 2.27 3.30 26.70
CA CYS B 346 2.63 1.96 26.29
C CYS B 346 4.13 1.74 26.47
N ASN B 347 4.95 2.75 26.19
CA ASN B 347 6.41 2.59 26.43
C ASN B 347 6.66 2.27 27.92
N ALA B 348 5.93 2.95 28.82
CA ALA B 348 6.03 2.70 30.29
C ALA B 348 5.65 1.30 30.73
N ILE B 349 4.86 0.58 29.93
CA ILE B 349 4.54 -0.81 30.26
C ILE B 349 5.25 -1.85 29.40
N ASN B 350 6.33 -1.43 28.72
CA ASN B 350 7.04 -2.23 27.73
C ASN B 350 6.15 -2.74 26.57
N VAL B 351 5.32 -1.82 26.08
CA VAL B 351 4.52 -2.07 24.87
C VAL B 351 5.04 -1.10 23.82
N SER B 352 5.61 -1.67 22.76
CA SER B 352 6.12 -0.87 21.65
C SER B 352 5.10 -0.71 20.53
N LEU B 353 4.68 0.53 20.31
CA LEU B 353 3.84 0.85 19.17
C LEU B 353 4.18 2.27 18.69
N ASN B 354 3.54 2.75 17.63
CA ASN B 354 3.76 4.12 17.21
C ASN B 354 2.49 4.88 16.95
N LYS B 355 2.61 6.19 17.18
CA LYS B 355 1.56 7.12 16.85
C LYS B 355 1.42 7.13 15.35
N ASN B 356 0.22 7.40 14.89
CA ASN B 356 -0.09 7.29 13.47
C ASN B 356 -1.28 8.16 13.17
N THR B 357 -1.21 8.89 12.08
CA THR B 357 -2.36 9.68 11.62
C THR B 357 -3.57 8.80 11.24
N ILE B 358 -4.74 9.43 11.20
CA ILE B 358 -5.96 8.81 10.70
C ILE B 358 -6.55 9.79 9.67
N PRO B 359 -7.57 9.36 8.89
CA PRO B 359 -8.13 10.22 7.83
C PRO B 359 -8.55 11.61 8.27
N SER B 360 -9.23 11.72 9.41
CA SER B 360 -9.71 13.02 9.92
C SER B 360 -8.59 14.03 10.27
N ASP B 361 -7.37 13.56 10.60
CA ASP B 361 -6.27 14.47 10.94
C ASP B 361 -5.89 15.30 9.72
N VAL B 362 -6.08 16.61 9.82
CA VAL B 362 -5.74 17.56 8.76
C VAL B 362 -4.21 17.60 8.56
N ASP B 363 -3.49 17.79 9.67
CA ASP B 363 -2.03 17.84 9.71
C ASP B 363 -1.41 16.56 10.29
N CYS B 364 -0.08 16.50 10.25
CA CYS B 364 0.72 15.46 10.94
C CYS B 364 1.16 15.85 12.39
N VAL B 365 0.71 17.02 12.87
CA VAL B 365 1.13 17.58 14.18
C VAL B 365 0.59 16.83 15.39
N SER B 366 -0.68 16.41 15.32
CA SER B 366 -1.36 15.69 16.40
C SER B 366 -2.06 14.43 15.85
N PRO B 367 -1.29 13.34 15.60
CA PRO B 367 -1.93 12.12 15.07
C PRO B 367 -2.85 11.48 16.10
N SER B 368 -4.04 11.09 15.63
CA SER B 368 -5.09 10.66 16.53
C SER B 368 -5.20 9.14 16.64
N GLY B 369 -4.15 8.40 16.27
CA GLY B 369 -4.18 6.95 16.36
C GLY B 369 -2.87 6.36 16.70
N VAL B 370 -2.86 5.05 16.82
CA VAL B 370 -1.65 4.32 16.89
C VAL B 370 -1.74 3.21 15.87
N ARG B 371 -0.58 2.77 15.41
CA ARG B 371 -0.50 1.65 14.53
C ARG B 371 0.17 0.54 15.30
N ILE B 372 -0.38 -0.65 15.14
CA ILE B 372 0.13 -1.86 15.70
C ILE B 372 0.22 -2.93 14.60
N GLY B 373 1.03 -3.95 14.83
CA GLY B 373 1.04 -5.08 13.92
C GLY B 373 1.64 -6.27 14.59
N THR B 374 1.43 -7.43 13.99
CA THR B 374 1.76 -8.74 14.54
C THR B 374 3.02 -9.51 14.12
N PRO B 375 3.77 -9.05 13.09
CA PRO B 375 4.90 -9.92 12.69
C PRO B 375 5.90 -10.26 13.80
N ALA B 376 6.28 -9.25 14.58
CA ALA B 376 7.24 -9.44 15.69
C ALA B 376 6.78 -10.51 16.68
N MET B 377 5.58 -10.32 17.24
CA MET B 377 5.02 -11.23 18.24
C MET B 377 4.65 -12.59 17.68
N THR B 378 4.28 -12.61 16.40
CA THR B 378 4.08 -13.86 15.71
C THR B 378 5.38 -14.60 15.57
N THR B 379 6.48 -13.89 15.35
CA THR B 379 7.81 -14.52 15.35
C THR B 379 8.13 -15.09 16.74
N ARG B 380 7.72 -14.38 17.78
CA ARG B 380 7.99 -14.85 19.15
C ARG B 380 7.06 -15.96 19.65
N GLY B 381 6.08 -16.36 18.83
CA GLY B 381 5.31 -17.59 19.03
C GLY B 381 3.88 -17.42 19.49
N ALA B 382 3.44 -16.16 19.66
CA ALA B 382 2.06 -15.85 20.01
C ALA B 382 1.07 -16.39 18.97
N LYS B 383 0.02 -17.08 19.45
CA LYS B 383 -1.07 -17.61 18.62
C LYS B 383 -2.31 -16.73 18.77
N GLU B 384 -3.39 -17.12 18.08
CA GLU B 384 -4.66 -16.35 18.13
C GLU B 384 -5.19 -16.10 19.52
N LYS B 385 -5.07 -17.11 20.37
CA LYS B 385 -5.51 -17.07 21.79
C LYS B 385 -4.85 -15.94 22.59
N ASP B 386 -3.59 -15.68 22.26
CA ASP B 386 -2.76 -14.67 22.94
C ASP B 386 -3.14 -13.23 22.62
N MET B 387 -3.88 -13.02 21.54
CA MET B 387 -4.24 -11.68 21.10
C MET B 387 -5.24 -11.00 22.03
N GLU B 388 -6.10 -11.77 22.70
CA GLU B 388 -7.01 -11.22 23.70
C GLU B 388 -6.20 -10.53 24.81
N PHE B 389 -5.12 -11.17 25.26
CA PHE B 389 -4.24 -10.56 26.25
C PHE B 389 -3.62 -9.25 25.76
N ILE B 390 -3.20 -9.20 24.48
CA ILE B 390 -2.61 -7.98 23.96
C ILE B 390 -3.68 -6.90 23.88
N ALA B 391 -4.83 -7.28 23.36
CA ALA B 391 -5.97 -6.40 23.30
C ALA B 391 -6.38 -5.88 24.70
N ASP B 392 -6.39 -6.77 25.70
CA ASP B 392 -6.63 -6.39 27.14
C ASP B 392 -5.63 -5.35 27.66
N VAL B 393 -4.33 -5.60 27.47
CA VAL B 393 -3.28 -4.68 27.90
C VAL B 393 -3.43 -3.34 27.20
N LEU B 394 -3.75 -3.35 25.90
CA LEU B 394 -3.95 -2.08 25.17
C LEU B 394 -5.18 -1.31 25.61
N ALA B 395 -6.28 -2.02 25.87
CA ALA B 395 -7.47 -1.40 26.46
C ALA B 395 -7.14 -0.75 27.83
N ARG B 396 -6.41 -1.51 28.66
CA ARG B 396 -6.04 -1.03 30.01
C ARG B 396 -5.14 0.19 29.91
N ALA B 397 -4.24 0.23 28.93
CA ALA B 397 -3.37 1.40 28.68
C ALA B 397 -4.14 2.59 28.22
N ILE B 398 -5.15 2.35 27.39
CA ILE B 398 -6.00 3.43 26.93
C ILE B 398 -6.77 4.02 28.13
N LYS B 399 -7.32 3.15 28.96
CA LYS B 399 -8.00 3.63 30.17
C LYS B 399 -7.08 4.47 31.09
N ILE B 400 -5.89 3.96 31.37
CA ILE B 400 -4.90 4.66 32.21
C ILE B 400 -4.51 6.01 31.64
N THR B 401 -4.30 6.04 30.32
CA THR B 401 -4.01 7.27 29.59
C THR B 401 -5.13 8.27 29.75
N VAL B 402 -6.37 7.79 29.74
CA VAL B 402 -7.53 8.68 29.95
C VAL B 402 -7.54 9.22 31.40
N ASP B 403 -7.30 8.34 32.38
CA ASP B 403 -7.18 8.72 33.79
C ASP B 403 -6.11 9.80 34.01
N LEU B 404 -4.88 9.50 33.56
CA LEU B 404 -3.74 10.40 33.70
C LEU B 404 -3.97 11.77 33.04
N GLN B 405 -4.62 11.78 31.89
CA GLN B 405 -4.97 13.02 31.22
C GLN B 405 -5.95 13.87 32.06
N GLU B 406 -6.90 13.22 32.70
CA GLU B 406 -7.87 13.90 33.57
C GLU B 406 -7.16 14.61 34.73
N GLN B 407 -6.29 13.87 35.40
CA GLN B 407 -5.53 14.36 36.55
C GLN B 407 -4.54 15.49 36.18
N TYR B 408 -3.68 15.23 35.19
CA TYR B 408 -2.57 16.15 34.87
C TYR B 408 -2.82 17.11 33.70
N GLY B 409 -3.89 16.91 32.93
CA GLY B 409 -4.20 17.76 31.77
C GLY B 409 -3.66 17.25 30.43
N LYS B 410 -4.05 17.96 29.36
CA LYS B 410 -3.82 17.52 27.97
C LYS B 410 -2.48 17.94 27.35
N LYS B 411 -1.67 18.73 28.06
CA LYS B 411 -0.32 19.03 27.61
C LYS B 411 0.57 17.79 27.79
N LEU B 412 1.40 17.49 26.78
CA LEU B 412 2.25 16.29 26.80
C LEU B 412 3.28 16.35 27.92
N VAL B 413 3.87 17.52 28.14
CA VAL B 413 4.89 17.68 29.19
C VAL B 413 4.27 17.40 30.58
N ASP B 414 3.07 17.93 30.79
CA ASP B 414 2.28 17.67 32.00
C ASP B 414 1.91 16.19 32.09
N PHE B 415 1.37 15.64 30.99
CA PHE B 415 0.90 14.26 30.96
C PHE B 415 1.96 13.30 31.47
N LYS B 416 3.18 13.42 30.91
CA LYS B 416 4.33 12.59 31.29
C LYS B 416 4.68 12.60 32.77
N LYS B 417 4.45 13.71 33.48
CA LYS B 417 4.74 13.77 34.94
C LYS B 417 3.89 12.78 35.70
N GLY B 418 2.67 12.52 35.23
CA GLY B 418 1.82 11.50 35.82
C GLY B 418 2.34 10.08 35.68
N LEU B 419 3.24 9.85 34.73
CA LEU B 419 3.63 8.50 34.29
C LEU B 419 4.57 7.79 35.24
N PRO B 420 5.71 8.44 35.63
CA PRO B 420 6.61 7.72 36.52
C PRO B 420 5.98 7.57 37.90
N GLY B 421 6.13 6.36 38.45
CA GLY B 421 5.56 6.05 39.75
C GLY B 421 4.14 5.50 39.78
N ASN B 422 3.32 5.80 38.75
CA ASN B 422 1.91 5.37 38.70
C ASN B 422 1.82 3.87 38.98
N ALA B 423 1.00 3.54 39.98
CA ALA B 423 0.90 2.19 40.51
C ALA B 423 0.43 1.20 39.47
N GLN B 424 -0.63 1.54 38.73
CA GLN B 424 -1.23 0.61 37.74
C GLN B 424 -0.29 0.31 36.57
N LEU B 425 0.44 1.34 36.13
CA LEU B 425 1.46 1.15 35.10
C LEU B 425 2.53 0.18 35.54
N GLN B 426 3.05 0.38 36.76
CA GLN B 426 4.04 -0.55 37.35
C GLN B 426 3.49 -1.97 37.38
N GLN B 427 2.21 -2.07 37.74
CA GLN B 427 1.48 -3.33 37.78
C GLN B 427 1.34 -3.95 36.37
N LEU B 428 0.97 -3.13 35.41
CA LEU B 428 0.76 -3.59 34.04
C LEU B 428 2.11 -3.88 33.36
N LYS B 429 3.09 -3.01 33.56
CA LYS B 429 4.48 -3.29 33.16
C LYS B 429 4.93 -4.68 33.61
N GLN B 430 4.67 -4.99 34.87
CA GLN B 430 5.10 -6.26 35.45
C GLN B 430 4.38 -7.44 34.78
N GLU B 431 3.08 -7.30 34.55
CA GLU B 431 2.31 -8.29 33.78
C GLU B 431 2.86 -8.51 32.36
N VAL B 432 3.21 -7.41 31.69
CA VAL B 432 3.79 -7.47 30.32
C VAL B 432 5.13 -8.20 30.33
N VAL B 433 6.03 -7.76 31.23
CA VAL B 433 7.36 -8.37 31.37
C VAL B 433 7.26 -9.88 31.57
N THR B 434 6.36 -10.31 32.46
CA THR B 434 6.27 -11.72 32.83
C THR B 434 5.78 -12.57 31.67
N TRP B 435 4.85 -12.05 30.87
CA TRP B 435 4.39 -12.77 29.69
C TRP B 435 5.42 -12.69 28.55
N ALA B 436 5.99 -11.52 28.32
CA ALA B 436 6.98 -11.28 27.24
C ALA B 436 8.31 -12.05 27.44
N GLY B 437 8.87 -11.94 28.65
CA GLY B 437 10.14 -12.61 28.98
C GLY B 437 10.15 -14.12 28.82
N ALA B 438 8.98 -14.74 28.92
CA ALA B 438 8.81 -16.19 28.76
C ALA B 438 8.91 -16.65 27.31
N LEU B 439 8.31 -15.88 26.40
CA LEU B 439 8.20 -16.22 24.97
C LEU B 439 9.54 -16.54 24.30
N PRO B 440 9.54 -17.48 23.32
CA PRO B 440 10.74 -17.75 22.52
C PRO B 440 11.36 -16.50 21.88
N PHE B 441 12.69 -16.50 21.82
CA PHE B 441 13.46 -15.33 21.43
C PHE B 441 14.62 -15.84 20.56
N PRO B 442 14.67 -15.44 19.28
CA PRO B 442 15.86 -15.80 18.49
C PRO B 442 17.09 -14.99 18.93
N MET C 1 -77.24 7.56 18.14
CA MET C 1 -76.64 6.67 19.18
C MET C 1 -75.19 6.22 18.83
N PHE C 2 -74.31 7.20 18.67
CA PHE C 2 -72.90 6.95 18.29
C PHE C 2 -71.93 7.96 18.90
N ASN C 3 -70.65 7.59 18.94
CA ASN C 3 -69.57 8.47 19.43
C ASN C 3 -68.83 9.16 18.28
N ASN C 4 -69.00 10.48 18.16
CA ASN C 4 -68.32 11.26 17.11
C ASN C 4 -67.07 12.02 17.59
N GLU C 5 -66.56 11.66 18.78
CA GLU C 5 -65.26 12.15 19.25
C GLU C 5 -64.16 11.83 18.21
N PRO C 6 -63.30 12.82 17.88
CA PRO C 6 -62.15 12.59 16.99
C PRO C 6 -61.22 11.46 17.41
N LEU C 7 -60.46 10.94 16.43
CA LEU C 7 -59.61 9.76 16.60
C LEU C 7 -58.64 9.89 17.79
N GLU C 8 -57.99 11.05 17.89
CA GLU C 8 -57.09 11.35 19.01
C GLU C 8 -57.78 11.13 20.37
N GLN C 9 -59.01 11.61 20.48
CA GLN C 9 -59.79 11.47 21.72
C GLN C 9 -60.35 10.07 21.92
N ILE C 10 -61.11 9.56 20.94
CA ILE C 10 -61.73 8.23 21.05
C ILE C 10 -60.71 7.13 21.32
N ASP C 11 -59.57 7.19 20.64
CA ASP C 11 -58.53 6.20 20.83
C ASP C 11 -57.15 6.83 20.73
N LYS C 12 -56.68 7.32 21.88
CA LYS C 12 -55.35 7.90 21.96
C LYS C 12 -54.28 6.83 21.71
N GLU C 13 -54.46 5.61 22.20
CA GLU C 13 -53.48 4.53 21.96
C GLU C 13 -53.13 4.33 20.48
N LEU C 14 -54.18 4.18 19.66
CA LEU C 14 -54.04 3.95 18.21
C LEU C 14 -53.45 5.17 17.55
N HIS C 15 -53.94 6.34 17.94
CA HIS C 15 -53.56 7.60 17.29
C HIS C 15 -52.09 7.89 17.39
N ASP C 16 -51.46 7.42 18.47
CA ASP C 16 -50.03 7.65 18.68
C ASP C 16 -49.20 6.87 17.71
N ILE C 17 -49.55 5.59 17.54
CA ILE C 17 -48.84 4.70 16.64
C ILE C 17 -48.91 5.26 15.22
N LEU C 18 -50.10 5.72 14.82
CA LEU C 18 -50.28 6.33 13.49
C LEU C 18 -49.45 7.59 13.31
N ALA C 19 -49.37 8.42 14.36
CA ALA C 19 -48.46 9.57 14.31
C ALA C 19 -46.99 9.11 14.22
N ASP C 20 -46.67 8.00 14.88
CA ASP C 20 -45.34 7.40 14.79
C ASP C 20 -45.06 6.86 13.38
N GLU C 21 -46.01 6.09 12.82
CA GLU C 21 -45.92 5.57 11.45
C GLU C 21 -45.62 6.69 10.45
N GLU C 22 -46.33 7.78 10.58
CA GLU C 22 -46.18 8.99 9.75
C GLU C 22 -44.80 9.66 9.89
N LYS C 23 -44.28 9.69 11.10
CA LYS C 23 -42.92 10.18 11.35
C LYS C 23 -41.87 9.29 10.64
N ARG C 24 -41.97 7.97 10.83
CA ARG C 24 -41.06 7.05 10.15
C ARG C 24 -41.15 7.18 8.59
N GLN C 25 -42.34 7.39 8.03
CA GLN C 25 -42.47 7.56 6.57
C GLN C 25 -41.78 8.83 6.06
N ARG C 26 -41.89 9.87 6.86
CA ARG C 26 -41.31 11.17 6.55
C ARG C 26 -39.79 11.17 6.64
N GLU C 27 -39.23 10.25 7.44
CA GLU C 27 -37.80 10.22 7.74
C GLU C 27 -37.14 8.93 7.27
N THR C 28 -37.68 8.38 6.18
CA THR C 28 -37.18 7.15 5.57
C THR C 28 -36.79 7.47 4.13
N ILE C 29 -35.69 6.88 3.67
CA ILE C 29 -35.42 6.77 2.25
C ILE C 29 -36.11 5.47 1.81
N ASN C 30 -37.30 5.63 1.22
CA ASN C 30 -38.12 4.48 0.84
C ASN C 30 -37.79 4.08 -0.61
N LEU C 31 -37.14 2.93 -0.75
CA LEU C 31 -36.79 2.39 -2.08
C LEU C 31 -37.58 1.13 -2.38
N ILE C 32 -38.73 0.92 -1.74
CA ILE C 32 -39.56 -0.28 -2.04
C ILE C 32 -40.17 -0.04 -3.42
N ALA C 33 -39.87 -0.91 -4.36
CA ALA C 33 -40.21 -0.63 -5.76
C ALA C 33 -41.73 -0.51 -5.97
N SER C 34 -42.49 -1.27 -5.18
CA SER C 34 -43.96 -1.28 -5.20
C SER C 34 -44.65 -0.25 -4.32
N GLU C 35 -43.93 0.67 -3.67
CA GLU C 35 -44.58 1.66 -2.80
C GLU C 35 -44.58 3.05 -3.39
N ASN C 36 -45.50 3.86 -2.91
CA ASN C 36 -45.59 5.29 -3.31
C ASN C 36 -46.23 6.07 -2.17
N LEU C 37 -46.58 7.32 -2.39
CA LEU C 37 -47.25 8.12 -1.39
C LEU C 37 -48.45 8.80 -2.02
N THR C 38 -49.63 8.51 -1.49
CA THR C 38 -50.88 9.10 -1.94
C THR C 38 -51.01 10.54 -1.51
N ASN C 39 -51.58 11.37 -2.39
CA ASN C 39 -51.89 12.77 -2.03
C ASN C 39 -53.13 12.86 -1.14
N GLY C 40 -53.44 14.07 -0.67
CA GLY C 40 -54.60 14.33 0.18
C GLY C 40 -55.95 14.03 -0.47
N ALA C 41 -56.11 14.25 -1.77
CA ALA C 41 -57.40 14.02 -2.44
C ALA C 41 -57.78 12.54 -2.48
N VAL C 42 -56.79 11.71 -2.77
CA VAL C 42 -56.94 10.25 -2.74
C VAL C 42 -57.31 9.77 -1.33
N ARG C 43 -56.61 10.27 -0.31
CA ARG C 43 -56.94 9.91 1.07
C ARG C 43 -58.29 10.46 1.59
N GLU C 44 -58.74 11.60 1.07
CA GLU C 44 -60.11 12.10 1.33
C GLU C 44 -61.20 11.19 0.79
N CYS C 45 -60.97 10.63 -0.40
CA CYS C 45 -61.89 9.65 -0.98
C CYS C 45 -61.98 8.39 -0.16
N LEU C 46 -60.81 7.92 0.30
CA LEU C 46 -60.74 6.69 1.05
C LEU C 46 -61.45 6.77 2.38
N GLY C 47 -61.51 7.96 2.97
CA GLY C 47 -62.29 8.20 4.19
C GLY C 47 -63.71 8.74 3.99
N ASN C 48 -64.26 8.62 2.78
CA ASN C 48 -65.57 9.19 2.47
C ASN C 48 -66.69 8.24 2.88
N ARG C 49 -67.84 8.79 3.24
CA ARG C 49 -69.04 7.98 3.62
C ARG C 49 -69.63 7.13 2.47
N VAL C 50 -69.09 7.26 1.27
CA VAL C 50 -69.47 6.38 0.17
C VAL C 50 -69.23 4.87 0.43
N SER C 51 -68.31 4.54 1.36
CA SER C 51 -68.11 3.14 1.80
C SER C 51 -69.20 2.57 2.72
N ASN C 52 -70.18 3.38 3.10
CA ASN C 52 -71.39 2.89 3.79
C ASN C 52 -72.36 2.15 2.85
N LYS C 53 -72.17 2.24 1.54
CA LYS C 53 -73.16 1.75 0.62
C LYS C 53 -72.84 0.38 0.08
N TYR C 54 -73.80 -0.55 0.24
CA TYR C 54 -73.76 -1.88 -0.39
C TYR C 54 -74.28 -1.76 -1.82
N SER C 55 -73.46 -2.12 -2.80
CA SER C 55 -73.83 -1.93 -4.19
C SER C 55 -73.43 -3.11 -5.06
N GLU C 56 -73.75 -4.31 -4.59
CA GLU C 56 -73.46 -5.56 -5.32
C GLU C 56 -74.00 -5.56 -6.73
N GLY C 57 -73.21 -6.05 -7.66
CA GLY C 57 -73.55 -6.04 -9.08
C GLY C 57 -72.73 -5.03 -9.84
N TYR C 58 -73.31 -4.49 -10.92
CA TYR C 58 -72.65 -3.50 -11.81
C TYR C 58 -73.56 -2.29 -12.02
N PRO C 59 -73.01 -1.17 -12.57
CA PRO C 59 -73.86 0.02 -12.71
C PRO C 59 -75.15 -0.22 -13.50
N LYS C 60 -76.24 0.33 -12.96
CA LYS C 60 -77.63 0.07 -13.37
C LYS C 60 -78.19 -1.22 -12.76
N LYS C 61 -77.52 -2.34 -13.04
CA LYS C 61 -78.00 -3.67 -12.66
C LYS C 61 -77.52 -4.03 -11.26
N ARG C 62 -77.97 -3.25 -10.28
CA ARG C 62 -77.60 -3.46 -8.90
C ARG C 62 -78.65 -4.38 -8.34
N TYR C 63 -78.41 -4.87 -7.14
CA TYR C 63 -79.36 -5.68 -6.46
C TYR C 63 -80.21 -4.81 -5.57
N TYR C 64 -79.70 -3.62 -5.23
CA TYR C 64 -80.50 -2.61 -4.52
C TYR C 64 -80.52 -1.31 -5.30
N GLY C 65 -81.47 -0.44 -4.97
CA GLY C 65 -81.50 0.93 -5.48
C GLY C 65 -80.71 1.81 -4.54
N GLY C 66 -80.92 3.12 -4.67
CA GLY C 66 -80.18 4.10 -3.86
C GLY C 66 -78.72 4.18 -4.28
N ASN C 67 -78.44 3.69 -5.49
CA ASN C 67 -77.11 3.52 -6.02
C ASN C 67 -76.92 4.40 -7.25
N ASP C 68 -77.66 5.51 -7.31
CA ASP C 68 -77.57 6.46 -8.41
C ASP C 68 -76.23 7.18 -8.39
N PHE C 69 -75.81 7.67 -7.24
CA PHE C 69 -74.54 8.40 -7.14
C PHE C 69 -73.34 7.44 -7.18
N ILE C 70 -73.49 6.26 -6.58
CA ILE C 70 -72.50 5.17 -6.73
C ILE C 70 -72.30 4.76 -8.18
N ASP C 71 -73.40 4.66 -8.95
CA ASP C 71 -73.29 4.34 -10.39
C ASP C 71 -72.51 5.37 -11.21
N LYS C 72 -72.67 6.65 -10.90
CA LYS C 72 -71.93 7.70 -11.64
C LYS C 72 -70.43 7.59 -11.34
N ILE C 73 -70.12 7.46 -10.06
CA ILE C 73 -68.74 7.22 -9.62
C ILE C 73 -68.14 6.00 -10.29
N GLU C 74 -68.80 4.85 -10.24
CA GLU C 74 -68.23 3.64 -10.86
C GLU C 74 -68.08 3.77 -12.38
N GLU C 75 -68.95 4.53 -13.05
CA GLU C 75 -68.85 4.76 -14.54
C GLU C 75 -67.80 5.85 -14.89
N LEU C 76 -67.72 6.87 -14.06
CA LEU C 76 -66.60 7.80 -14.10
C LEU C 76 -65.23 7.13 -13.91
N CYS C 77 -65.15 6.07 -13.09
CA CYS C 77 -63.89 5.35 -12.87
C CYS C 77 -63.47 4.58 -14.10
N GLN C 78 -64.41 3.80 -14.64
CA GLN C 78 -64.16 2.96 -15.85
C GLN C 78 -63.74 3.80 -17.05
N LYS C 79 -64.50 4.87 -17.29
CA LYS C 79 -64.20 5.85 -18.33
C LYS C 79 -62.77 6.38 -18.18
N ARG C 80 -62.48 7.00 -17.04
CA ARG C 80 -61.15 7.58 -16.75
C ARG C 80 -60.01 6.57 -16.83
N ALA C 81 -60.30 5.28 -16.63
CA ALA C 81 -59.29 4.21 -16.74
C ALA C 81 -58.94 3.85 -18.18
N LEU C 82 -59.98 3.78 -18.99
CA LEU C 82 -59.85 3.52 -20.42
C LEU C 82 -59.11 4.67 -21.13
N GLU C 83 -59.48 5.89 -20.80
CA GLU C 83 -58.75 7.06 -21.28
C GLU C 83 -57.29 7.02 -20.85
N ALA C 84 -57.03 6.71 -19.58
CA ALA C 84 -55.68 6.79 -19.03
C ALA C 84 -54.74 5.87 -19.76
N PHE C 85 -55.20 4.65 -20.03
CA PHE C 85 -54.40 3.65 -20.76
C PHE C 85 -54.64 3.61 -22.28
N ASN C 86 -55.15 4.72 -22.84
CA ASN C 86 -55.12 4.92 -24.30
C ASN C 86 -55.82 3.80 -25.07
N VAL C 87 -57.04 3.48 -24.65
CA VAL C 87 -57.84 2.43 -25.28
C VAL C 87 -59.24 2.97 -25.52
N SER C 88 -59.87 2.44 -26.56
CA SER C 88 -61.21 2.86 -26.96
C SER C 88 -62.23 2.04 -26.18
N ASP C 89 -63.20 2.72 -25.56
CA ASP C 89 -64.28 2.03 -24.85
C ASP C 89 -65.16 1.14 -25.75
N GLU C 90 -64.94 1.22 -27.06
CA GLU C 90 -65.61 0.33 -28.02
C GLU C 90 -64.80 -0.97 -28.18
N GLU C 91 -63.48 -0.91 -28.04
CA GLU C 91 -62.58 -2.10 -28.16
C GLU C 91 -62.17 -2.78 -26.81
N TRP C 92 -62.11 -1.98 -25.74
CA TRP C 92 -61.67 -2.48 -24.42
C TRP C 92 -62.72 -2.25 -23.38
N GLY C 93 -62.83 -3.20 -22.46
CA GLY C 93 -63.59 -2.98 -21.22
C GLY C 93 -62.71 -3.05 -19.98
N VAL C 94 -63.21 -2.42 -18.91
CA VAL C 94 -62.53 -2.39 -17.62
C VAL C 94 -63.48 -2.72 -16.47
N ASN C 95 -63.05 -3.62 -15.59
CA ASN C 95 -63.73 -3.86 -14.30
C ASN C 95 -62.93 -3.16 -13.14
N VAL C 96 -63.60 -2.32 -12.38
CA VAL C 96 -62.95 -1.47 -11.35
C VAL C 96 -63.22 -1.95 -9.90
N GLN C 97 -63.77 -3.16 -9.76
CA GLN C 97 -64.18 -3.68 -8.46
C GLN C 97 -63.16 -4.54 -7.70
N PRO C 98 -62.16 -5.18 -8.37
CA PRO C 98 -61.24 -6.04 -7.59
C PRO C 98 -60.53 -5.33 -6.43
N LEU C 99 -60.55 -5.93 -5.26
CA LEU C 99 -60.08 -5.23 -4.04
C LEU C 99 -58.58 -5.03 -3.98
N SER C 100 -57.84 -5.85 -4.71
CA SER C 100 -56.38 -5.73 -4.77
C SER C 100 -55.80 -6.59 -5.90
N GLY C 101 -54.49 -6.44 -6.11
CA GLY C 101 -53.82 -7.04 -7.25
C GLY C 101 -53.95 -8.53 -7.38
N SER C 102 -53.82 -9.21 -6.26
CA SER C 102 -53.86 -10.67 -6.26
C SER C 102 -55.28 -11.18 -6.57
N ALA C 103 -56.29 -10.54 -5.96
CA ALA C 103 -57.69 -10.83 -6.26
C ALA C 103 -58.00 -10.69 -7.77
N ALA C 104 -57.59 -9.57 -8.36
CA ALA C 104 -57.75 -9.26 -9.78
C ALA C 104 -57.18 -10.34 -10.65
N ASN C 105 -55.96 -10.75 -10.34
CA ASN C 105 -55.30 -11.83 -11.07
C ASN C 105 -56.01 -13.18 -10.97
N VAL C 106 -56.45 -13.56 -9.77
CA VAL C 106 -57.12 -14.86 -9.60
C VAL C 106 -58.49 -14.89 -10.30
N GLN C 107 -59.21 -13.79 -10.20
CA GLN C 107 -60.51 -13.59 -10.83
C GLN C 107 -60.30 -13.68 -12.34
N ALA C 108 -59.45 -12.81 -12.88
CA ALA C 108 -59.18 -12.80 -14.33
C ALA C 108 -58.74 -14.16 -14.86
N LEU C 109 -57.87 -14.86 -14.13
CA LEU C 109 -57.38 -16.16 -14.58
C LEU C 109 -58.53 -17.15 -14.58
N TYR C 110 -59.36 -17.10 -13.55
CA TYR C 110 -60.49 -17.99 -13.48
C TYR C 110 -61.46 -17.74 -14.65
N ALA C 111 -61.76 -16.47 -14.92
CA ALA C 111 -62.60 -16.10 -16.07
C ALA C 111 -62.15 -16.84 -17.33
N LEU C 112 -60.85 -16.86 -17.58
CA LEU C 112 -60.27 -17.36 -18.82
C LEU C 112 -60.22 -18.87 -18.92
N VAL C 113 -59.79 -19.54 -17.84
CA VAL C 113 -59.50 -20.98 -17.89
C VAL C 113 -60.31 -21.88 -16.98
N GLY C 114 -60.94 -21.32 -15.94
CA GLY C 114 -61.69 -22.11 -14.98
C GLY C 114 -60.84 -23.00 -14.09
N VAL C 115 -61.51 -23.70 -13.18
CA VAL C 115 -60.83 -24.62 -12.24
C VAL C 115 -60.23 -25.76 -13.06
N LYS C 116 -59.07 -26.27 -12.59
CA LYS C 116 -58.23 -27.24 -13.31
C LYS C 116 -57.56 -26.69 -14.58
N GLY C 117 -57.86 -25.45 -15.01
CA GLY C 117 -57.29 -24.90 -16.24
C GLY C 117 -55.76 -24.73 -16.19
N LYS C 118 -55.15 -24.64 -17.36
CA LYS C 118 -53.70 -24.63 -17.48
C LYS C 118 -53.19 -23.21 -17.67
N ILE C 119 -52.18 -22.82 -16.87
CA ILE C 119 -51.58 -21.48 -16.98
C ILE C 119 -50.05 -21.54 -16.96
N MET C 120 -49.44 -20.53 -17.54
CA MET C 120 -48.00 -20.40 -17.52
C MET C 120 -47.66 -19.00 -17.08
N GLY C 121 -46.64 -18.89 -16.23
CA GLY C 121 -46.16 -17.58 -15.74
C GLY C 121 -44.69 -17.66 -15.32
N MET C 122 -44.10 -16.50 -15.00
CA MET C 122 -42.69 -16.47 -14.60
C MET C 122 -42.55 -16.99 -13.20
N HIS C 123 -41.49 -17.74 -12.96
CA HIS C 123 -41.21 -18.26 -11.64
C HIS C 123 -41.02 -17.09 -10.66
N LEU C 124 -41.41 -17.30 -9.40
CA LEU C 124 -41.25 -16.29 -8.35
C LEU C 124 -39.80 -15.86 -8.19
N CYS C 125 -38.92 -16.85 -8.02
CA CYS C 125 -37.45 -16.71 -8.05
C CYS C 125 -36.81 -15.93 -9.23
N SER C 126 -37.47 -15.87 -10.38
CA SER C 126 -36.97 -15.16 -11.56
C SER C 126 -37.63 -13.80 -11.81
N GLY C 127 -38.53 -13.39 -10.91
CA GLY C 127 -39.20 -12.09 -11.01
C GLY C 127 -40.72 -12.11 -11.18
N GLY C 128 -41.31 -13.31 -11.23
CA GLY C 128 -42.76 -13.42 -11.32
C GLY C 128 -43.44 -13.17 -9.98
N HIS C 129 -44.76 -12.97 -10.03
CA HIS C 129 -45.57 -12.83 -8.84
C HIS C 129 -46.08 -14.16 -8.36
N LEU C 130 -46.43 -14.20 -7.08
CA LEU C 130 -47.12 -15.34 -6.48
C LEU C 130 -48.36 -15.80 -7.26
N THR C 131 -49.17 -14.84 -7.69
CA THR C 131 -50.41 -15.12 -8.43
C THR C 131 -50.20 -15.50 -9.90
N HIS C 132 -48.95 -15.73 -10.29
CA HIS C 132 -48.62 -16.16 -11.63
C HIS C 132 -48.39 -17.65 -11.65
N GLY C 133 -49.00 -18.36 -10.71
CA GLY C 133 -48.90 -19.79 -10.67
C GLY C 133 -47.84 -20.35 -9.74
N PHE C 134 -47.32 -19.53 -8.83
CA PHE C 134 -46.19 -19.98 -8.03
C PHE C 134 -46.48 -21.19 -7.15
N PHE C 135 -45.66 -22.22 -7.30
CA PHE C 135 -45.59 -23.33 -6.35
C PHE C 135 -44.15 -23.70 -6.05
N ASP C 136 -43.99 -24.66 -5.13
CA ASP C 136 -42.70 -25.23 -4.78
C ASP C 136 -42.90 -26.76 -4.63
N GLU C 137 -41.82 -27.53 -4.73
CA GLU C 137 -41.92 -29.01 -4.68
C GLU C 137 -42.78 -29.47 -3.48
N LYS C 138 -42.48 -28.88 -2.32
CA LYS C 138 -43.19 -29.14 -1.06
C LYS C 138 -44.68 -28.72 -1.01
N LYS C 139 -45.05 -27.66 -1.73
CA LYS C 139 -46.42 -27.15 -1.63
C LYS C 139 -46.87 -26.30 -2.84
N LYS C 140 -48.16 -26.39 -3.13
CA LYS C 140 -48.82 -25.45 -4.03
C LYS C 140 -49.07 -24.18 -3.24
N VAL C 141 -48.08 -23.29 -3.24
CA VAL C 141 -48.03 -22.12 -2.37
C VAL C 141 -49.14 -21.09 -2.70
N SER C 142 -49.34 -20.81 -3.97
CA SER C 142 -50.39 -19.91 -4.38
C SER C 142 -51.60 -20.72 -4.76
N ILE C 143 -52.78 -20.15 -4.55
CA ILE C 143 -54.02 -20.74 -5.04
C ILE C 143 -53.95 -20.92 -6.55
N THR C 144 -53.24 -20.02 -7.23
CA THR C 144 -53.07 -20.09 -8.68
C THR C 144 -52.32 -21.34 -9.15
N SER C 145 -51.57 -21.98 -8.26
CA SER C 145 -50.96 -23.27 -8.60
C SER C 145 -51.81 -24.47 -8.20
N ASP C 146 -52.92 -24.23 -7.51
CA ASP C 146 -53.73 -25.28 -6.92
C ASP C 146 -55.09 -25.39 -7.61
N MET C 147 -55.79 -24.26 -7.73
CA MET C 147 -57.04 -24.26 -8.43
C MET C 147 -56.83 -24.31 -9.94
N PHE C 148 -55.60 -24.05 -10.37
CA PHE C 148 -55.17 -24.19 -11.76
C PHE C 148 -54.02 -25.18 -11.80
N GLU C 149 -53.71 -25.69 -13.01
CA GLU C 149 -52.48 -26.44 -13.24
C GLU C 149 -51.50 -25.45 -13.84
N SER C 150 -50.43 -25.10 -13.11
CA SER C 150 -49.46 -24.11 -13.60
C SER C 150 -48.12 -24.73 -13.97
N LYS C 151 -47.44 -24.07 -14.90
CA LYS C 151 -46.08 -24.42 -15.27
C LYS C 151 -45.31 -23.11 -15.31
N LEU C 152 -44.05 -23.14 -14.89
CA LEU C 152 -43.32 -21.90 -14.61
C LEU C 152 -42.07 -21.83 -15.46
N TYR C 153 -41.88 -20.71 -16.14
CA TYR C 153 -40.72 -20.50 -17.00
C TYR C 153 -39.69 -19.59 -16.33
N LYS C 154 -38.42 -19.99 -16.40
CA LYS C 154 -37.34 -19.26 -15.76
C LYS C 154 -36.69 -18.28 -16.72
N CYS C 155 -36.05 -17.26 -16.15
CA CYS C 155 -35.23 -16.32 -16.90
C CYS C 155 -33.88 -16.97 -17.05
N ASN C 156 -33.10 -16.52 -18.04
CA ASN C 156 -31.74 -17.06 -18.28
C ASN C 156 -30.73 -16.62 -17.21
N SER C 157 -29.48 -17.08 -17.34
CA SER C 157 -28.43 -16.76 -16.36
C SER C 157 -28.06 -15.25 -16.27
N GLN C 158 -28.41 -14.45 -17.28
CA GLN C 158 -28.21 -12.98 -17.23
C GLN C 158 -29.43 -12.19 -16.76
N GLY C 159 -30.49 -12.88 -16.33
CA GLY C 159 -31.69 -12.25 -15.78
C GLY C 159 -32.73 -11.80 -16.80
N TYR C 160 -32.62 -12.28 -18.03
CA TYR C 160 -33.55 -11.91 -19.10
C TYR C 160 -34.55 -13.06 -19.31
N VAL C 161 -35.78 -12.71 -19.67
CA VAL C 161 -36.79 -13.68 -20.11
C VAL C 161 -36.23 -14.48 -21.28
N ASP C 162 -36.36 -15.80 -21.23
CA ASP C 162 -35.88 -16.68 -22.30
C ASP C 162 -37.05 -17.18 -23.13
N LEU C 163 -37.37 -16.47 -24.21
CA LEU C 163 -38.51 -16.82 -25.07
C LEU C 163 -38.40 -18.18 -25.73
N ASP C 164 -37.19 -18.56 -26.15
CA ASP C 164 -36.94 -19.90 -26.67
C ASP C 164 -37.42 -21.01 -25.72
N ALA C 165 -37.34 -20.75 -24.42
CA ALA C 165 -37.83 -21.68 -23.39
C ALA C 165 -39.33 -21.55 -23.14
N VAL C 166 -39.85 -20.33 -23.19
CA VAL C 166 -41.31 -20.09 -23.08
C VAL C 166 -42.07 -20.84 -24.17
N ARG C 167 -41.57 -20.74 -25.40
CA ARG C 167 -42.11 -21.48 -26.55
C ARG C 167 -41.93 -22.99 -26.36
N GLU C 168 -40.74 -23.44 -25.98
CA GLU C 168 -40.52 -24.87 -25.69
C GLU C 168 -41.58 -25.37 -24.71
N MET C 169 -41.78 -24.61 -23.64
CA MET C 169 -42.79 -24.97 -22.62
C MET C 169 -44.21 -24.84 -23.17
N ALA C 170 -44.53 -23.72 -23.80
CA ALA C 170 -45.88 -23.53 -24.34
C ALA C 170 -46.32 -24.65 -25.30
N LEU C 171 -45.41 -25.13 -26.16
CA LEU C 171 -45.72 -26.18 -27.13
C LEU C 171 -46.02 -27.55 -26.50
N SER C 172 -45.24 -27.93 -25.50
CA SER C 172 -45.45 -29.20 -24.81
C SER C 172 -46.58 -29.11 -23.77
N PHE C 173 -46.59 -28.02 -22.98
CA PHE C 173 -47.56 -27.85 -21.90
C PHE C 173 -48.97 -27.50 -22.37
N LYS C 174 -49.08 -26.70 -23.43
CA LYS C 174 -50.37 -26.36 -24.06
C LYS C 174 -51.31 -25.58 -23.11
N PRO C 175 -50.79 -24.50 -22.49
CA PRO C 175 -51.64 -23.80 -21.57
C PRO C 175 -52.73 -23.00 -22.25
N LYS C 176 -53.79 -22.72 -21.51
CA LYS C 176 -54.83 -21.83 -22.00
C LYS C 176 -54.48 -20.35 -21.77
N VAL C 177 -53.56 -20.02 -20.84
CA VAL C 177 -53.12 -18.62 -20.63
C VAL C 177 -51.59 -18.54 -20.41
N ILE C 178 -50.96 -17.47 -20.90
CA ILE C 178 -49.55 -17.20 -20.61
C ILE C 178 -49.42 -15.83 -20.00
N ILE C 179 -48.85 -15.80 -18.79
CA ILE C 179 -48.76 -14.58 -18.02
C ILE C 179 -47.42 -13.91 -18.30
N CYS C 180 -47.45 -12.63 -18.62
CA CYS C 180 -46.24 -11.83 -18.65
C CYS C 180 -46.52 -10.55 -17.91
N GLY C 181 -45.44 -9.80 -17.60
CA GLY C 181 -45.48 -8.62 -16.70
C GLY C 181 -45.19 -9.14 -15.29
N TYR C 182 -44.24 -8.51 -14.59
CA TYR C 182 -43.57 -9.17 -13.44
C TYR C 182 -43.44 -8.31 -12.19
N THR C 183 -42.95 -8.91 -11.11
CA THR C 183 -42.81 -8.16 -9.84
C THR C 183 -41.42 -7.54 -9.70
N SER C 184 -40.38 -8.26 -10.11
CA SER C 184 -39.04 -7.68 -10.04
C SER C 184 -38.23 -7.96 -11.29
N TYR C 185 -38.70 -7.40 -12.40
CA TYR C 185 -38.04 -7.49 -13.68
C TYR C 185 -37.59 -6.09 -14.07
N PRO C 186 -36.26 -5.89 -14.19
CA PRO C 186 -35.71 -4.58 -14.44
C PRO C 186 -35.76 -4.13 -15.90
N ARG C 187 -36.18 -5.00 -16.82
CA ARG C 187 -36.25 -4.66 -18.24
C ARG C 187 -37.67 -4.65 -18.85
N ASP C 188 -37.79 -4.06 -20.03
CA ASP C 188 -39.03 -4.03 -20.77
C ASP C 188 -39.37 -5.43 -21.33
N ILE C 189 -40.63 -5.60 -21.72
CA ILE C 189 -41.16 -6.89 -22.14
C ILE C 189 -41.47 -6.89 -23.64
N ASP C 190 -41.14 -7.96 -24.34
CA ASP C 190 -41.47 -8.07 -25.77
C ASP C 190 -42.83 -8.78 -25.88
N TYR C 191 -43.90 -7.99 -25.73
CA TYR C 191 -45.28 -8.49 -25.73
C TYR C 191 -45.63 -9.11 -27.06
N GLN C 192 -45.12 -8.51 -28.15
CA GLN C 192 -45.37 -9.02 -29.50
C GLN C 192 -44.92 -10.47 -29.64
N GLN C 193 -43.71 -10.79 -29.16
CA GLN C 193 -43.24 -12.18 -29.23
C GLN C 193 -44.05 -13.06 -28.32
N PHE C 194 -44.58 -12.51 -27.23
CA PHE C 194 -45.54 -13.28 -26.42
C PHE C 194 -46.81 -13.57 -27.24
N ARG C 195 -47.40 -12.53 -27.82
CA ARG C 195 -48.60 -12.61 -28.67
C ARG C 195 -48.45 -13.59 -29.85
N GLN C 196 -47.25 -13.62 -30.42
CA GLN C 196 -46.82 -14.59 -31.42
C GLN C 196 -46.86 -16.03 -30.89
N ILE C 197 -46.39 -16.24 -29.65
CA ILE C 197 -46.36 -17.59 -29.03
C ILE C 197 -47.74 -18.07 -28.57
N CYS C 198 -48.56 -17.13 -28.14
CA CYS C 198 -49.93 -17.42 -27.69
C CYS C 198 -50.83 -17.80 -28.89
N ASP C 199 -50.78 -17.01 -29.96
CA ASP C 199 -51.38 -17.34 -31.26
C ASP C 199 -50.99 -18.73 -31.78
N GLU C 200 -49.72 -19.07 -31.59
CA GLU C 200 -49.17 -20.35 -32.07
C GLU C 200 -49.82 -21.56 -31.43
N VAL C 201 -50.21 -21.43 -30.17
CA VAL C 201 -50.73 -22.56 -29.38
C VAL C 201 -52.20 -22.33 -28.92
N ASN C 202 -52.78 -21.20 -29.34
CA ASN C 202 -54.15 -20.78 -29.04
C ASN C 202 -54.42 -20.50 -27.55
N ALA C 203 -53.42 -19.95 -26.87
CA ALA C 203 -53.53 -19.51 -25.48
C ALA C 203 -53.86 -18.03 -25.41
N TYR C 204 -54.51 -17.58 -24.34
CA TYR C 204 -54.73 -16.15 -24.11
C TYR C 204 -53.39 -15.46 -23.70
N LEU C 205 -53.28 -14.16 -23.99
CA LEU C 205 -52.15 -13.32 -23.50
C LEU C 205 -52.60 -12.40 -22.37
N PHE C 206 -52.02 -12.67 -21.20
CA PHE C 206 -52.28 -11.99 -19.93
C PHE C 206 -51.06 -11.16 -19.57
N ALA C 207 -51.21 -9.84 -19.59
CA ALA C 207 -50.16 -8.91 -19.17
C ALA C 207 -50.48 -8.33 -17.79
N ASP C 208 -49.67 -8.65 -16.77
CA ASP C 208 -49.83 -8.03 -15.43
C ASP C 208 -48.84 -6.91 -15.38
N ILE C 209 -49.31 -5.67 -15.52
CA ILE C 209 -48.44 -4.49 -15.64
C ILE C 209 -48.41 -3.59 -14.38
N SER C 210 -48.68 -4.17 -13.21
CA SER C 210 -48.77 -3.45 -11.93
C SER C 210 -47.55 -2.61 -11.59
N HIS C 211 -46.38 -3.15 -11.84
CA HIS C 211 -45.13 -2.41 -11.61
C HIS C 211 -44.78 -1.36 -12.63
N ILE C 212 -45.35 -1.45 -13.84
CA ILE C 212 -44.98 -0.56 -14.93
C ILE C 212 -46.17 0.17 -15.54
N SER C 213 -47.27 0.26 -14.79
CA SER C 213 -48.53 0.82 -15.28
C SER C 213 -48.40 2.25 -15.80
N SER C 214 -47.77 3.11 -15.01
CA SER C 214 -47.52 4.50 -15.39
C SER C 214 -46.69 4.63 -16.66
N PHE C 215 -45.74 3.74 -16.87
CA PHE C 215 -44.93 3.76 -18.08
C PHE C 215 -45.75 3.38 -19.33
N VAL C 216 -46.70 2.45 -19.16
CA VAL C 216 -47.51 2.00 -20.27
C VAL C 216 -48.49 3.09 -20.63
N ALA C 217 -49.20 3.62 -19.64
CA ALA C 217 -50.15 4.72 -19.85
C ALA C 217 -49.55 5.95 -20.51
N CYS C 218 -48.33 6.30 -20.11
CA CYS C 218 -47.64 7.51 -20.64
C CYS C 218 -46.77 7.25 -21.89
N ASN C 219 -46.82 6.02 -22.43
CA ASN C 219 -46.12 5.63 -23.68
C ASN C 219 -44.57 5.75 -23.66
N ILE C 220 -44.00 5.52 -22.48
CA ILE C 220 -42.54 5.51 -22.29
C ILE C 220 -41.97 4.11 -22.50
N LEU C 221 -42.81 3.09 -22.30
CA LEU C 221 -42.41 1.71 -22.55
C LEU C 221 -43.39 1.07 -23.52
N ASN C 222 -43.14 -0.18 -23.88
CA ASN C 222 -44.03 -0.88 -24.79
C ASN C 222 -45.46 -0.95 -24.24
N ASN C 223 -46.39 -1.13 -25.16
CA ASN C 223 -47.81 -1.11 -24.86
C ASN C 223 -48.31 -2.53 -24.99
N PRO C 224 -48.64 -3.17 -23.84
CA PRO C 224 -49.19 -4.50 -23.93
C PRO C 224 -50.58 -4.55 -24.59
N PHE C 225 -51.30 -3.43 -24.59
CA PHE C 225 -52.66 -3.32 -25.12
C PHE C 225 -52.76 -3.61 -26.62
N LEU C 226 -51.66 -3.47 -27.37
CA LEU C 226 -51.64 -3.80 -28.78
C LEU C 226 -51.63 -5.31 -29.02
N HIS C 227 -51.26 -6.09 -28.01
CA HIS C 227 -51.11 -7.53 -28.17
C HIS C 227 -51.94 -8.41 -27.23
N ALA C 228 -52.34 -7.89 -26.07
CA ALA C 228 -52.91 -8.75 -25.03
C ALA C 228 -54.43 -8.88 -25.07
N ASP C 229 -54.89 -10.06 -24.71
CA ASP C 229 -56.29 -10.29 -24.43
C ASP C 229 -56.76 -9.68 -23.09
N VAL C 230 -55.93 -9.84 -22.05
CA VAL C 230 -56.24 -9.28 -20.72
C VAL C 230 -55.05 -8.50 -20.17
N VAL C 231 -55.33 -7.35 -19.56
CA VAL C 231 -54.32 -6.61 -18.82
C VAL C 231 -54.81 -6.33 -17.42
N THR C 232 -54.05 -6.74 -16.39
CA THR C 232 -54.36 -6.37 -14.99
C THR C 232 -53.34 -5.41 -14.41
N THR C 233 -53.81 -4.57 -13.52
CA THR C 233 -52.92 -3.69 -12.82
C THR C 233 -53.48 -3.24 -11.48
N THR C 234 -52.57 -3.20 -10.50
CA THR C 234 -52.83 -2.53 -9.25
C THR C 234 -52.81 -1.06 -9.52
N THR C 235 -53.45 -0.31 -8.65
CA THR C 235 -53.51 1.15 -8.76
C THR C 235 -52.64 1.91 -7.75
N HIS C 236 -51.94 1.19 -6.85
CA HIS C 236 -51.23 1.77 -5.67
C HIS C 236 -49.70 1.86 -5.76
N LYS C 237 -49.09 1.29 -6.79
CA LYS C 237 -47.65 1.35 -6.92
C LYS C 237 -47.27 2.63 -7.72
N ILE C 238 -46.58 2.46 -8.85
CA ILE C 238 -46.12 3.59 -9.65
C ILE C 238 -47.25 4.52 -10.08
N LEU C 239 -48.45 3.95 -10.31
CA LEU C 239 -49.65 4.76 -10.62
C LEU C 239 -50.09 5.72 -9.53
N ARG C 240 -49.74 5.42 -8.28
CA ARG C 240 -49.89 6.33 -7.17
C ARG C 240 -51.36 6.45 -6.73
N GLY C 241 -52.14 5.39 -6.97
CA GLY C 241 -53.54 5.38 -6.57
C GLY C 241 -53.74 4.79 -5.19
N PRO C 242 -54.99 4.45 -4.86
CA PRO C 242 -55.22 3.70 -3.63
C PRO C 242 -54.87 2.23 -3.81
N ARG C 243 -55.00 1.47 -2.74
CA ARG C 243 -54.84 0.02 -2.85
C ARG C 243 -56.08 -0.57 -3.53
N SER C 244 -55.97 -0.84 -4.82
CA SER C 244 -56.99 -1.49 -5.58
C SER C 244 -56.43 -2.06 -6.87
N ALA C 245 -57.28 -2.67 -7.68
CA ALA C 245 -56.86 -3.22 -8.97
C ALA C 245 -57.86 -3.04 -10.11
N LEU C 246 -57.35 -3.20 -11.33
CA LEU C 246 -58.11 -3.03 -12.57
C LEU C 246 -57.90 -4.25 -13.44
N ILE C 247 -58.98 -4.75 -14.04
CA ILE C 247 -58.89 -5.80 -15.05
C ILE C 247 -59.40 -5.23 -16.38
N PHE C 248 -58.51 -5.24 -17.38
CA PHE C 248 -58.82 -4.81 -18.73
C PHE C 248 -58.96 -6.05 -19.63
N PHE C 249 -59.97 -6.04 -20.50
CA PHE C 249 -60.21 -7.17 -21.40
C PHE C 249 -60.48 -6.71 -22.85
N ASN C 250 -59.96 -7.44 -23.81
CA ASN C 250 -60.06 -7.04 -25.22
C ASN C 250 -61.35 -7.65 -25.80
N LYS C 251 -62.41 -6.86 -25.88
CA LYS C 251 -63.68 -7.31 -26.50
C LYS C 251 -63.49 -7.82 -27.94
N LYS C 252 -62.80 -7.02 -28.77
CA LYS C 252 -62.62 -7.32 -30.20
C LYS C 252 -61.93 -8.64 -30.50
N ARG C 253 -60.85 -8.91 -29.79
CA ARG C 253 -60.13 -10.18 -29.96
C ARG C 253 -61.01 -11.34 -29.48
N ASN C 254 -61.83 -11.10 -28.43
CA ASN C 254 -62.68 -12.16 -27.84
C ASN C 254 -64.05 -11.63 -27.39
N PRO C 255 -65.09 -11.78 -28.24
CA PRO C 255 -66.43 -11.41 -27.76
C PRO C 255 -66.89 -12.41 -26.70
N GLY C 256 -67.68 -11.94 -25.74
CA GLY C 256 -68.09 -12.75 -24.59
C GLY C 256 -67.13 -12.77 -23.41
N ILE C 257 -66.00 -12.07 -23.53
CA ILE C 257 -65.05 -11.92 -22.42
C ILE C 257 -65.59 -10.94 -21.40
N GLU C 258 -66.32 -9.91 -21.83
CA GLU C 258 -66.89 -8.96 -20.87
C GLU C 258 -67.70 -9.64 -19.78
N GLN C 259 -68.56 -10.57 -20.18
CA GLN C 259 -69.39 -11.27 -19.21
C GLN C 259 -68.59 -12.24 -18.35
N LYS C 260 -67.66 -12.99 -18.95
CA LYS C 260 -66.81 -13.92 -18.22
C LYS C 260 -66.03 -13.26 -17.05
N ILE C 261 -65.51 -12.07 -17.31
CA ILE C 261 -64.71 -11.35 -16.34
C ILE C 261 -65.54 -10.65 -15.29
N ASN C 262 -66.63 -10.00 -15.70
CA ASN C 262 -67.47 -9.35 -14.75
C ASN C 262 -68.12 -10.33 -13.78
N SER C 263 -68.48 -11.52 -14.28
CA SER C 263 -69.14 -12.52 -13.46
C SER C 263 -68.10 -13.21 -12.58
N ALA C 264 -66.85 -13.29 -13.04
CA ALA C 264 -65.74 -13.80 -12.24
C ALA C 264 -65.46 -12.90 -11.06
N VAL C 265 -65.48 -11.59 -11.26
CA VAL C 265 -65.31 -10.66 -10.14
C VAL C 265 -66.49 -10.75 -9.19
N PHE C 266 -67.71 -10.62 -9.73
CA PHE C 266 -68.93 -10.84 -8.94
C PHE C 266 -69.94 -11.54 -9.83
N PRO C 267 -70.65 -12.56 -9.35
CA PRO C 267 -70.66 -13.02 -7.98
C PRO C 267 -69.73 -14.22 -7.70
N SER C 268 -68.84 -14.56 -8.63
CA SER C 268 -67.98 -15.71 -8.42
C SER C 268 -67.08 -15.54 -7.15
N PHE C 269 -66.38 -14.40 -7.04
CA PHE C 269 -65.35 -14.19 -5.99
C PHE C 269 -65.68 -13.12 -4.95
N GLN C 270 -66.10 -11.94 -5.36
CA GLN C 270 -66.40 -10.86 -4.42
C GLN C 270 -67.89 -10.69 -4.12
N GLY C 271 -68.17 -9.93 -3.07
CA GLY C 271 -69.51 -9.46 -2.72
C GLY C 271 -69.58 -7.98 -3.06
N GLY C 272 -69.93 -7.17 -2.07
CA GLY C 272 -70.04 -5.73 -2.22
C GLY C 272 -68.74 -5.03 -2.60
N PRO C 273 -68.75 -4.19 -3.67
CA PRO C 273 -67.54 -3.44 -3.97
C PRO C 273 -67.22 -2.39 -2.91
N HIS C 274 -65.99 -1.93 -2.86
CA HIS C 274 -65.61 -0.90 -1.90
C HIS C 274 -65.60 0.43 -2.62
N ASN C 275 -66.61 1.24 -2.37
CA ASN C 275 -66.84 2.44 -3.19
C ASN C 275 -65.90 3.55 -2.86
N ASN C 276 -65.38 3.57 -1.63
CA ASN C 276 -64.33 4.54 -1.26
C ASN C 276 -63.09 4.31 -2.12
N LYS C 277 -62.73 3.04 -2.29
CA LYS C 277 -61.66 2.68 -3.23
C LYS C 277 -61.94 3.16 -4.65
N ILE C 278 -63.17 3.00 -5.10
CA ILE C 278 -63.53 3.25 -6.48
C ILE C 278 -63.45 4.76 -6.73
N ALA C 279 -64.02 5.53 -5.83
CA ALA C 279 -63.84 6.96 -5.79
C ALA C 279 -62.36 7.37 -5.81
N ALA C 280 -61.56 6.80 -4.89
CA ALA C 280 -60.13 7.10 -4.85
C ALA C 280 -59.48 6.80 -6.18
N VAL C 281 -59.82 5.67 -6.77
CA VAL C 281 -59.21 5.28 -8.04
C VAL C 281 -59.59 6.28 -9.12
N ALA C 282 -60.82 6.80 -9.07
CA ALA C 282 -61.28 7.83 -10.00
C ALA C 282 -60.47 9.10 -9.86
N CYS C 283 -60.34 9.57 -8.64
CA CYS C 283 -59.55 10.76 -8.32
C CYS C 283 -58.11 10.72 -8.82
N GLN C 284 -57.47 9.56 -8.71
CA GLN C 284 -56.11 9.43 -9.19
C GLN C 284 -56.05 9.28 -10.71
N LEU C 285 -57.01 8.57 -11.31
CA LEU C 285 -56.97 8.37 -12.76
C LEU C 285 -57.12 9.68 -13.56
N LYS C 286 -57.63 10.75 -12.92
CA LYS C 286 -57.66 12.06 -13.51
C LYS C 286 -56.27 12.66 -13.51
N GLU C 287 -55.61 12.62 -12.35
CA GLU C 287 -54.18 12.99 -12.28
C GLU C 287 -53.38 12.23 -13.31
N VAL C 288 -53.55 10.91 -13.40
CA VAL C 288 -52.78 10.10 -14.35
C VAL C 288 -52.81 10.70 -15.75
N HIS C 289 -53.97 11.16 -16.21
CA HIS C 289 -54.12 11.67 -17.59
C HIS C 289 -53.54 13.07 -17.89
N SER C 290 -53.19 13.82 -16.86
CA SER C 290 -52.55 15.14 -17.02
C SER C 290 -51.14 15.05 -17.62
N PRO C 291 -50.67 16.16 -18.25
CA PRO C 291 -49.27 16.19 -18.70
C PRO C 291 -48.30 16.23 -17.52
N ALA C 292 -48.73 16.85 -16.41
CA ALA C 292 -47.99 16.83 -15.14
C ALA C 292 -47.53 15.43 -14.70
N PHE C 293 -48.41 14.43 -14.78
CA PHE C 293 -48.11 13.08 -14.32
C PHE C 293 -47.11 12.37 -15.23
N LYS C 294 -47.19 12.64 -16.55
CA LYS C 294 -46.18 12.14 -17.50
C LYS C 294 -44.80 12.70 -17.15
N GLU C 295 -44.74 13.97 -16.76
CA GLU C 295 -43.48 14.58 -16.30
C GLU C 295 -42.93 13.78 -15.08
N TYR C 296 -43.81 13.45 -14.13
CA TYR C 296 -43.47 12.62 -12.97
C TYR C 296 -42.93 11.23 -13.36
N THR C 297 -43.67 10.51 -14.20
CA THR C 297 -43.26 9.19 -14.68
C THR C 297 -41.88 9.20 -15.38
N GLN C 298 -41.61 10.27 -16.12
CA GLN C 298 -40.34 10.44 -16.83
C GLN C 298 -39.25 10.60 -15.80
N GLN C 299 -39.51 11.46 -14.81
CA GLN C 299 -38.58 11.65 -13.69
C GLN C 299 -38.27 10.33 -12.93
N VAL C 300 -39.23 9.38 -12.91
CA VAL C 300 -39.01 8.06 -12.30
C VAL C 300 -37.94 7.30 -13.07
N LEU C 301 -38.05 7.33 -14.40
CA LEU C 301 -37.10 6.63 -15.24
C LEU C 301 -35.74 7.33 -15.21
N LEU C 302 -35.73 8.67 -15.24
CA LEU C 302 -34.47 9.42 -15.20
C LEU C 302 -33.75 9.09 -13.88
N ASN C 303 -34.47 9.11 -12.77
CA ASN C 303 -33.92 8.77 -11.45
C ASN C 303 -33.41 7.35 -11.38
N SER C 304 -34.11 6.42 -12.01
CA SER C 304 -33.69 5.02 -11.99
C SER C 304 -32.44 4.74 -12.83
N LYS C 305 -32.31 5.43 -13.95
CA LYS C 305 -31.13 5.29 -14.82
C LYS C 305 -29.95 5.85 -14.04
N ALA C 306 -30.15 7.02 -13.44
CA ALA C 306 -29.12 7.71 -12.68
C ALA C 306 -28.67 6.89 -11.48
N LEU C 307 -29.62 6.28 -10.77
CA LEU C 307 -29.31 5.42 -9.65
C LEU C 307 -28.53 4.18 -10.06
N ALA C 308 -28.92 3.59 -11.17
CA ALA C 308 -28.23 2.41 -11.71
C ALA C 308 -26.77 2.73 -12.06
N LYS C 309 -26.62 3.86 -12.74
CA LYS C 309 -25.33 4.37 -13.18
C LYS C 309 -24.39 4.66 -12.00
N ALA C 310 -24.91 5.29 -10.96
CA ALA C 310 -24.08 5.65 -9.80
C ALA C 310 -23.68 4.38 -9.04
N LEU C 311 -24.56 3.39 -8.98
CA LEU C 311 -24.21 2.12 -8.31
C LEU C 311 -23.13 1.35 -9.08
N ILE C 312 -23.23 1.36 -10.42
CA ILE C 312 -22.18 0.77 -11.26
C ILE C 312 -20.87 1.55 -11.12
N SER C 313 -20.95 2.87 -11.01
CA SER C 313 -19.77 3.71 -10.69
C SER C 313 -19.06 3.34 -9.38
N LYS C 314 -19.81 2.85 -8.39
CA LYS C 314 -19.26 2.34 -7.11
C LYS C 314 -19.05 0.83 -7.14
N GLN C 315 -18.91 0.26 -8.34
CA GLN C 315 -18.59 -1.16 -8.51
C GLN C 315 -19.60 -2.13 -7.87
N ILE C 316 -20.88 -1.78 -7.86
CA ILE C 316 -21.96 -2.67 -7.43
C ILE C 316 -22.59 -3.23 -8.72
N ASP C 317 -22.79 -4.55 -8.76
CA ASP C 317 -23.42 -5.27 -9.87
C ASP C 317 -24.95 -5.30 -9.82
N LEU C 318 -25.57 -5.01 -10.98
CA LEU C 318 -26.99 -5.02 -11.17
C LEU C 318 -27.43 -6.15 -12.10
N VAL C 319 -28.57 -6.76 -11.79
CA VAL C 319 -29.10 -7.86 -12.59
C VAL C 319 -29.49 -7.24 -13.93
N THR C 320 -29.07 -7.91 -15.00
CA THR C 320 -29.11 -7.39 -16.38
C THR C 320 -28.17 -6.20 -16.63
N ASN C 321 -27.29 -5.89 -15.67
CA ASN C 321 -26.44 -4.69 -15.66
C ASN C 321 -27.11 -3.36 -15.94
N GLY C 322 -28.38 -3.22 -15.56
CA GLY C 322 -29.07 -1.95 -15.78
C GLY C 322 -30.56 -2.05 -15.64
N THR C 323 -31.25 -1.02 -16.09
CA THR C 323 -32.68 -0.95 -15.99
C THR C 323 -33.35 -0.18 -17.14
N ASP C 324 -34.51 -0.67 -17.58
CA ASP C 324 -35.39 0.07 -18.51
C ASP C 324 -36.54 0.73 -17.82
N ASN C 325 -36.67 0.50 -16.52
CA ASN C 325 -37.83 0.98 -15.78
C ASN C 325 -37.42 1.62 -14.44
N HIS C 326 -38.38 1.61 -13.52
CA HIS C 326 -38.31 2.18 -12.17
C HIS C 326 -37.53 1.37 -11.12
N LEU C 327 -37.14 0.14 -11.45
CA LEU C 327 -36.56 -0.73 -10.47
C LEU C 327 -35.22 -1.30 -10.88
N ILE C 328 -34.41 -1.58 -9.86
CA ILE C 328 -33.10 -2.18 -10.04
C ILE C 328 -33.07 -3.39 -9.15
N VAL C 329 -32.35 -4.42 -9.54
CA VAL C 329 -32.07 -5.55 -8.63
C VAL C 329 -30.56 -5.58 -8.44
N VAL C 330 -30.10 -5.39 -7.21
CA VAL C 330 -28.66 -5.39 -6.90
C VAL C 330 -28.23 -6.79 -6.60
N ASP C 331 -27.22 -7.28 -7.31
CA ASP C 331 -26.61 -8.60 -7.06
C ASP C 331 -25.49 -8.49 -6.00
N LEU C 332 -25.68 -9.13 -4.84
CA LEU C 332 -24.74 -8.98 -3.71
C LEU C 332 -23.71 -10.11 -3.54
N ARG C 333 -23.54 -10.97 -4.55
CA ARG C 333 -22.64 -12.13 -4.37
C ARG C 333 -21.19 -11.76 -4.12
N LYS C 334 -20.68 -10.71 -4.76
CA LYS C 334 -19.25 -10.37 -4.65
C LYS C 334 -18.84 -9.79 -3.29
N PHE C 335 -19.84 -9.47 -2.45
CA PHE C 335 -19.61 -9.04 -1.09
C PHE C 335 -19.81 -10.17 -0.08
N SER C 336 -20.36 -11.31 -0.51
CA SER C 336 -20.62 -12.48 0.33
C SER C 336 -21.57 -12.18 1.51
N ILE C 337 -22.53 -11.30 1.27
CA ILE C 337 -23.62 -11.02 2.20
C ILE C 337 -24.96 -11.30 1.54
N THR C 338 -25.92 -11.81 2.31
CA THR C 338 -27.27 -12.07 1.78
C THR C 338 -28.06 -10.76 1.69
N GLY C 339 -29.18 -10.82 0.98
CA GLY C 339 -30.09 -9.70 0.88
C GLY C 339 -30.78 -9.42 2.19
N SER C 340 -31.04 -10.46 2.97
CA SER C 340 -31.70 -10.29 4.27
C SER C 340 -30.90 -9.45 5.26
N LYS C 341 -29.58 -9.64 5.27
CA LYS C 341 -28.68 -8.87 6.16
C LYS C 341 -28.70 -7.40 5.77
N LEU C 342 -28.63 -7.12 4.46
CA LEU C 342 -28.65 -5.75 3.94
C LEU C 342 -29.99 -5.08 4.16
N GLN C 343 -31.07 -5.84 4.03
CA GLN C 343 -32.38 -5.31 4.38
C GLN C 343 -32.44 -4.89 5.86
N GLU C 344 -31.86 -5.67 6.76
CA GLU C 344 -31.84 -5.33 8.21
C GLU C 344 -31.02 -4.08 8.46
N THR C 345 -29.78 -4.08 7.95
CA THR C 345 -28.91 -2.93 8.03
C THR C 345 -29.56 -1.66 7.48
N CYS C 346 -30.24 -1.79 6.36
CA CYS C 346 -30.92 -0.66 5.76
C CYS C 346 -32.10 -0.22 6.64
N ASN C 347 -32.83 -1.18 7.21
CA ASN C 347 -33.91 -0.82 8.18
C ASN C 347 -33.31 -0.01 9.38
N ALA C 348 -32.12 -0.36 9.86
CA ALA C 348 -31.47 0.38 10.96
C ALA C 348 -31.09 1.83 10.62
N ILE C 349 -30.97 2.16 9.33
CA ILE C 349 -30.67 3.52 8.93
C ILE C 349 -31.83 4.24 8.26
N ASN C 350 -33.05 3.72 8.46
CA ASN C 350 -34.26 4.21 7.79
C ASN C 350 -34.20 4.21 6.26
N VAL C 351 -33.70 3.11 5.72
CA VAL C 351 -33.70 2.87 4.28
C VAL C 351 -34.59 1.64 4.07
N SER C 352 -35.68 1.82 3.33
CA SER C 352 -36.60 0.73 3.04
C SER C 352 -36.34 0.11 1.68
N LEU C 353 -35.97 -1.17 1.69
CA LEU C 353 -35.83 -1.96 0.49
C LEU C 353 -36.20 -3.41 0.84
N ASN C 354 -36.25 -4.30 -0.15
CA ASN C 354 -36.58 -5.68 0.16
C ASN C 354 -35.55 -6.60 -0.43
N LYS C 355 -35.34 -7.71 0.26
CA LYS C 355 -34.53 -8.79 -0.26
C LYS C 355 -35.20 -9.36 -1.53
N ASN C 356 -34.40 -9.92 -2.42
CA ASN C 356 -34.92 -10.34 -3.74
C ASN C 356 -33.98 -11.37 -4.35
N THR C 357 -34.54 -12.43 -4.90
CA THR C 357 -33.74 -13.42 -5.60
C THR C 357 -33.04 -12.86 -6.85
N ILE C 358 -32.02 -13.58 -7.29
CA ILE C 358 -31.31 -13.27 -8.51
C ILE C 358 -31.26 -14.61 -9.28
N PRO C 359 -30.83 -14.60 -10.56
CA PRO C 359 -30.84 -15.84 -11.37
C PRO C 359 -30.11 -17.02 -10.74
N SER C 360 -28.93 -16.76 -10.19
CA SER C 360 -28.13 -17.80 -9.54
C SER C 360 -28.83 -18.51 -8.36
N ASP C 361 -29.72 -17.81 -7.63
CA ASP C 361 -30.43 -18.42 -6.51
C ASP C 361 -31.33 -19.55 -7.02
N VAL C 362 -30.96 -20.77 -6.66
CA VAL C 362 -31.73 -21.99 -6.96
C VAL C 362 -33.09 -21.94 -6.22
N ASP C 363 -33.03 -21.65 -4.92
CA ASP C 363 -34.20 -21.58 -4.04
C ASP C 363 -34.72 -20.15 -3.91
N CYS C 364 -35.86 -20.01 -3.23
CA CYS C 364 -36.42 -18.71 -2.84
C CYS C 364 -36.05 -18.29 -1.40
N VAL C 365 -35.35 -19.18 -0.68
CA VAL C 365 -34.82 -18.89 0.66
C VAL C 365 -33.35 -18.56 0.49
N SER C 366 -32.89 -17.56 1.25
CA SER C 366 -31.53 -17.04 1.14
C SER C 366 -31.27 -16.28 -0.20
N PRO C 367 -32.14 -15.28 -0.54
CA PRO C 367 -31.90 -14.53 -1.79
C PRO C 367 -30.67 -13.62 -1.75
N SER C 368 -29.94 -13.57 -2.85
CA SER C 368 -28.64 -12.93 -2.88
C SER C 368 -28.69 -11.47 -3.40
N GLY C 369 -29.87 -10.84 -3.36
CA GLY C 369 -29.97 -9.46 -3.82
C GLY C 369 -30.97 -8.66 -3.05
N VAL C 370 -31.01 -7.39 -3.37
CA VAL C 370 -32.08 -6.56 -2.91
C VAL C 370 -32.67 -5.88 -4.12
N ARG C 371 -33.92 -5.48 -4.00
CA ARG C 371 -34.59 -4.75 -5.02
C ARG C 371 -34.84 -3.38 -4.48
N ILE C 372 -34.55 -2.39 -5.31
CA ILE C 372 -34.81 -1.01 -5.04
C ILE C 372 -35.62 -0.39 -6.19
N GLY C 373 -36.28 0.72 -5.92
CA GLY C 373 -37.00 1.45 -6.96
C GLY C 373 -37.20 2.88 -6.59
N THR C 374 -37.47 3.73 -7.60
CA THR C 374 -37.56 5.18 -7.43
C THR C 374 -38.91 5.91 -7.36
N PRO C 375 -40.05 5.23 -7.57
CA PRO C 375 -41.31 6.01 -7.60
C PRO C 375 -41.60 6.83 -6.35
N ALA C 376 -41.41 6.21 -5.20
CA ALA C 376 -41.61 6.88 -3.92
C ALA C 376 -40.78 8.19 -3.78
N MET C 377 -39.47 8.05 -3.92
CA MET C 377 -38.55 9.18 -3.72
C MET C 377 -38.71 10.21 -4.80
N THR C 378 -39.06 9.74 -6.00
CA THR C 378 -39.43 10.66 -7.06
C THR C 378 -40.65 11.47 -6.67
N THR C 379 -41.64 10.82 -6.06
CA THR C 379 -42.81 11.53 -5.55
C THR C 379 -42.42 12.57 -4.48
N ARG C 380 -41.45 12.23 -3.64
CA ARG C 380 -40.97 13.16 -2.62
C ARG C 380 -40.07 14.29 -3.14
N GLY C 381 -39.70 14.24 -4.43
CA GLY C 381 -39.07 15.36 -5.12
C GLY C 381 -37.58 15.19 -5.39
N ALA C 382 -37.02 14.03 -5.07
CA ALA C 382 -35.63 13.74 -5.42
C ALA C 382 -35.44 13.78 -6.94
N LYS C 383 -34.35 14.40 -7.39
CA LYS C 383 -33.98 14.51 -8.81
C LYS C 383 -32.75 13.64 -9.11
N GLU C 384 -32.24 13.71 -10.34
CA GLU C 384 -31.04 12.92 -10.70
C GLU C 384 -29.84 13.14 -9.81
N LYS C 385 -29.59 14.42 -9.49
CA LYS C 385 -28.48 14.84 -8.58
C LYS C 385 -28.51 14.08 -7.25
N ASP C 386 -29.73 13.75 -6.80
CA ASP C 386 -29.96 13.09 -5.52
C ASP C 386 -29.64 11.60 -5.46
N MET C 387 -29.53 10.96 -6.62
CA MET C 387 -29.34 9.52 -6.67
C MET C 387 -27.93 9.11 -6.26
N GLU C 388 -26.95 10.00 -6.46
CA GLU C 388 -25.57 9.75 -6.00
C GLU C 388 -25.55 9.59 -4.48
N PHE C 389 -26.29 10.43 -3.77
CA PHE C 389 -26.45 10.30 -2.31
C PHE C 389 -27.11 8.98 -1.90
N ILE C 390 -28.15 8.53 -2.61
CA ILE C 390 -28.77 7.24 -2.28
C ILE C 390 -27.82 6.11 -2.57
N ALA C 391 -27.14 6.19 -3.70
CA ALA C 391 -26.10 5.25 -4.05
C ALA C 391 -24.99 5.23 -2.99
N ASP C 392 -24.56 6.42 -2.52
CA ASP C 392 -23.57 6.56 -1.40
C ASP C 392 -24.02 5.84 -0.11
N VAL C 393 -25.26 6.12 0.31
CA VAL C 393 -25.85 5.48 1.49
C VAL C 393 -25.90 3.96 1.34
N LEU C 394 -26.31 3.48 0.18
CA LEU C 394 -26.40 2.02 -0.05
C LEU C 394 -25.04 1.35 -0.08
N ALA C 395 -24.06 2.01 -0.70
CA ALA C 395 -22.67 1.54 -0.66
C ALA C 395 -22.15 1.47 0.80
N ARG C 396 -22.42 2.52 1.56
CA ARG C 396 -21.99 2.57 2.97
C ARG C 396 -22.68 1.46 3.78
N ALA C 397 -23.95 1.16 3.50
CA ALA C 397 -24.66 0.06 4.18
C ALA C 397 -24.13 -1.29 3.79
N ILE C 398 -23.77 -1.47 2.53
CA ILE C 398 -23.16 -2.72 2.09
C ILE C 398 -21.82 -2.89 2.83
N LYS C 399 -21.02 -1.84 2.93
CA LYS C 399 -19.73 -1.91 3.65
C LYS C 399 -19.91 -2.25 5.16
N ILE C 400 -20.82 -1.54 5.84
CA ILE C 400 -21.13 -1.79 7.26
C ILE C 400 -21.61 -3.22 7.47
N THR C 401 -22.50 -3.68 6.58
CA THR C 401 -23.00 -5.05 6.61
C THR C 401 -21.87 -6.04 6.52
N VAL C 402 -20.88 -5.73 5.68
CA VAL C 402 -19.72 -6.62 5.52
C VAL C 402 -18.88 -6.66 6.80
N ASP C 403 -18.64 -5.49 7.40
CA ASP C 403 -17.93 -5.36 8.69
C ASP C 403 -18.61 -6.18 9.79
N LEU C 404 -19.90 -5.93 10.00
CA LEU C 404 -20.72 -6.61 11.00
C LEU C 404 -20.71 -8.14 10.84
N GLN C 405 -20.77 -8.63 9.61
CA GLN C 405 -20.75 -10.06 9.35
C GLN C 405 -19.38 -10.67 9.73
N GLU C 406 -18.31 -9.95 9.42
CA GLU C 406 -16.96 -10.34 9.81
C GLU C 406 -16.82 -10.45 11.35
N GLN C 407 -17.35 -9.45 12.05
CA GLN C 407 -17.29 -9.40 13.51
C GLN C 407 -18.20 -10.42 14.22
N TYR C 408 -19.47 -10.46 13.85
CA TYR C 408 -20.46 -11.28 14.56
C TYR C 408 -20.80 -12.61 13.92
N GLY C 409 -20.45 -12.79 12.64
CA GLY C 409 -20.69 -14.06 11.93
C GLY C 409 -21.85 -14.03 10.94
N LYS C 410 -21.98 -15.13 10.20
CA LYS C 410 -22.91 -15.27 9.08
C LYS C 410 -24.31 -15.80 9.46
N LYS C 411 -24.54 -16.16 10.73
CA LYS C 411 -25.90 -16.45 11.22
C LYS C 411 -26.65 -15.13 11.31
N LEU C 412 -27.94 -15.15 10.96
CA LEU C 412 -28.74 -13.93 10.96
C LEU C 412 -29.01 -13.43 12.37
N VAL C 413 -29.28 -14.35 13.30
CA VAL C 413 -29.47 -13.99 14.72
C VAL C 413 -28.21 -13.33 15.30
N ASP C 414 -27.05 -13.90 14.98
CA ASP C 414 -25.75 -13.35 15.39
C ASP C 414 -25.52 -11.97 14.77
N PHE C 415 -25.84 -11.84 13.48
CA PHE C 415 -25.65 -10.58 12.73
C PHE C 415 -26.41 -9.42 13.36
N LYS C 416 -27.70 -9.63 13.61
CA LYS C 416 -28.56 -8.58 14.17
C LYS C 416 -28.11 -8.07 15.55
N LYS C 417 -27.39 -8.87 16.34
CA LYS C 417 -26.85 -8.43 17.65
C LYS C 417 -25.80 -7.34 17.46
N GLY C 418 -25.08 -7.37 16.34
CA GLY C 418 -24.15 -6.30 16.00
C GLY C 418 -24.81 -4.97 15.66
N LEU C 419 -26.06 -5.04 15.20
CA LEU C 419 -26.82 -3.92 14.64
C LEU C 419 -27.19 -2.82 15.64
N PRO C 420 -27.74 -3.18 16.82
CA PRO C 420 -28.16 -2.12 17.70
C PRO C 420 -26.95 -1.43 18.33
N GLY C 421 -27.05 -0.11 18.42
CA GLY C 421 -25.96 0.70 18.98
C GLY C 421 -24.78 1.05 18.08
N ASN C 422 -24.61 0.33 16.95
CA ASN C 422 -23.44 0.52 16.06
C ASN C 422 -23.31 2.00 15.71
N ALA C 423 -22.11 2.52 15.94
CA ALA C 423 -21.81 3.95 15.83
C ALA C 423 -22.04 4.46 14.41
N GLN C 424 -21.57 3.71 13.41
CA GLN C 424 -21.72 4.12 12.01
C GLN C 424 -23.17 4.12 11.54
N LEU C 425 -23.93 3.13 11.97
CA LEU C 425 -25.36 3.08 11.64
C LEU C 425 -26.10 4.27 12.20
N GLN C 426 -25.84 4.61 13.48
CA GLN C 426 -26.45 5.81 14.12
C GLN C 426 -26.09 7.05 13.34
N GLN C 427 -24.81 7.17 13.01
CA GLN C 427 -24.30 8.26 12.17
C GLN C 427 -25.01 8.28 10.79
N LEU C 428 -25.18 7.13 10.17
CA LEU C 428 -25.79 7.04 8.85
C LEU C 428 -27.30 7.24 8.92
N LYS C 429 -27.97 6.60 9.87
CA LYS C 429 -29.39 6.89 10.20
C LYS C 429 -29.65 8.39 10.29
N GLN C 430 -28.80 9.05 11.08
CA GLN C 430 -28.91 10.49 11.33
C GLN C 430 -28.81 11.30 10.04
N GLU C 431 -27.86 10.95 9.16
CA GLU C 431 -27.75 11.56 7.83
C GLU C 431 -29.00 11.30 6.96
N VAL C 432 -29.49 10.06 6.98
CA VAL C 432 -30.71 9.66 6.25
C VAL C 432 -31.91 10.49 6.73
N VAL C 433 -32.13 10.49 8.05
CA VAL C 433 -33.22 11.27 8.66
C VAL C 433 -33.14 12.73 8.24
N THR C 434 -31.96 13.33 8.29
CA THR C 434 -31.82 14.78 8.03
C THR C 434 -32.17 15.10 6.58
N TRP C 435 -31.75 14.25 5.66
CA TRP C 435 -32.09 14.48 4.25
C TRP C 435 -33.57 14.18 3.95
N ALA C 436 -34.04 13.00 4.40
CA ALA C 436 -35.42 12.51 4.16
C ALA C 436 -36.48 13.42 4.78
N GLY C 437 -36.29 13.71 6.06
CA GLY C 437 -37.19 14.59 6.82
C GLY C 437 -37.53 15.88 6.10
N ALA C 438 -36.58 16.41 5.33
CA ALA C 438 -36.69 17.71 4.66
C ALA C 438 -37.53 17.73 3.40
N LEU C 439 -37.47 16.65 2.62
CA LEU C 439 -38.17 16.52 1.33
C LEU C 439 -39.69 16.71 1.43
N PRO C 440 -40.32 17.22 0.34
CA PRO C 440 -41.78 17.28 0.25
C PRO C 440 -42.49 15.97 0.62
N PHE C 441 -43.59 16.08 1.35
CA PHE C 441 -44.33 14.94 1.88
C PHE C 441 -45.82 15.21 1.67
N PRO C 442 -46.48 14.41 0.80
CA PRO C 442 -47.94 14.56 0.67
C PRO C 442 -48.66 14.08 1.93
#